data_3CAO
# 
_entry.id   3CAO 
# 
_audit_conform.dict_name       mmcif_pdbx.dic 
_audit_conform.dict_version    5.403 
_audit_conform.dict_location   http://mmcif.pdb.org/dictionaries/ascii/mmcif_pdbx.dic 
# 
loop_
_database_2.database_id 
_database_2.database_code 
_database_2.pdbx_database_accession 
_database_2.pdbx_DOI 
PDB   3CAO         pdb_00003cao 10.2210/pdb3cao/pdb 
WWPDB D_1000178900 ?            ?                   
# 
loop_
_pdbx_audit_revision_history.ordinal 
_pdbx_audit_revision_history.data_content_type 
_pdbx_audit_revision_history.major_revision 
_pdbx_audit_revision_history.minor_revision 
_pdbx_audit_revision_history.revision_date 
_pdbx_audit_revision_history.part_number 
1 'Structure model' 1 0 2000-07-23 ? 
2 'Structure model' 1 1 2008-03-25 ? 
3 'Structure model' 1 2 2011-07-13 ? 
4 'Structure model' 1 3 2018-04-04 ? 
5 'Structure model' 1 4 2018-04-11 ? 
6 'Structure model' 1 5 2025-03-26 ? 
# 
_pdbx_audit_revision_details.ordinal             1 
_pdbx_audit_revision_details.revision_ordinal    1 
_pdbx_audit_revision_details.data_content_type   'Structure model' 
_pdbx_audit_revision_details.provider            repository 
_pdbx_audit_revision_details.type                'Initial release' 
_pdbx_audit_revision_details.description         ? 
_pdbx_audit_revision_details.details             ? 
# 
loop_
_pdbx_audit_revision_group.ordinal 
_pdbx_audit_revision_group.revision_ordinal 
_pdbx_audit_revision_group.data_content_type 
_pdbx_audit_revision_group.group 
1 2 'Structure model' 'Version format compliance' 
2 3 'Structure model' 'Derived calculations'      
3 3 'Structure model' 'Version format compliance' 
4 4 'Structure model' 'Data collection'           
5 5 'Structure model' 'Data collection'           
6 6 'Structure model' 'Data collection'           
7 6 'Structure model' 'Database references'       
8 6 'Structure model' 'Derived calculations'      
9 6 'Structure model' 'Structure summary'         
# 
loop_
_pdbx_audit_revision_category.ordinal 
_pdbx_audit_revision_category.revision_ordinal 
_pdbx_audit_revision_category.data_content_type 
_pdbx_audit_revision_category.category 
1  4 'Structure model' diffrn_source             
2  5 'Structure model' diffrn_source             
3  6 'Structure model' chem_comp_atom            
4  6 'Structure model' chem_comp_bond            
5  6 'Structure model' database_2                
6  6 'Structure model' pdbx_entry_details        
7  6 'Structure model' pdbx_modification_feature 
8  6 'Structure model' pdbx_struct_conn_angle    
9  6 'Structure model' struct_conn               
10 6 'Structure model' struct_site               
# 
loop_
_pdbx_audit_revision_item.ordinal 
_pdbx_audit_revision_item.revision_ordinal 
_pdbx_audit_revision_item.data_content_type 
_pdbx_audit_revision_item.item 
1  4 'Structure model' '_diffrn_source.type'                         
2  5 'Structure model' '_diffrn_source.pdbx_synchrotron_beamline'    
3  6 'Structure model' '_database_2.pdbx_DOI'                        
4  6 'Structure model' '_database_2.pdbx_database_accession'         
5  6 'Structure model' '_pdbx_struct_conn_angle.ptnr1_auth_comp_id'  
6  6 'Structure model' '_pdbx_struct_conn_angle.ptnr1_auth_seq_id'   
7  6 'Structure model' '_pdbx_struct_conn_angle.ptnr1_label_asym_id' 
8  6 'Structure model' '_pdbx_struct_conn_angle.ptnr1_label_atom_id' 
9  6 'Structure model' '_pdbx_struct_conn_angle.ptnr1_label_comp_id' 
10 6 'Structure model' '_pdbx_struct_conn_angle.ptnr1_label_seq_id'  
11 6 'Structure model' '_pdbx_struct_conn_angle.ptnr1_symmetry'      
12 6 'Structure model' '_pdbx_struct_conn_angle.ptnr2_auth_comp_id'  
13 6 'Structure model' '_pdbx_struct_conn_angle.ptnr2_auth_seq_id'   
14 6 'Structure model' '_pdbx_struct_conn_angle.ptnr2_label_asym_id' 
15 6 'Structure model' '_pdbx_struct_conn_angle.ptnr2_label_atom_id' 
16 6 'Structure model' '_pdbx_struct_conn_angle.ptnr2_label_comp_id' 
17 6 'Structure model' '_pdbx_struct_conn_angle.ptnr3_auth_comp_id'  
18 6 'Structure model' '_pdbx_struct_conn_angle.ptnr3_auth_seq_id'   
19 6 'Structure model' '_pdbx_struct_conn_angle.ptnr3_label_asym_id' 
20 6 'Structure model' '_pdbx_struct_conn_angle.ptnr3_label_atom_id' 
21 6 'Structure model' '_pdbx_struct_conn_angle.ptnr3_label_comp_id' 
22 6 'Structure model' '_pdbx_struct_conn_angle.ptnr3_label_seq_id'  
23 6 'Structure model' '_pdbx_struct_conn_angle.ptnr3_symmetry'      
24 6 'Structure model' '_pdbx_struct_conn_angle.value'               
25 6 'Structure model' '_struct_conn.conn_type_id'                   
26 6 'Structure model' '_struct_conn.id'                             
27 6 'Structure model' '_struct_conn.pdbx_dist_value'                
28 6 'Structure model' '_struct_conn.pdbx_leaving_atom_flag'         
29 6 'Structure model' '_struct_conn.ptnr1_auth_comp_id'             
30 6 'Structure model' '_struct_conn.ptnr1_auth_seq_id'              
31 6 'Structure model' '_struct_conn.ptnr1_label_asym_id'            
32 6 'Structure model' '_struct_conn.ptnr1_label_atom_id'            
33 6 'Structure model' '_struct_conn.ptnr1_label_comp_id'            
34 6 'Structure model' '_struct_conn.ptnr1_label_seq_id'             
35 6 'Structure model' '_struct_conn.ptnr1_symmetry'                 
36 6 'Structure model' '_struct_conn.ptnr2_auth_comp_id'             
37 6 'Structure model' '_struct_conn.ptnr2_auth_seq_id'              
38 6 'Structure model' '_struct_conn.ptnr2_label_asym_id'            
39 6 'Structure model' '_struct_conn.ptnr2_label_atom_id'            
40 6 'Structure model' '_struct_conn.ptnr2_label_comp_id'            
41 6 'Structure model' '_struct_conn.ptnr2_label_seq_id'             
42 6 'Structure model' '_struct_conn.ptnr2_symmetry'                 
43 6 'Structure model' '_struct_site.pdbx_auth_asym_id'              
44 6 'Structure model' '_struct_site.pdbx_auth_comp_id'              
45 6 'Structure model' '_struct_site.pdbx_auth_seq_id'               
# 
_pdbx_database_status.status_code                     REL 
_pdbx_database_status.entry_id                        3CAO 
_pdbx_database_status.recvd_initial_deposition_date   1998-11-17 
_pdbx_database_status.deposit_site                    ? 
_pdbx_database_status.process_site                    BNL 
_pdbx_database_status.status_code_sf                  REL 
_pdbx_database_status.status_code_mr                  ? 
_pdbx_database_status.SG_entry                        ? 
_pdbx_database_status.status_code_cs                  ? 
_pdbx_database_status.pdb_format_compatible           Y 
_pdbx_database_status.methods_development_category    ? 
_pdbx_database_status.status_code_nmr_data            ? 
# 
loop_
_audit_author.name 
_audit_author.pdbx_ordinal 
'Norager, S.'    1 
'Legrand, P.'    2 
'Pieulle, L.'    3 
'Hatchikian, C.' 4 
'Roth, M.'       5 
# 
loop_
_citation.id 
_citation.title 
_citation.journal_abbrev 
_citation.journal_volume 
_citation.page_first 
_citation.page_last 
_citation.year 
_citation.journal_id_ASTM 
_citation.country 
_citation.journal_id_ISSN 
_citation.journal_id_CSD 
_citation.book_publisher 
_citation.pdbx_database_id_PubMed 
_citation.pdbx_database_id_DOI 
primary 'Crystal structure of the oxidised and reduced acidic cytochrome c3from Desulfovibrio africanus.' J.Mol.Biol. 290  881 902 
1999 JMOBAK UK 0022-2836 0070 ?                                                       10398589 10.1006/jmbi.1999.2917 
1       'Crystallographic Studies of the Two Tetraheme Cytochromes C3 from Desulfovibrio Africanus' 
'Thesis, Universite Joseph Fourier' ?    ?   ?   1998 ?      FR ?         ?    
'Grenoble, France : Universite Joseph Fourier (Thesis)' ?        ?                      
2       
;Further Characterization of the Two Tetraheme Cytochromes C3 from Desulfovibrio Africanus: Nucleotide Sequences, Epr Spectroscopy and Biological Activity
;
Biochim.Biophys.Acta                1342 149 ?   1997 BBACAQ NE 0006-3002 0113 ? ?        ?                      
3       
;Biochemical Studies of the C-Type Cytochromes of the Sulfate Reducer Desulfovibrio Africanus. Characterization of Two Tetraheme Cytochromes C3 with Different Specificity
;
Biochim.Biophys.Acta                1273 51  ?   1996 BBACAQ NE 0006-3002 0113 ? ?        ?                      
# 
loop_
_citation_author.citation_id 
_citation_author.name 
_citation_author.ordinal 
_citation_author.identifier_ORCID 
primary 'Norager, S.'      1  ? 
primary 'Legrand, P.'      2  ? 
primary 'Pieulle, L.'      3  ? 
primary 'Hatchikian, C.'   4  ? 
primary 'Roth, M.'         5  ? 
1       'Norager, S.C.'    6  ? 
2       'Magro, V.'        7  ? 
2       'Pieulle, L.'      8  ? 
2       'Forget, N.'       9  ? 
2       'Guigliarelli, B.' 10 ? 
2       'Petillot, Y.'     11 ? 
2       'Hatchikian, E.C.' 12 ? 
3       'Pieulle, L.'      13 ? 
3       'Haladjian, J.'    14 ? 
3       'Bonicel, J.'      15 ? 
3       'Hatchikian, E.C.' 16 ? 
# 
loop_
_entity.id 
_entity.type 
_entity.src_method 
_entity.pdbx_description 
_entity.formula_weight 
_entity.pdbx_number_of_molecules 
_entity.pdbx_ec 
_entity.pdbx_mutation 
_entity.pdbx_fragment 
_entity.details 
1 polymer     nat 'CYTOCHROME C3'                   11278.314 1   ? ? ? ? 
2 non-polymer syn 'ZINC ION'                        65.409    4   ? ? ? ? 
3 non-polymer syn 'PROTOPORPHYRIN IX CONTAINING FE' 616.487   4   ? ? ? ? 
4 non-polymer syn ARSENIC                           74.922    3   ? ? ? ? 
5 water       nat water                             18.015    265 ? ? ? ? 
# 
_entity_poly.entity_id                      1 
_entity_poly.type                           'polypeptide(L)' 
_entity_poly.nstd_linkage                   no 
_entity_poly.nstd_monomer                   yes 
_entity_poly.pdbx_seq_one_letter_code       
;(CGN)EDMTHVPTDAFGKLERPAAVFNHDEHNEKAGIESCNACHHVWVNGVLAEDEDSVGTPCSDCHALEQDGDTPGLQD
AYHQQCWGCHEKQAKGPVMCGECHVKN
;
_entity_poly.pdbx_seq_one_letter_code_can   
;XEDMTHVPTDAFGKLERPAAVFNHDEHNEKAGIESCNACHHVWVNGVLAEDEDSVGTPCSDCHALEQDGDTPGLQDAYHQ
QCWGCHEKQAKGPVMCGECHVKN
;
_entity_poly.pdbx_strand_id                 A 
_entity_poly.pdbx_target_identifier         ? 
# 
loop_
_pdbx_entity_nonpoly.entity_id 
_pdbx_entity_nonpoly.name 
_pdbx_entity_nonpoly.comp_id 
2 'ZINC ION'                        ZN  
3 'PROTOPORPHYRIN IX CONTAINING FE' HEM 
4 ARSENIC                           ARS 
5 water                             HOH 
# 
loop_
_entity_poly_seq.entity_id 
_entity_poly_seq.num 
_entity_poly_seq.mon_id 
_entity_poly_seq.hetero 
1 1   CGN n 
1 2   GLU n 
1 3   ASP n 
1 4   MET n 
1 5   THR n 
1 6   HIS n 
1 7   VAL n 
1 8   PRO n 
1 9   THR n 
1 10  ASP n 
1 11  ALA n 
1 12  PHE n 
1 13  GLY n 
1 14  LYS n 
1 15  LEU n 
1 16  GLU n 
1 17  ARG n 
1 18  PRO n 
1 19  ALA n 
1 20  ALA n 
1 21  VAL n 
1 22  PHE n 
1 23  ASN n 
1 24  HIS n 
1 25  ASP n 
1 26  GLU n 
1 27  HIS n 
1 28  ASN n 
1 29  GLU n 
1 30  LYS n 
1 31  ALA n 
1 32  GLY n 
1 33  ILE n 
1 34  GLU n 
1 35  SER n 
1 36  CYS n 
1 37  ASN n 
1 38  ALA n 
1 39  CYS n 
1 40  HIS n 
1 41  HIS n 
1 42  VAL n 
1 43  TRP n 
1 44  VAL n 
1 45  ASN n 
1 46  GLY n 
1 47  VAL n 
1 48  LEU n 
1 49  ALA n 
1 50  GLU n 
1 51  ASP n 
1 52  GLU n 
1 53  ASP n 
1 54  SER n 
1 55  VAL n 
1 56  GLY n 
1 57  THR n 
1 58  PRO n 
1 59  CYS n 
1 60  SER n 
1 61  ASP n 
1 62  CYS n 
1 63  HIS n 
1 64  ALA n 
1 65  LEU n 
1 66  GLU n 
1 67  GLN n 
1 68  ASP n 
1 69  GLY n 
1 70  ASP n 
1 71  THR n 
1 72  PRO n 
1 73  GLY n 
1 74  LEU n 
1 75  GLN n 
1 76  ASP n 
1 77  ALA n 
1 78  TYR n 
1 79  HIS n 
1 80  GLN n 
1 81  GLN n 
1 82  CYS n 
1 83  TRP n 
1 84  GLY n 
1 85  CYS n 
1 86  HIS n 
1 87  GLU n 
1 88  LYS n 
1 89  GLN n 
1 90  ALA n 
1 91  LYS n 
1 92  GLY n 
1 93  PRO n 
1 94  VAL n 
1 95  MET n 
1 96  CYS n 
1 97  GLY n 
1 98  GLU n 
1 99  CYS n 
1 100 HIS n 
1 101 VAL n 
1 102 LYS n 
1 103 ASN n 
# 
_entity_src_nat.entity_id                  1 
_entity_src_nat.pdbx_src_id                1 
_entity_src_nat.pdbx_alt_source_flag       sample 
_entity_src_nat.pdbx_beg_seq_num           ? 
_entity_src_nat.pdbx_end_seq_num           ? 
_entity_src_nat.common_name                ? 
_entity_src_nat.pdbx_organism_scientific   'Desulfovibrio africanus' 
_entity_src_nat.pdbx_ncbi_taxonomy_id      873 
_entity_src_nat.genus                      Desulfovibrio 
_entity_src_nat.species                    ? 
_entity_src_nat.strain                     BENGHAZI 
_entity_src_nat.tissue                     ? 
_entity_src_nat.tissue_fraction            ? 
_entity_src_nat.pdbx_secretion             ? 
_entity_src_nat.pdbx_fragment              ? 
_entity_src_nat.pdbx_variant               ? 
_entity_src_nat.pdbx_cell_line             ? 
_entity_src_nat.pdbx_atcc                  ? 
_entity_src_nat.pdbx_cellular_location     PERIPLASM 
_entity_src_nat.pdbx_organ                 ? 
_entity_src_nat.pdbx_organelle             ? 
_entity_src_nat.pdbx_cell                  ? 
_entity_src_nat.pdbx_plasmid_name          ? 
_entity_src_nat.pdbx_plasmid_details       ? 
_entity_src_nat.details                    ? 
# 
loop_
_chem_comp.id 
_chem_comp.type 
_chem_comp.mon_nstd_flag 
_chem_comp.name 
_chem_comp.pdbx_synonyms 
_chem_comp.formula 
_chem_comp.formula_weight 
ALA 'L-peptide linking' y ALANINE                           ?    'C3 H7 N O2'       89.093  
ARG 'L-peptide linking' y ARGININE                          ?    'C6 H15 N4 O2 1'   175.209 
ARS non-polymer         . ARSENIC                           ?    As                 74.922  
ASN 'L-peptide linking' y ASPARAGINE                        ?    'C4 H8 N2 O3'      132.118 
ASP 'L-peptide linking' y 'ASPARTIC ACID'                   ?    'C4 H7 N O4'       133.103 
CGN non-polymer         . 5-OXO-PYRROLIDINE-2-CARBALDEHYDE  ?    'C5 H7 N O2'       113.115 
CYS 'L-peptide linking' y CYSTEINE                          ?    'C3 H7 N O2 S'     121.158 
GLN 'L-peptide linking' y GLUTAMINE                         ?    'C5 H10 N2 O3'     146.144 
GLU 'L-peptide linking' y 'GLUTAMIC ACID'                   ?    'C5 H9 N O4'       147.129 
GLY 'peptide linking'   y GLYCINE                           ?    'C2 H5 N O2'       75.067  
HEM non-polymer         . 'PROTOPORPHYRIN IX CONTAINING FE' HEME 'C34 H32 Fe N4 O4' 616.487 
HIS 'L-peptide linking' y HISTIDINE                         ?    'C6 H10 N3 O2 1'   156.162 
HOH non-polymer         . WATER                             ?    'H2 O'             18.015  
ILE 'L-peptide linking' y ISOLEUCINE                        ?    'C6 H13 N O2'      131.173 
LEU 'L-peptide linking' y LEUCINE                           ?    'C6 H13 N O2'      131.173 
LYS 'L-peptide linking' y LYSINE                            ?    'C6 H15 N2 O2 1'   147.195 
MET 'L-peptide linking' y METHIONINE                        ?    'C5 H11 N O2 S'    149.211 
PHE 'L-peptide linking' y PHENYLALANINE                     ?    'C9 H11 N O2'      165.189 
PRO 'L-peptide linking' y PROLINE                           ?    'C5 H9 N O2'       115.130 
SER 'L-peptide linking' y SERINE                            ?    'C3 H7 N O3'       105.093 
THR 'L-peptide linking' y THREONINE                         ?    'C4 H9 N O3'       119.119 
TRP 'L-peptide linking' y TRYPTOPHAN                        ?    'C11 H12 N2 O2'    204.225 
TYR 'L-peptide linking' y TYROSINE                          ?    'C9 H11 N O3'      181.189 
VAL 'L-peptide linking' y VALINE                            ?    'C5 H11 N O2'      117.146 
ZN  non-polymer         . 'ZINC ION'                        ?    'Zn 2'             65.409  
# 
loop_
_pdbx_poly_seq_scheme.asym_id 
_pdbx_poly_seq_scheme.entity_id 
_pdbx_poly_seq_scheme.seq_id 
_pdbx_poly_seq_scheme.mon_id 
_pdbx_poly_seq_scheme.ndb_seq_num 
_pdbx_poly_seq_scheme.pdb_seq_num 
_pdbx_poly_seq_scheme.auth_seq_num 
_pdbx_poly_seq_scheme.pdb_mon_id 
_pdbx_poly_seq_scheme.auth_mon_id 
_pdbx_poly_seq_scheme.pdb_strand_id 
_pdbx_poly_seq_scheme.pdb_ins_code 
_pdbx_poly_seq_scheme.hetero 
A 1 1   CGN 1   1   1   CGN CGN A . n 
A 1 2   GLU 2   2   2   GLU GLU A . n 
A 1 3   ASP 3   3   3   ASP ASP A . n 
A 1 4   MET 4   4   4   MET MET A . n 
A 1 5   THR 5   5   5   THR THR A . n 
A 1 6   HIS 6   6   6   HIS HIS A . n 
A 1 7   VAL 7   7   7   VAL VAL A . n 
A 1 8   PRO 8   8   8   PRO PRO A . n 
A 1 9   THR 9   9   9   THR THR A . n 
A 1 10  ASP 10  10  10  ASP ASP A . n 
A 1 11  ALA 11  11  11  ALA ALA A . n 
A 1 12  PHE 12  12  12  PHE PHE A . n 
A 1 13  GLY 13  13  13  GLY GLY A . n 
A 1 14  LYS 14  14  14  LYS LYS A . n 
A 1 15  LEU 15  15  15  LEU LEU A . n 
A 1 16  GLU 16  16  16  GLU GLU A . n 
A 1 17  ARG 17  17  17  ARG ARG A . n 
A 1 18  PRO 18  18  18  PRO PRO A . n 
A 1 19  ALA 19  19  19  ALA ALA A . n 
A 1 20  ALA 20  20  20  ALA ALA A . n 
A 1 21  VAL 21  21  21  VAL VAL A . n 
A 1 22  PHE 22  22  22  PHE PHE A . n 
A 1 23  ASN 23  23  23  ASN ASN A . n 
A 1 24  HIS 24  24  24  HIS HIS A . n 
A 1 25  ASP 25  25  25  ASP ASP A . n 
A 1 26  GLU 26  26  26  GLU GLU A . n 
A 1 27  HIS 27  27  27  HIS HIS A . n 
A 1 28  ASN 28  28  28  ASN ASN A . n 
A 1 29  GLU 29  29  29  GLU GLU A . n 
A 1 30  LYS 30  30  30  LYS LYS A . n 
A 1 31  ALA 31  31  31  ALA ALA A . n 
A 1 32  GLY 32  32  32  GLY GLY A . n 
A 1 33  ILE 33  33  33  ILE ILE A . n 
A 1 34  GLU 34  34  34  GLU GLU A . n 
A 1 35  SER 35  35  35  SER SER A . n 
A 1 36  CYS 36  36  36  CYS CYS A . n 
A 1 37  ASN 37  37  37  ASN ASN A . n 
A 1 38  ALA 38  38  38  ALA ALA A . n 
A 1 39  CYS 39  39  39  CYS CYS A . n 
A 1 40  HIS 40  40  40  HIS HIS A . n 
A 1 41  HIS 41  41  41  HIS HIS A . n 
A 1 42  VAL 42  42  42  VAL VAL A . n 
A 1 43  TRP 43  43  43  TRP TRP A . n 
A 1 44  VAL 44  44  44  VAL VAL A . n 
A 1 45  ASN 45  45  45  ASN ASN A . n 
A 1 46  GLY 46  46  46  GLY GLY A . n 
A 1 47  VAL 47  47  47  VAL VAL A . n 
A 1 48  LEU 48  48  48  LEU LEU A . n 
A 1 49  ALA 49  49  49  ALA ALA A . n 
A 1 50  GLU 50  50  50  GLU GLU A . n 
A 1 51  ASP 51  51  51  ASP ASP A . n 
A 1 52  GLU 52  52  52  GLU GLU A . n 
A 1 53  ASP 53  53  53  ASP ASP A . n 
A 1 54  SER 54  54  54  SER SER A . n 
A 1 55  VAL 55  55  55  VAL VAL A . n 
A 1 56  GLY 56  56  56  GLY GLY A . n 
A 1 57  THR 57  57  57  THR THR A . n 
A 1 58  PRO 58  58  58  PRO PRO A . n 
A 1 59  CYS 59  59  59  CYS CYS A . n 
A 1 60  SER 60  60  60  SER SER A . n 
A 1 61  ASP 61  61  61  ASP ASP A . n 
A 1 62  CYS 62  62  62  CYS CYS A . n 
A 1 63  HIS 63  63  63  HIS HIS A . n 
A 1 64  ALA 64  64  64  ALA ALA A . n 
A 1 65  LEU 65  65  65  LEU LEU A . n 
A 1 66  GLU 66  66  66  GLU GLU A . n 
A 1 67  GLN 67  67  67  GLN GLN A . n 
A 1 68  ASP 68  68  68  ASP ASP A . n 
A 1 69  GLY 69  69  69  GLY GLY A . n 
A 1 70  ASP 70  70  70  ASP ASP A . n 
A 1 71  THR 71  71  71  THR THR A . n 
A 1 72  PRO 72  72  72  PRO PRO A . n 
A 1 73  GLY 73  73  73  GLY GLY A . n 
A 1 74  LEU 74  74  74  LEU LEU A . n 
A 1 75  GLN 75  75  75  GLN GLN A . n 
A 1 76  ASP 76  76  76  ASP ASP A . n 
A 1 77  ALA 77  77  77  ALA ALA A . n 
A 1 78  TYR 78  78  78  TYR TYR A . n 
A 1 79  HIS 79  79  79  HIS HIS A . n 
A 1 80  GLN 80  80  80  GLN GLN A . n 
A 1 81  GLN 81  81  81  GLN GLN A . n 
A 1 82  CYS 82  82  82  CYS CYS A . n 
A 1 83  TRP 83  83  83  TRP TRP A . n 
A 1 84  GLY 84  84  84  GLY GLY A . n 
A 1 85  CYS 85  85  85  CYS CYS A . n 
A 1 86  HIS 86  86  86  HIS HIS A . n 
A 1 87  GLU 87  87  87  GLU GLU A . n 
A 1 88  LYS 88  88  88  LYS LYS A . n 
A 1 89  GLN 89  89  89  GLN GLN A . n 
A 1 90  ALA 90  90  90  ALA ALA A . n 
A 1 91  LYS 91  91  91  LYS LYS A . n 
A 1 92  GLY 92  92  92  GLY GLY A . n 
A 1 93  PRO 93  93  93  PRO PRO A . n 
A 1 94  VAL 94  94  94  VAL VAL A . n 
A 1 95  MET 95  95  95  MET MET A . n 
A 1 96  CYS 96  96  96  CYS CYS A . n 
A 1 97  GLY 97  97  97  GLY GLY A . n 
A 1 98  GLU 98  98  98  GLU GLU A . n 
A 1 99  CYS 99  99  99  CYS CYS A . n 
A 1 100 HIS 100 100 100 HIS HIS A . n 
A 1 101 VAL 101 101 101 VAL VAL A . n 
A 1 102 LYS 102 102 102 LYS LYS A . n 
A 1 103 ASN 103 103 103 ASN ASN A . n 
# 
loop_
_pdbx_nonpoly_scheme.asym_id 
_pdbx_nonpoly_scheme.entity_id 
_pdbx_nonpoly_scheme.mon_id 
_pdbx_nonpoly_scheme.ndb_seq_num 
_pdbx_nonpoly_scheme.pdb_seq_num 
_pdbx_nonpoly_scheme.auth_seq_num 
_pdbx_nonpoly_scheme.pdb_mon_id 
_pdbx_nonpoly_scheme.auth_mon_id 
_pdbx_nonpoly_scheme.pdb_strand_id 
_pdbx_nonpoly_scheme.pdb_ins_code 
B 2 ZN  1   111 111 ZN  ZN  A . 
C 2 ZN  1   112 112 ZN  ZN  A . 
D 2 ZN  1   113 113 ZN  ZN  A . 
E 2 ZN  1   114 114 ZN  ZN  A . 
F 3 HEM 1   104 104 HEM HEM A . 
G 3 HEM 1   105 105 HEM HEM A . 
H 3 HEM 1   106 106 HEM HEM A . 
I 3 HEM 1   107 107 HEM HEM A . 
J 4 ARS 1   108 108 ARS ARS A . 
K 4 ARS 1   109 109 ARS ARS A . 
L 4 ARS 1   110 110 ARS ARS A . 
M 5 HOH 1   115 115 HOH HOH A . 
M 5 HOH 2   116 116 HOH HOH A . 
M 5 HOH 3   117 117 HOH HOH A . 
M 5 HOH 4   118 118 HOH HOH A . 
M 5 HOH 5   119 119 HOH HOH A . 
M 5 HOH 6   120 120 HOH HOH A . 
M 5 HOH 7   121 121 HOH HOH A . 
M 5 HOH 8   122 122 HOH HOH A . 
M 5 HOH 9   123 123 HOH HOH A . 
M 5 HOH 10  124 124 HOH HOH A . 
M 5 HOH 11  125 125 HOH HOH A . 
M 5 HOH 12  126 126 HOH HOH A . 
M 5 HOH 13  127 127 HOH HOH A . 
M 5 HOH 14  128 128 HOH HOH A . 
M 5 HOH 15  129 129 HOH HOH A . 
M 5 HOH 16  130 130 HOH HOH A . 
M 5 HOH 17  131 131 HOH HOH A . 
M 5 HOH 18  132 132 HOH HOH A . 
M 5 HOH 19  133 133 HOH HOH A . 
M 5 HOH 20  134 134 HOH HOH A . 
M 5 HOH 21  135 135 HOH HOH A . 
M 5 HOH 22  136 136 HOH HOH A . 
M 5 HOH 23  137 137 HOH HOH A . 
M 5 HOH 24  138 138 HOH HOH A . 
M 5 HOH 25  139 139 HOH HOH A . 
M 5 HOH 26  140 140 HOH HOH A . 
M 5 HOH 27  141 141 HOH HOH A . 
M 5 HOH 28  142 142 HOH HOH A . 
M 5 HOH 29  143 143 HOH HOH A . 
M 5 HOH 30  144 144 HOH HOH A . 
M 5 HOH 31  145 145 HOH HOH A . 
M 5 HOH 32  146 146 HOH HOH A . 
M 5 HOH 33  147 147 HOH HOH A . 
M 5 HOH 34  148 148 HOH HOH A . 
M 5 HOH 35  149 149 HOH HOH A . 
M 5 HOH 36  150 150 HOH HOH A . 
M 5 HOH 37  151 151 HOH HOH A . 
M 5 HOH 38  152 152 HOH HOH A . 
M 5 HOH 39  153 153 HOH HOH A . 
M 5 HOH 40  154 154 HOH HOH A . 
M 5 HOH 41  155 155 HOH HOH A . 
M 5 HOH 42  156 156 HOH HOH A . 
M 5 HOH 43  157 157 HOH HOH A . 
M 5 HOH 44  158 158 HOH HOH A . 
M 5 HOH 45  159 159 HOH HOH A . 
M 5 HOH 46  160 160 HOH HOH A . 
M 5 HOH 47  161 161 HOH HOH A . 
M 5 HOH 48  162 162 HOH HOH A . 
M 5 HOH 49  163 163 HOH HOH A . 
M 5 HOH 50  164 164 HOH HOH A . 
M 5 HOH 51  165 165 HOH HOH A . 
M 5 HOH 52  166 166 HOH HOH A . 
M 5 HOH 53  167 167 HOH HOH A . 
M 5 HOH 54  168 168 HOH HOH A . 
M 5 HOH 55  169 169 HOH HOH A . 
M 5 HOH 56  170 170 HOH HOH A . 
M 5 HOH 57  171 171 HOH HOH A . 
M 5 HOH 58  172 172 HOH HOH A . 
M 5 HOH 59  173 173 HOH HOH A . 
M 5 HOH 60  174 174 HOH HOH A . 
M 5 HOH 61  175 175 HOH HOH A . 
M 5 HOH 62  176 176 HOH HOH A . 
M 5 HOH 63  177 177 HOH HOH A . 
M 5 HOH 64  178 178 HOH HOH A . 
M 5 HOH 65  179 179 HOH HOH A . 
M 5 HOH 66  180 180 HOH HOH A . 
M 5 HOH 67  181 181 HOH HOH A . 
M 5 HOH 68  182 182 HOH HOH A . 
M 5 HOH 69  183 183 HOH HOH A . 
M 5 HOH 70  184 184 HOH HOH A . 
M 5 HOH 71  185 185 HOH HOH A . 
M 5 HOH 72  186 186 HOH HOH A . 
M 5 HOH 73  187 187 HOH HOH A . 
M 5 HOH 74  188 188 HOH HOH A . 
M 5 HOH 75  189 189 HOH HOH A . 
M 5 HOH 76  190 190 HOH HOH A . 
M 5 HOH 77  191 191 HOH HOH A . 
M 5 HOH 78  192 192 HOH HOH A . 
M 5 HOH 79  193 193 HOH HOH A . 
M 5 HOH 80  194 194 HOH HOH A . 
M 5 HOH 81  195 195 HOH HOH A . 
M 5 HOH 82  196 196 HOH HOH A . 
M 5 HOH 83  197 197 HOH HOH A . 
M 5 HOH 84  198 198 HOH HOH A . 
M 5 HOH 85  199 199 HOH HOH A . 
M 5 HOH 86  200 200 HOH HOH A . 
M 5 HOH 87  201 201 HOH HOH A . 
M 5 HOH 88  202 202 HOH HOH A . 
M 5 HOH 89  203 203 HOH HOH A . 
M 5 HOH 90  204 204 HOH HOH A . 
M 5 HOH 91  205 205 HOH HOH A . 
M 5 HOH 92  206 206 HOH HOH A . 
M 5 HOH 93  207 207 HOH HOH A . 
M 5 HOH 94  208 208 HOH HOH A . 
M 5 HOH 95  209 209 HOH HOH A . 
M 5 HOH 96  210 210 HOH HOH A . 
M 5 HOH 97  211 211 HOH HOH A . 
M 5 HOH 98  212 212 HOH HOH A . 
M 5 HOH 99  213 213 HOH HOH A . 
M 5 HOH 100 214 214 HOH HOH A . 
M 5 HOH 101 215 215 HOH HOH A . 
M 5 HOH 102 216 216 HOH HOH A . 
M 5 HOH 103 217 217 HOH HOH A . 
M 5 HOH 104 218 218 HOH HOH A . 
M 5 HOH 105 219 219 HOH HOH A . 
M 5 HOH 106 220 220 HOH HOH A . 
M 5 HOH 107 221 221 HOH HOH A . 
M 5 HOH 108 222 222 HOH HOH A . 
M 5 HOH 109 223 223 HOH HOH A . 
M 5 HOH 110 224 224 HOH HOH A . 
M 5 HOH 111 225 225 HOH HOH A . 
M 5 HOH 112 226 226 HOH HOH A . 
M 5 HOH 113 227 227 HOH HOH A . 
M 5 HOH 114 228 228 HOH HOH A . 
M 5 HOH 115 229 229 HOH HOH A . 
M 5 HOH 116 230 230 HOH HOH A . 
M 5 HOH 117 231 231 HOH HOH A . 
M 5 HOH 118 232 232 HOH HOH A . 
M 5 HOH 119 233 233 HOH HOH A . 
M 5 HOH 120 234 234 HOH HOH A . 
M 5 HOH 121 235 235 HOH HOH A . 
M 5 HOH 122 236 236 HOH HOH A . 
M 5 HOH 123 237 237 HOH HOH A . 
M 5 HOH 124 238 238 HOH HOH A . 
M 5 HOH 125 239 239 HOH HOH A . 
M 5 HOH 126 240 240 HOH HOH A . 
M 5 HOH 127 241 241 HOH HOH A . 
M 5 HOH 128 242 242 HOH HOH A . 
M 5 HOH 129 243 243 HOH HOH A . 
M 5 HOH 130 244 244 HOH HOH A . 
M 5 HOH 131 245 245 HOH HOH A . 
M 5 HOH 132 246 246 HOH HOH A . 
M 5 HOH 133 247 247 HOH HOH A . 
M 5 HOH 134 248 248 HOH HOH A . 
M 5 HOH 135 249 249 HOH HOH A . 
M 5 HOH 136 250 250 HOH HOH A . 
M 5 HOH 137 251 251 HOH HOH A . 
M 5 HOH 138 252 252 HOH HOH A . 
M 5 HOH 139 253 253 HOH HOH A . 
M 5 HOH 140 254 254 HOH HOH A . 
M 5 HOH 141 255 255 HOH HOH A . 
M 5 HOH 142 256 256 HOH HOH A . 
M 5 HOH 143 257 257 HOH HOH A . 
M 5 HOH 144 258 258 HOH HOH A . 
M 5 HOH 145 259 259 HOH HOH A . 
M 5 HOH 146 260 260 HOH HOH A . 
M 5 HOH 147 261 261 HOH HOH A . 
M 5 HOH 148 262 262 HOH HOH A . 
M 5 HOH 149 263 263 HOH HOH A . 
M 5 HOH 150 264 264 HOH HOH A . 
M 5 HOH 151 265 265 HOH HOH A . 
M 5 HOH 152 266 266 HOH HOH A . 
M 5 HOH 153 267 267 HOH HOH A . 
M 5 HOH 154 268 268 HOH HOH A . 
M 5 HOH 155 269 269 HOH HOH A . 
M 5 HOH 156 270 270 HOH HOH A . 
M 5 HOH 157 271 271 HOH HOH A . 
M 5 HOH 158 272 272 HOH HOH A . 
M 5 HOH 159 273 273 HOH HOH A . 
M 5 HOH 160 274 274 HOH HOH A . 
M 5 HOH 161 275 275 HOH HOH A . 
M 5 HOH 162 276 276 HOH HOH A . 
M 5 HOH 163 277 277 HOH HOH A . 
M 5 HOH 164 278 278 HOH HOH A . 
M 5 HOH 165 279 279 HOH HOH A . 
M 5 HOH 166 280 280 HOH HOH A . 
M 5 HOH 167 281 281 HOH HOH A . 
M 5 HOH 168 282 282 HOH HOH A . 
M 5 HOH 169 283 283 HOH HOH A . 
M 5 HOH 170 284 284 HOH HOH A . 
M 5 HOH 171 285 285 HOH HOH A . 
M 5 HOH 172 286 286 HOH HOH A . 
M 5 HOH 173 287 287 HOH HOH A . 
M 5 HOH 174 288 288 HOH HOH A . 
M 5 HOH 175 289 289 HOH HOH A . 
M 5 HOH 176 290 290 HOH HOH A . 
M 5 HOH 177 291 291 HOH HOH A . 
M 5 HOH 178 292 292 HOH HOH A . 
M 5 HOH 179 293 293 HOH HOH A . 
M 5 HOH 180 294 294 HOH HOH A . 
M 5 HOH 181 295 295 HOH HOH A . 
M 5 HOH 182 296 296 HOH HOH A . 
M 5 HOH 183 297 297 HOH HOH A . 
M 5 HOH 184 298 298 HOH HOH A . 
M 5 HOH 185 299 299 HOH HOH A . 
M 5 HOH 186 300 300 HOH HOH A . 
M 5 HOH 187 301 301 HOH HOH A . 
M 5 HOH 188 302 302 HOH HOH A . 
M 5 HOH 189 303 303 HOH HOH A . 
M 5 HOH 190 304 304 HOH HOH A . 
M 5 HOH 191 305 305 HOH HOH A . 
M 5 HOH 192 306 306 HOH HOH A . 
M 5 HOH 193 307 307 HOH HOH A . 
M 5 HOH 194 308 308 HOH HOH A . 
M 5 HOH 195 309 309 HOH HOH A . 
M 5 HOH 196 310 310 HOH HOH A . 
M 5 HOH 197 311 311 HOH HOH A . 
M 5 HOH 198 312 312 HOH HOH A . 
M 5 HOH 199 313 313 HOH HOH A . 
M 5 HOH 200 314 314 HOH HOH A . 
M 5 HOH 201 315 315 HOH HOH A . 
M 5 HOH 202 316 316 HOH HOH A . 
M 5 HOH 203 317 317 HOH HOH A . 
M 5 HOH 204 318 318 HOH HOH A . 
M 5 HOH 205 319 319 HOH HOH A . 
M 5 HOH 206 320 320 HOH HOH A . 
M 5 HOH 207 321 321 HOH HOH A . 
M 5 HOH 208 322 322 HOH HOH A . 
M 5 HOH 209 323 323 HOH HOH A . 
M 5 HOH 210 324 324 HOH HOH A . 
M 5 HOH 211 325 325 HOH HOH A . 
M 5 HOH 212 326 326 HOH HOH A . 
M 5 HOH 213 327 327 HOH HOH A . 
M 5 HOH 214 328 328 HOH HOH A . 
M 5 HOH 215 329 329 HOH HOH A . 
M 5 HOH 216 330 330 HOH HOH A . 
M 5 HOH 217 331 331 HOH HOH A . 
M 5 HOH 218 332 332 HOH HOH A . 
M 5 HOH 219 333 333 HOH HOH A . 
M 5 HOH 220 334 334 HOH HOH A . 
M 5 HOH 221 335 335 HOH HOH A . 
M 5 HOH 222 336 336 HOH HOH A . 
M 5 HOH 223 337 337 HOH HOH A . 
M 5 HOH 224 338 338 HOH HOH A . 
M 5 HOH 225 339 339 HOH HOH A . 
M 5 HOH 226 340 340 HOH HOH A . 
M 5 HOH 227 341 341 HOH HOH A . 
M 5 HOH 228 342 342 HOH HOH A . 
M 5 HOH 229 343 343 HOH HOH A . 
M 5 HOH 230 344 344 HOH HOH A . 
M 5 HOH 231 345 345 HOH HOH A . 
M 5 HOH 232 346 346 HOH HOH A . 
M 5 HOH 233 347 347 HOH HOH A . 
M 5 HOH 234 348 348 HOH HOH A . 
M 5 HOH 235 349 349 HOH HOH A . 
M 5 HOH 236 350 350 HOH HOH A . 
M 5 HOH 237 351 351 HOH HOH A . 
M 5 HOH 238 352 352 HOH HOH A . 
M 5 HOH 239 353 353 HOH HOH A . 
M 5 HOH 240 354 354 HOH HOH A . 
M 5 HOH 241 355 355 HOH HOH A . 
M 5 HOH 242 356 356 HOH HOH A . 
M 5 HOH 243 357 357 HOH HOH A . 
M 5 HOH 244 358 358 HOH HOH A . 
M 5 HOH 245 359 359 HOH HOH A . 
M 5 HOH 246 360 360 HOH HOH A . 
M 5 HOH 247 361 361 HOH HOH A . 
M 5 HOH 248 362 362 HOH HOH A . 
M 5 HOH 249 363 363 HOH HOH A . 
M 5 HOH 250 364 364 HOH HOH A . 
M 5 HOH 251 365 365 HOH HOH A . 
M 5 HOH 252 366 366 HOH HOH A . 
M 5 HOH 253 367 367 HOH HOH A . 
M 5 HOH 254 368 368 HOH HOH A . 
M 5 HOH 255 369 369 HOH HOH A . 
M 5 HOH 256 370 370 HOH HOH A . 
M 5 HOH 257 371 371 HOH HOH A . 
M 5 HOH 258 372 372 HOH HOH A . 
M 5 HOH 259 373 373 HOH HOH A . 
M 5 HOH 260 374 374 HOH HOH A . 
M 5 HOH 261 375 375 HOH HOH A . 
M 5 HOH 262 376 376 HOH HOH A . 
M 5 HOH 263 377 377 HOH HOH A . 
M 5 HOH 264 378 378 HOH HOH A . 
M 5 HOH 265 379 379 HOH HOH A . 
# 
loop_
_software.name 
_software.classification 
_software.version 
_software.citation_id 
_software.pdbx_ordinal 
SHELXS phasing          . ? 1 
XDS    'data reduction' . ? 2 
XSCALE 'data scaling'   . ? 3 
# 
_cell.entry_id           3CAO 
_cell.length_a           108.000 
_cell.length_b           108.000 
_cell.length_c           108.000 
_cell.angle_alpha        90.00 
_cell.angle_beta         90.00 
_cell.angle_gamma        90.00 
_cell.Z_PDB              24 
_cell.pdbx_unique_axis   ? 
_cell.length_a_esd       ? 
_cell.length_b_esd       ? 
_cell.length_c_esd       ? 
_cell.angle_alpha_esd    ? 
_cell.angle_beta_esd     ? 
_cell.angle_gamma_esd    ? 
# 
_symmetry.entry_id                         3CAO 
_symmetry.space_group_name_H-M             'I 2 3' 
_symmetry.pdbx_full_space_group_name_H-M   ? 
_symmetry.cell_setting                     ? 
_symmetry.Int_Tables_number                197 
_symmetry.space_group_name_Hall            ? 
# 
_exptl.entry_id          3CAO 
_exptl.method            'X-RAY DIFFRACTION' 
_exptl.crystals_number   1 
# 
_exptl_crystal.id                    1 
_exptl_crystal.density_meas          ? 
_exptl_crystal.density_Matthews      3.34 
_exptl_crystal.density_percent_sol   67.0 
_exptl_crystal.description           ? 
_exptl_crystal.F_000                 ? 
_exptl_crystal.preparation           ? 
# 
_exptl_crystal_grow.crystal_id      1 
_exptl_crystal_grow.method          ? 
_exptl_crystal_grow.temp            ? 
_exptl_crystal_grow.temp_details    ? 
_exptl_crystal_grow.pH              5.80 
_exptl_crystal_grow.pdbx_pH_range   ? 
_exptl_crystal_grow.pdbx_details    'pH 5.80' 
# 
_diffrn.id                     1 
_diffrn.ambient_temp           108.2 
_diffrn.ambient_temp_details   ? 
_diffrn.crystal_id             1 
# 
_diffrn_detector.diffrn_id              1 
_diffrn_detector.detector               'CCD AREA DETECTOR' 
_diffrn_detector.type                   'THOMSON/PRINCETON JNSJR' 
_diffrn_detector.pdbx_collection_date   1997-01-24 
_diffrn_detector.details                ? 
# 
_diffrn_radiation.diffrn_id                        1 
_diffrn_radiation.wavelength_id                    1 
_diffrn_radiation.pdbx_monochromatic_or_laue_m_l   M 
_diffrn_radiation.monochromator                    ? 
_diffrn_radiation.pdbx_diffrn_protocol             'SINGLE WAVELENGTH' 
_diffrn_radiation.pdbx_scattering_type             x-ray 
# 
_diffrn_radiation_wavelength.id           1 
_diffrn_radiation_wavelength.wavelength   0.9189 
_diffrn_radiation_wavelength.wt           1.0 
# 
_diffrn_source.diffrn_id                   1 
_diffrn_source.source                      SYNCHROTRON 
_diffrn_source.type                        'ESRF BEAMLINE BM02' 
_diffrn_source.pdbx_synchrotron_site       ESRF 
_diffrn_source.pdbx_synchrotron_beamline   BM02 
_diffrn_source.pdbx_wavelength             0.9189 
_diffrn_source.pdbx_wavelength_list        ? 
# 
_reflns.entry_id                     3CAO 
_reflns.observed_criterion_sigma_I   ? 
_reflns.observed_criterion_sigma_F   ? 
_reflns.d_resolution_low             20.000 
_reflns.d_resolution_high            1.550 
_reflns.number_obs                   29638 
_reflns.number_all                   ? 
_reflns.percent_possible_obs         91.1 
_reflns.pdbx_Rmerge_I_obs            ? 
_reflns.pdbx_Rsym_value              0.0840000 
_reflns.pdbx_netI_over_sigmaI        5.1000 
_reflns.B_iso_Wilson_estimate        11.70 
_reflns.pdbx_redundancy              10.50 
_reflns.R_free_details               ? 
_reflns.limit_h_max                  ? 
_reflns.limit_h_min                  ? 
_reflns.limit_k_max                  ? 
_reflns.limit_k_min                  ? 
_reflns.limit_l_max                  ? 
_reflns.limit_l_min                  ? 
_reflns.observed_criterion_F_max     ? 
_reflns.observed_criterion_F_min     ? 
_reflns.pdbx_chi_squared             ? 
_reflns.pdbx_scaling_rejects         ? 
_reflns.pdbx_ordinal                 1 
_reflns.pdbx_diffrn_id               1 
# 
_reflns_shell.d_res_high             1.55 
_reflns_shell.d_res_low              1.66 
_reflns_shell.percent_possible_all   80.6 
_reflns_shell.Rmerge_I_obs           ? 
_reflns_shell.pdbx_Rsym_value        0.3430000 
_reflns_shell.meanI_over_sigI_obs    1.800 
_reflns_shell.pdbx_redundancy        1.70 
_reflns_shell.percent_possible_obs   ? 
_reflns_shell.number_unique_all      ? 
_reflns_shell.number_measured_all    ? 
_reflns_shell.number_measured_obs    ? 
_reflns_shell.number_unique_obs      ? 
_reflns_shell.pdbx_chi_squared       ? 
_reflns_shell.pdbx_ordinal           1 
_reflns_shell.pdbx_diffrn_id         1 
# 
_refine.entry_id                                 3CAO 
_refine.ls_number_reflns_obs                     27693 
_refine.ls_number_reflns_all                     ? 
_refine.pdbx_ls_sigma_I                          ? 
_refine.pdbx_ls_sigma_F                          0.000 
_refine.pdbx_data_cutoff_high_absF               ? 
_refine.pdbx_data_cutoff_low_absF                ? 
_refine.pdbx_data_cutoff_high_rms_absF           ? 
_refine.ls_d_res_low                             20.0 
_refine.ls_d_res_high                            1.60 
_refine.ls_percent_reflns_obs                    99.0 
_refine.ls_R_factor_obs                          0.198 
_refine.ls_R_factor_all                          ? 
_refine.ls_R_factor_R_work                       ? 
_refine.ls_R_factor_R_free                       0.228 
_refine.ls_R_factor_R_free_error                 ? 
_refine.ls_R_factor_R_free_error_details         ? 
_refine.ls_percent_reflns_R_free                 10.000 
_refine.ls_number_reflns_R_free                  ? 
_refine.ls_number_parameters                     ? 
_refine.ls_number_restraints                     ? 
_refine.occupancy_min                            ? 
_refine.occupancy_max                            ? 
_refine.B_iso_mean                               16.98 
_refine.aniso_B[1][1]                            ? 
_refine.aniso_B[2][2]                            ? 
_refine.aniso_B[3][3]                            ? 
_refine.aniso_B[1][2]                            ? 
_refine.aniso_B[1][3]                            ? 
_refine.aniso_B[2][3]                            0.00 
_refine.solvent_model_details                    ? 
_refine.solvent_model_param_ksol                 ? 
_refine.solvent_model_param_bsol                 ? 
_refine.pdbx_ls_cross_valid_method               THROUGHOUT 
_refine.details                                  
;RESIDUES WITH AN OCCUPANCY LOWER THEN 1.0 ARE REFINED     
WITH THE GIVEN OCCUPANCY.  THIS OCCUPANCY HAS BEEN     
ESTABLISHED MANUALLY TO AVOID POSITIVE OR NEGATIVE PEAKS     
IN THE FOBS-FCALC DENSITY MAPS.
;
_refine.pdbx_starting_model                      ? 
_refine.pdbx_method_to_determine_struct          MAD 
_refine.pdbx_isotropic_thermal_model             ? 
_refine.pdbx_stereochemistry_target_values       ? 
_refine.pdbx_stereochem_target_val_spec_case     ? 
_refine.pdbx_R_Free_selection_details            RANDOM 
_refine.pdbx_overall_ESU_R                       0.15 
_refine.pdbx_overall_ESU_R_Free                  ? 
_refine.overall_SU_ML                            ? 
_refine.overall_SU_B                             ? 
_refine.pdbx_refine_id                           'X-RAY DIFFRACTION' 
_refine.ls_redundancy_reflns_obs                 ? 
_refine.pdbx_overall_phase_error                 ? 
_refine.B_iso_min                                ? 
_refine.B_iso_max                                ? 
_refine.correlation_coeff_Fo_to_Fc               ? 
_refine.correlation_coeff_Fo_to_Fc_free          ? 
_refine.pdbx_solvent_vdw_probe_radii             ? 
_refine.pdbx_solvent_ion_probe_radii             ? 
_refine.pdbx_solvent_shrinkage_radii             ? 
_refine.overall_SU_R_Cruickshank_DPI             ? 
_refine.overall_SU_R_free                        ? 
_refine.ls_wR_factor_R_free                      ? 
_refine.ls_wR_factor_R_work                      ? 
_refine.overall_FOM_free_R_set                   ? 
_refine.overall_FOM_work_R_set                   ? 
_refine.pdbx_diffrn_id                           1 
_refine.pdbx_TLS_residual_ADP_flag               ? 
_refine.pdbx_overall_SU_R_free_Cruickshank_DPI   ? 
_refine.pdbx_overall_SU_R_Blow_DPI               ? 
_refine.pdbx_overall_SU_R_free_Blow_DPI          ? 
# 
_refine_hist.pdbx_refine_id                   'X-RAY DIFFRACTION' 
_refine_hist.cycle_id                         LAST 
_refine_hist.pdbx_number_atoms_protein        786 
_refine_hist.pdbx_number_atoms_nucleic_acid   0 
_refine_hist.pdbx_number_atoms_ligand         179 
_refine_hist.number_atoms_solvent             265 
_refine_hist.number_atoms_total               1230 
_refine_hist.d_res_high                       1.60 
_refine_hist.d_res_low                        20.0 
# 
loop_
_refine_ls_restr.type 
_refine_ls_restr.dev_ideal 
_refine_ls_restr.dev_ideal_target 
_refine_ls_restr.weight 
_refine_ls_restr.number 
_refine_ls_restr.pdbx_refine_id 
_refine_ls_restr.pdbx_restraint_function 
p_bond_d            0.010 ? ? ? 'X-RAY DIFFRACTION' ? 
p_angle_d           0.022 ? ? ? 'X-RAY DIFFRACTION' ? 
p_angle_deg         ?     ? ? ? 'X-RAY DIFFRACTION' ? 
p_planar_d          0.026 ? ? ? 'X-RAY DIFFRACTION' ? 
p_hb_or_metal_coord ?     ? ? ? 'X-RAY DIFFRACTION' ? 
p_mcbond_it         ?     ? ? ? 'X-RAY DIFFRACTION' ? 
p_mcangle_it        ?     ? ? ? 'X-RAY DIFFRACTION' ? 
p_scbond_it         ?     ? ? ? 'X-RAY DIFFRACTION' ? 
p_scangle_it        ?     ? ? ? 'X-RAY DIFFRACTION' ? 
p_plane_restr       0.032 ? ? ? 'X-RAY DIFFRACTION' ? 
p_chiral_restr      ?     ? ? ? 'X-RAY DIFFRACTION' ? 
p_singtor_nbd       ?     ? ? ? 'X-RAY DIFFRACTION' ? 
p_multtor_nbd       ?     ? ? ? 'X-RAY DIFFRACTION' ? 
p_xhyhbond_nbd      ?     ? ? ? 'X-RAY DIFFRACTION' ? 
p_xyhbond_nbd       ?     ? ? ? 'X-RAY DIFFRACTION' ? 
p_planar_tor        ?     ? ? ? 'X-RAY DIFFRACTION' ? 
p_staggered_tor     ?     ? ? ? 'X-RAY DIFFRACTION' ? 
p_orthonormal_tor   ?     ? ? ? 'X-RAY DIFFRACTION' ? 
p_transverse_tor    ?     ? ? ? 'X-RAY DIFFRACTION' ? 
p_special_tor       ?     ? ? ? 'X-RAY DIFFRACTION' ? 
# 
_struct.entry_id                  3CAO 
_struct.title                     'OXIDISED STRUCTURE OF THE ACIDIC CYTOCHROME C3 FROM DESULFOVIBRIO AFRICANUS' 
_struct.pdbx_model_details        ? 
_struct.pdbx_CASP_flag            ? 
_struct.pdbx_model_type_details   ? 
# 
_struct_keywords.entry_id        3CAO 
_struct_keywords.pdbx_keywords   'ELECTRON TRANSPORT' 
_struct_keywords.text            'CYTOCHROME C3, TETRAHEME, OXIDISED FORM, ELECTRON TRANSPORT, DESULFOVIBRIO AFRICANUS' 
# 
loop_
_struct_asym.id 
_struct_asym.pdbx_blank_PDB_chainid_flag 
_struct_asym.pdbx_modified 
_struct_asym.entity_id 
_struct_asym.details 
A N N 1 ? 
B N N 2 ? 
C N N 2 ? 
D N N 2 ? 
E N N 2 ? 
F N N 3 ? 
G N N 3 ? 
H N N 3 ? 
I N N 3 ? 
J N N 4 ? 
K N N 4 ? 
L N N 4 ? 
M N N 5 ? 
# 
_struct_ref.id                         1 
_struct_ref.db_name                    UNP 
_struct_ref.db_code                    CYC3A_DESAF 
_struct_ref.entity_id                  1 
_struct_ref.pdbx_db_accession          P94690 
_struct_ref.pdbx_align_begin           1 
_struct_ref.pdbx_seq_one_letter_code   
;MFKHTLIALTLLAAATLFSLPAFSQEDMTHVPTDAFGKLERPAAVFNHDEHNEKAGIESCNACHHVWVNGVLAEDEDSVG
TPCSDCHALEQDGDTPGLQDAYHQQCWGCHEKQAKGPVMCGECHVKN
;
_struct_ref.pdbx_db_isoform            ? 
# 
_struct_ref_seq.align_id                      1 
_struct_ref_seq.ref_id                        1 
_struct_ref_seq.pdbx_PDB_id_code              3CAO 
_struct_ref_seq.pdbx_strand_id                A 
_struct_ref_seq.seq_align_beg                 2 
_struct_ref_seq.pdbx_seq_align_beg_ins_code   ? 
_struct_ref_seq.seq_align_end                 103 
_struct_ref_seq.pdbx_seq_align_end_ins_code   ? 
_struct_ref_seq.pdbx_db_accession             P94690 
_struct_ref_seq.db_align_beg                  26 
_struct_ref_seq.pdbx_db_align_beg_ins_code    ? 
_struct_ref_seq.db_align_end                  127 
_struct_ref_seq.pdbx_db_align_end_ins_code    ? 
_struct_ref_seq.pdbx_auth_seq_align_beg       2 
_struct_ref_seq.pdbx_auth_seq_align_end       103 
# 
loop_
_pdbx_struct_assembly.id 
_pdbx_struct_assembly.details 
_pdbx_struct_assembly.method_details 
_pdbx_struct_assembly.oligomeric_details 
_pdbx_struct_assembly.oligomeric_count 
1 author_defined_assembly   ?    monomeric  1 
2 software_defined_assembly PISA tetrameric 4 
# 
loop_
_pdbx_struct_assembly_prop.biol_id 
_pdbx_struct_assembly_prop.type 
_pdbx_struct_assembly_prop.value 
_pdbx_struct_assembly_prop.details 
2 'ABSA (A^2)' 24020 ? 
2 MORE         -839  ? 
2 'SSA (A^2)'  24960 ? 
# 
loop_
_pdbx_struct_assembly_gen.assembly_id 
_pdbx_struct_assembly_gen.oper_expression 
_pdbx_struct_assembly_gen.asym_id_list 
1 1       A,B,C,D,E,F,G,H,I,J,K,L,M 
2 1,2,3,4 A,B,C,D,E,F,G,H,I,J,K,L,M 
# 
loop_
_pdbx_struct_oper_list.id 
_pdbx_struct_oper_list.type 
_pdbx_struct_oper_list.name 
_pdbx_struct_oper_list.symmetry_operation 
_pdbx_struct_oper_list.matrix[1][1] 
_pdbx_struct_oper_list.matrix[1][2] 
_pdbx_struct_oper_list.matrix[1][3] 
_pdbx_struct_oper_list.vector[1] 
_pdbx_struct_oper_list.matrix[2][1] 
_pdbx_struct_oper_list.matrix[2][2] 
_pdbx_struct_oper_list.matrix[2][3] 
_pdbx_struct_oper_list.vector[2] 
_pdbx_struct_oper_list.matrix[3][1] 
_pdbx_struct_oper_list.matrix[3][2] 
_pdbx_struct_oper_list.matrix[3][3] 
_pdbx_struct_oper_list.vector[3] 
1 'identity operation'         1_555 x,y,z       1.0000000000  0.0000000000  0.0000000000  0.0000000000   0.0000000000  1.0000000000  0.0000000000  0.0000000000   0.0000000000  0.0000000000  1.0000000000  0.0000000000  
2 'crystal symmetry operation' 2_565 -x,-y+1,z   -0.6628826579 0.4622593024  -0.5889846510 29.8387374954  0.4622593024  -0.3661445556 -0.8076227472 -18.3545087569 -0.5889846510 -0.8076227472 0.0290272135  2.6734371748  
3 'crystal symmetry operation' 3_556 -x,y,-z+1   0.4691168322  -0.8686871407 0.1590976094  -16.7952479879 -0.8686871407 -0.4863462647 -0.0940742386 -23.2218721644 0.1590976094  -0.0940742386 -0.9827705675 28.2948298357 
4 'crystal symmetry operation' 4_566 x,-y+1,-z+1 -0.8062341743 0.4064278383  0.4298870416  13.5722692164  0.4064278383  -0.1475091797 0.9016969858  -40.4672545149 0.4298870416  0.9016969858  -0.0462566460 32.1414127075 
# 
_struct_biol.id        1 
_struct_biol.details   ? 
# 
loop_
_struct_conf.conf_type_id 
_struct_conf.id 
_struct_conf.pdbx_PDB_helix_id 
_struct_conf.beg_label_comp_id 
_struct_conf.beg_label_asym_id 
_struct_conf.beg_label_seq_id 
_struct_conf.pdbx_beg_PDB_ins_code 
_struct_conf.end_label_comp_id 
_struct_conf.end_label_asym_id 
_struct_conf.end_label_seq_id 
_struct_conf.pdbx_end_PDB_ins_code 
_struct_conf.beg_auth_comp_id 
_struct_conf.beg_auth_asym_id 
_struct_conf.beg_auth_seq_id 
_struct_conf.end_auth_comp_id 
_struct_conf.end_auth_asym_id 
_struct_conf.end_auth_seq_id 
_struct_conf.pdbx_PDB_helix_class 
_struct_conf.details 
_struct_conf.pdbx_PDB_helix_length 
HELX_P HELX_P1 1 ASP A 10 ? PHE A 12 ? ASP A 10 PHE A 12 5 ? 3  
HELX_P HELX_P2 2 HIS A 24 ? ALA A 31 ? HIS A 24 ALA A 31 1 ? 8  
HELX_P HELX_P3 3 CYS A 36 ? ALA A 38 ? CYS A 36 ALA A 38 5 ? 3  
HELX_P HELX_P4 4 CYS A 59 ? CYS A 62 ? CYS A 59 CYS A 62 1 ? 4  
HELX_P HELX_P5 5 LEU A 74 ? GLN A 89 ? LEU A 74 GLN A 89 1 ? 16 
HELX_P HELX_P6 6 CYS A 96 ? CYS A 99 ? CYS A 96 CYS A 99 1 ? 4  
# 
_struct_conf_type.id          HELX_P 
_struct_conf_type.criteria    ? 
_struct_conf_type.reference   ? 
# 
loop_
_struct_conn.id 
_struct_conn.conn_type_id 
_struct_conn.pdbx_leaving_atom_flag 
_struct_conn.pdbx_PDB_id 
_struct_conn.ptnr1_label_asym_id 
_struct_conn.ptnr1_label_comp_id 
_struct_conn.ptnr1_label_seq_id 
_struct_conn.ptnr1_label_atom_id 
_struct_conn.pdbx_ptnr1_label_alt_id 
_struct_conn.pdbx_ptnr1_PDB_ins_code 
_struct_conn.pdbx_ptnr1_standard_comp_id 
_struct_conn.ptnr1_symmetry 
_struct_conn.ptnr2_label_asym_id 
_struct_conn.ptnr2_label_comp_id 
_struct_conn.ptnr2_label_seq_id 
_struct_conn.ptnr2_label_atom_id 
_struct_conn.pdbx_ptnr2_label_alt_id 
_struct_conn.pdbx_ptnr2_PDB_ins_code 
_struct_conn.ptnr1_auth_asym_id 
_struct_conn.ptnr1_auth_comp_id 
_struct_conn.ptnr1_auth_seq_id 
_struct_conn.ptnr2_auth_asym_id 
_struct_conn.ptnr2_auth_comp_id 
_struct_conn.ptnr2_auth_seq_id 
_struct_conn.ptnr2_symmetry 
_struct_conn.pdbx_ptnr3_label_atom_id 
_struct_conn.pdbx_ptnr3_label_seq_id 
_struct_conn.pdbx_ptnr3_label_comp_id 
_struct_conn.pdbx_ptnr3_label_asym_id 
_struct_conn.pdbx_ptnr3_label_alt_id 
_struct_conn.pdbx_ptnr3_PDB_ins_code 
_struct_conn.details 
_struct_conn.pdbx_dist_value 
_struct_conn.pdbx_value_order 
_struct_conn.pdbx_role 
covale1  covale one  ? A CGN 1   C   ? ? ? 1_555  A GLU 2 N   ? ? A CGN 1   A GLU 2   1_555  ? ? ? ? ? ? ? 1.357 ? ? 
covale2  covale none ? A CYS 36  SG  ? ? ? 1_555  F HEM . CAB ? ? A CYS 36  A HEM 104 1_555  ? ? ? ? ? ? ? 1.810 ? ? 
covale3  covale none ? A CYS 39  SG  ? ? ? 1_555  F HEM . CAC ? ? A CYS 39  A HEM 104 1_555  ? ? ? ? ? ? ? 1.822 ? ? 
covale4  covale none ? A CYS 59  SG  ? ? ? 1_555  G HEM . CAB ? ? A CYS 59  A HEM 105 1_555  ? ? ? ? ? ? ? 1.800 ? ? 
covale5  covale none ? A CYS 62  SG  ? ? ? 1_555  G HEM . CAC ? ? A CYS 62  A HEM 105 1_555  ? ? ? ? ? ? ? 1.824 ? ? 
covale6  covale none ? A CYS 82  SG  ? ? ? 1_555  H HEM . CAB ? ? A CYS 82  A HEM 106 1_555  ? ? ? ? ? ? ? 1.811 ? ? 
covale7  covale none ? A CYS 85  SG  ? ? ? 1_555  H HEM . CAC ? ? A CYS 85  A HEM 106 1_555  ? ? ? ? ? ? ? 1.836 ? ? 
covale8  covale none ? A CYS 96  SG  ? ? ? 1_555  I HEM . CAB ? ? A CYS 96  A HEM 107 1_555  ? ? ? ? ? ? ? 1.826 ? ? 
covale9  covale none ? A CYS 99  SG  ? ? ? 1_555  I HEM . CAC ? ? A CYS 99  A HEM 107 1_555  ? ? ? ? ? ? ? 1.843 ? ? 
metalc1  metalc ?    ? A GLU 2   OE2 ? ? ? 1_555  D ZN  . ZN  ? ? A GLU 2   A ZN  113 1_555  ? ? ? ? ? ? ? 2.254 ? ? 
metalc2  metalc ?    ? A HIS 6   NE2 ? ? ? 1_555  B ZN  . ZN  ? ? A HIS 6   A ZN  111 1_555  ? ? ? ? ? ? ? 2.106 ? ? 
metalc3  metalc ?    ? A GLU 16  OE2 ? ? ? 21_455 C ZN  . ZN  ? ? A GLU 16  A ZN  112 1_555  ? ? ? ? ? ? ? 2.474 ? ? 
metalc4  metalc ?    ? A HIS 24  NE2 ? ? ? 1_555  F HEM . FE  ? ? A HIS 24  A HEM 104 1_555  ? ? ? ? ? ? ? 1.993 ? ? 
metalc5  metalc ?    ? A GLU 26  OE2 ? ? ? 1_555  J ARS . AS  ? ? A GLU 26  A ARS 108 1_555  ? ? ? ? ? ? ? 3.126 ? ? 
metalc6  metalc ?    ? A GLU 26  OE1 ? ? ? 1_555  E ZN  . ZN  ? ? A GLU 26  A ZN  114 1_555  ? ? ? ? ? ? ? 2.304 ? ? 
metalc7  metalc ?    ? A GLU 26  OE2 ? ? ? 1_555  E ZN  . ZN  ? ? A GLU 26  A ZN  114 1_555  ? ? ? ? ? ? ? 2.643 ? ? 
metalc8  metalc ?    ? A HIS 27  NE2 ? ? ? 1_555  H HEM . FE  ? ? A HIS 27  A HEM 106 1_555  ? ? ? ? ? ? ? 2.033 ? ? 
metalc9  metalc ?    ? A GLU 29  OE2 ? ? ? 1_555  E ZN  . ZN  ? ? A GLU 29  A ZN  114 1_555  ? ? ? ? ? ? ? 2.401 ? ? 
metalc10 metalc ?    ? A GLU 29  OE2 ? ? ? 3_556  E ZN  . ZN  ? ? A GLU 29  A ZN  114 1_555  ? ? ? ? ? ? ? 2.689 ? ? 
metalc11 metalc ?    ? A GLU 29  OE1 ? ? ? 3_556  E ZN  . ZN  ? ? A GLU 29  A ZN  114 1_555  ? ? ? ? ? ? ? 2.478 ? ? 
metalc12 metalc ?    ? A HIS 40  NE2 ? ? ? 1_555  F HEM . FE  ? ? A HIS 40  A HEM 104 1_555  ? ? ? ? ? ? ? 1.980 ? ? 
metalc13 metalc ?    ? A HIS 41  NE2 ? ? ? 1_555  G HEM . FE  ? ? A HIS 41  A HEM 105 1_555  ? ? ? ? ? ? ? 2.024 ? ? 
metalc14 metalc ?    ? A ASP 53  OD2 ? ? ? 1_555  C ZN  . ZN  ? ? A ASP 53  A ZN  112 1_555  ? ? ? ? ? ? ? 2.199 ? ? 
metalc15 metalc ?    ? A HIS 63  NE2 ? ? ? 1_555  G HEM . FE  ? ? A HIS 63  A HEM 105 1_555  ? ? ? ? ? ? ? 2.038 ? ? 
metalc16 metalc ?    ? A ASP 70  OD2 ? ? ? 22_555 B ZN  . ZN  ? ? A ASP 70  A ZN  111 1_555  ? ? ? ? ? ? ? 2.189 ? ? 
metalc17 metalc ?    ? A HIS 79  NE2 ? ? ? 1_555  I HEM . FE  ? ? A HIS 79  A HEM 107 1_555  ? ? ? ? ? ? ? 1.986 ? ? 
metalc18 metalc ?    ? A HIS 86  NE2 ? ? ? 1_555  H HEM . FE  ? ? A HIS 86  A HEM 106 1_555  ? ? ? ? ? ? ? 2.019 ? ? 
metalc19 metalc ?    ? A GLU 87  OE2 ? ? ? 21_455 D ZN  . ZN  ? ? A GLU 87  A ZN  113 1_555  ? ? ? ? ? ? ? 2.310 ? ? 
metalc20 metalc ?    ? A GLU 87  OE1 ? ? ? 21_455 D ZN  . ZN  ? ? A GLU 87  A ZN  113 1_555  ? ? ? ? ? ? ? 2.645 ? ? 
metalc21 metalc ?    ? A HIS 100 NE2 ? ? ? 1_555  I HEM . FE  ? ? A HIS 100 A HEM 107 1_555  ? ? ? ? ? ? ? 2.022 ? ? 
metalc22 metalc ?    ? G HEM .   O1D ? ? ? 22_555 B ZN  . ZN  ? ? A HEM 105 A ZN  111 1_555  ? ? ? ? ? ? ? 2.524 ? ? 
metalc23 metalc ?    ? G HEM .   O2D ? ? ? 22_555 B ZN  . ZN  ? ? A HEM 105 A ZN  111 1_555  ? ? ? ? ? ? ? 2.153 ? ? 
metalc24 metalc ?    ? J ARS .   AS  ? ? ? 1_555  E ZN  . ZN  ? ? A ARS 108 A ZN  114 1_555  ? ? ? ? ? ? ? 3.102 ? ? 
metalc25 metalc ?    ? J ARS .   AS  ? ? ? 1_555  E ZN  . ZN  ? ? A ARS 108 A ZN  114 3_556  ? ? ? ? ? ? ? 2.874 ? ? 
metalc26 metalc ?    ? K ARS .   AS  ? ? ? 1_555  M HOH . O   ? ? A ARS 109 A HOH 253 1_555  ? ? ? ? ? ? ? 2.607 ? ? 
metalc27 metalc ?    ? K ARS .   AS  ? ? ? 1_555  M HOH . O   ? ? A ARS 109 A HOH 370 1_555  ? ? ? ? ? ? ? 2.553 ? ? 
metalc28 metalc ?    ? L ARS .   AS  ? ? ? 1_555  D ZN  . ZN  ? ? A ARS 110 A ZN  113 19_554 ? ? ? ? ? ? ? 3.083 ? ? 
metalc29 metalc ?    ? L ARS .   AS  ? ? ? 1_555  D ZN  . ZN  ? ? A ARS 110 A ZN  113 17_454 ? ? ? ? ? ? ? 3.084 ? ? 
metalc30 metalc ?    ? L ARS .   AS  ? ? ? 1_555  M HOH . O   ? ? A ARS 110 A HOH 347 19_554 ? ? ? ? ? ? ? 3.044 ? ? 
metalc31 metalc ?    ? L ARS .   AS  ? ? ? 1_555  M HOH . O   ? ? A ARS 110 A HOH 347 17_454 ? ? ? ? ? ? ? 3.045 ? ? 
metalc32 metalc ?    ? B ZN  .   ZN  ? ? ? 1_555  M HOH . O   ? ? A ZN  111 A HOH 132 1_555  ? ? ? ? ? ? ? 2.169 ? ? 
metalc33 metalc ?    ? C ZN  .   ZN  ? ? ? 1_555  M HOH . O   ? ? A ZN  112 A HOH 262 21_455 ? ? ? ? ? ? ? 2.244 ? ? 
metalc34 metalc ?    ? C ZN  .   ZN  ? ? ? 1_555  M HOH . O   ? ? A ZN  112 A HOH 272 1_555  ? ? ? ? ? ? ? 2.439 ? ? 
# 
loop_
_struct_conn_type.id 
_struct_conn_type.criteria 
_struct_conn_type.reference 
covale ? ? 
metalc ? ? 
# 
loop_
_pdbx_struct_conn_angle.id 
_pdbx_struct_conn_angle.ptnr1_label_atom_id 
_pdbx_struct_conn_angle.ptnr1_label_alt_id 
_pdbx_struct_conn_angle.ptnr1_label_asym_id 
_pdbx_struct_conn_angle.ptnr1_label_comp_id 
_pdbx_struct_conn_angle.ptnr1_label_seq_id 
_pdbx_struct_conn_angle.ptnr1_auth_atom_id 
_pdbx_struct_conn_angle.ptnr1_auth_asym_id 
_pdbx_struct_conn_angle.ptnr1_auth_comp_id 
_pdbx_struct_conn_angle.ptnr1_auth_seq_id 
_pdbx_struct_conn_angle.ptnr1_PDB_ins_code 
_pdbx_struct_conn_angle.ptnr1_symmetry 
_pdbx_struct_conn_angle.ptnr2_label_atom_id 
_pdbx_struct_conn_angle.ptnr2_label_alt_id 
_pdbx_struct_conn_angle.ptnr2_label_asym_id 
_pdbx_struct_conn_angle.ptnr2_label_comp_id 
_pdbx_struct_conn_angle.ptnr2_label_seq_id 
_pdbx_struct_conn_angle.ptnr2_auth_atom_id 
_pdbx_struct_conn_angle.ptnr2_auth_asym_id 
_pdbx_struct_conn_angle.ptnr2_auth_comp_id 
_pdbx_struct_conn_angle.ptnr2_auth_seq_id 
_pdbx_struct_conn_angle.ptnr2_PDB_ins_code 
_pdbx_struct_conn_angle.ptnr2_symmetry 
_pdbx_struct_conn_angle.ptnr3_label_atom_id 
_pdbx_struct_conn_angle.ptnr3_label_alt_id 
_pdbx_struct_conn_angle.ptnr3_label_asym_id 
_pdbx_struct_conn_angle.ptnr3_label_comp_id 
_pdbx_struct_conn_angle.ptnr3_label_seq_id 
_pdbx_struct_conn_angle.ptnr3_auth_atom_id 
_pdbx_struct_conn_angle.ptnr3_auth_asym_id 
_pdbx_struct_conn_angle.ptnr3_auth_comp_id 
_pdbx_struct_conn_angle.ptnr3_auth_seq_id 
_pdbx_struct_conn_angle.ptnr3_PDB_ins_code 
_pdbx_struct_conn_angle.ptnr3_symmetry 
_pdbx_struct_conn_angle.value 
_pdbx_struct_conn_angle.value_esd 
1  OE2 ? A GLU 2  ? A GLU 2   ? 1_555  ZN ? D ZN  . ? A ZN  113 ? 1_555 OE2 ? A GLU 87  ? A GLU 87  ? 21_455 131.5 ? 
2  OE2 ? A GLU 2  ? A GLU 2   ? 1_555  ZN ? D ZN  . ? A ZN  113 ? 1_555 OE1 ? A GLU 87  ? A GLU 87  ? 21_455 99.3  ? 
3  OE2 ? A GLU 87 ? A GLU 87  ? 21_455 ZN ? D ZN  . ? A ZN  113 ? 1_555 OE1 ? A GLU 87  ? A GLU 87  ? 21_455 53.3  ? 
4  NE2 ? A HIS 6  ? A HIS 6   ? 1_555  ZN ? B ZN  . ? A ZN  111 ? 1_555 OD2 ? A ASP 70  ? A ASP 70  ? 22_555 104.9 ? 
5  NE2 ? A HIS 6  ? A HIS 6   ? 1_555  ZN ? B ZN  . ? A ZN  111 ? 1_555 O1D ? G HEM .   ? A HEM 105 ? 22_555 90.2  ? 
6  OD2 ? A ASP 70 ? A ASP 70  ? 22_555 ZN ? B ZN  . ? A ZN  111 ? 1_555 O1D ? G HEM .   ? A HEM 105 ? 22_555 83.5  ? 
7  NE2 ? A HIS 6  ? A HIS 6   ? 1_555  ZN ? B ZN  . ? A ZN  111 ? 1_555 O2D ? G HEM .   ? A HEM 105 ? 22_555 105.3 ? 
8  OD2 ? A ASP 70 ? A ASP 70  ? 22_555 ZN ? B ZN  . ? A ZN  111 ? 1_555 O2D ? G HEM .   ? A HEM 105 ? 22_555 129.3 ? 
9  O1D ? G HEM .  ? A HEM 105 ? 22_555 ZN ? B ZN  . ? A ZN  111 ? 1_555 O2D ? G HEM .   ? A HEM 105 ? 22_555 56.8  ? 
10 NE2 ? A HIS 6  ? A HIS 6   ? 1_555  ZN ? B ZN  . ? A ZN  111 ? 1_555 O   ? M HOH .   ? A HOH 132 ? 1_555  112.6 ? 
11 OD2 ? A ASP 70 ? A ASP 70  ? 22_555 ZN ? B ZN  . ? A ZN  111 ? 1_555 O   ? M HOH .   ? A HOH 132 ? 1_555  111.0 ? 
12 O1D ? G HEM .  ? A HEM 105 ? 22_555 ZN ? B ZN  . ? A ZN  111 ? 1_555 O   ? M HOH .   ? A HOH 132 ? 1_555  147.3 ? 
13 O2D ? G HEM .  ? A HEM 105 ? 22_555 ZN ? B ZN  . ? A ZN  111 ? 1_555 O   ? M HOH .   ? A HOH 132 ? 1_555  93.4  ? 
14 OE2 ? A GLU 16 ? A GLU 16  ? 21_455 ZN ? C ZN  . ? A ZN  112 ? 1_555 OD2 ? A ASP 53  ? A ASP 53  ? 1_555  92.6  ? 
15 OE2 ? A GLU 16 ? A GLU 16  ? 21_455 ZN ? C ZN  . ? A ZN  112 ? 1_555 O   ? M HOH .   ? A HOH 262 ? 21_455 127.5 ? 
16 OD2 ? A ASP 53 ? A ASP 53  ? 1_555  ZN ? C ZN  . ? A ZN  112 ? 1_555 O   ? M HOH .   ? A HOH 262 ? 21_455 116.3 ? 
17 OE2 ? A GLU 16 ? A GLU 16  ? 21_455 ZN ? C ZN  . ? A ZN  112 ? 1_555 O   ? M HOH .   ? A HOH 272 ? 1_555  127.3 ? 
18 OD2 ? A ASP 53 ? A ASP 53  ? 1_555  ZN ? C ZN  . ? A ZN  112 ? 1_555 O   ? M HOH .   ? A HOH 272 ? 1_555  101.7 ? 
19 O   ? M HOH .  ? A HOH 262 ? 21_455 ZN ? C ZN  . ? A ZN  112 ? 1_555 O   ? M HOH .   ? A HOH 272 ? 1_555  90.5  ? 
20 NE2 ? A HIS 24 ? A HIS 24  ? 1_555  FE ? F HEM . ? A HEM 104 ? 1_555 NA  ? F HEM .   ? A HEM 104 ? 1_555  91.6  ? 
21 NE2 ? A HIS 24 ? A HIS 24  ? 1_555  FE ? F HEM . ? A HEM 104 ? 1_555 NB  ? F HEM .   ? A HEM 104 ? 1_555  88.9  ? 
22 NA  ? F HEM .  ? A HEM 104 ? 1_555  FE ? F HEM . ? A HEM 104 ? 1_555 NB  ? F HEM .   ? A HEM 104 ? 1_555  89.1  ? 
23 NE2 ? A HIS 24 ? A HIS 24  ? 1_555  FE ? F HEM . ? A HEM 104 ? 1_555 NC  ? F HEM .   ? A HEM 104 ? 1_555  89.6  ? 
24 NA  ? F HEM .  ? A HEM 104 ? 1_555  FE ? F HEM . ? A HEM 104 ? 1_555 NC  ? F HEM .   ? A HEM 104 ? 1_555  178.0 ? 
25 NB  ? F HEM .  ? A HEM 104 ? 1_555  FE ? F HEM . ? A HEM 104 ? 1_555 NC  ? F HEM .   ? A HEM 104 ? 1_555  89.3  ? 
26 NE2 ? A HIS 24 ? A HIS 24  ? 1_555  FE ? F HEM . ? A HEM 104 ? 1_555 ND  ? F HEM .   ? A HEM 104 ? 1_555  93.2  ? 
27 NA  ? F HEM .  ? A HEM 104 ? 1_555  FE ? F HEM . ? A HEM 104 ? 1_555 ND  ? F HEM .   ? A HEM 104 ? 1_555  89.8  ? 
28 NB  ? F HEM .  ? A HEM 104 ? 1_555  FE ? F HEM . ? A HEM 104 ? 1_555 ND  ? F HEM .   ? A HEM 104 ? 1_555  177.7 ? 
29 NC  ? F HEM .  ? A HEM 104 ? 1_555  FE ? F HEM . ? A HEM 104 ? 1_555 ND  ? F HEM .   ? A HEM 104 ? 1_555  91.7  ? 
30 NE2 ? A HIS 24 ? A HIS 24  ? 1_555  FE ? F HEM . ? A HEM 104 ? 1_555 NE2 ? A HIS 40  ? A HIS 40  ? 1_555  175.9 ? 
31 NA  ? F HEM .  ? A HEM 104 ? 1_555  FE ? F HEM . ? A HEM 104 ? 1_555 NE2 ? A HIS 40  ? A HIS 40  ? 1_555  91.9  ? 
32 NB  ? F HEM .  ? A HEM 104 ? 1_555  FE ? F HEM . ? A HEM 104 ? 1_555 NE2 ? A HIS 40  ? A HIS 40  ? 1_555  89.1  ? 
33 NC  ? F HEM .  ? A HEM 104 ? 1_555  FE ? F HEM . ? A HEM 104 ? 1_555 NE2 ? A HIS 40  ? A HIS 40  ? 1_555  86.8  ? 
34 ND  ? F HEM .  ? A HEM 104 ? 1_555  FE ? F HEM . ? A HEM 104 ? 1_555 NE2 ? A HIS 40  ? A HIS 40  ? 1_555  88.9  ? 
35 OE2 ? A GLU 26 ? A GLU 26  ? 1_555  AS ? J ARS . ? A ARS 108 ? 1_555 ZN  ? E ZN  .   ? A ZN  114 ? 1_555  50.2  ? 
36 OE2 ? A GLU 26 ? A GLU 26  ? 1_555  AS ? J ARS . ? A ARS 108 ? 1_555 ZN  ? E ZN  .   ? A ZN  114 ? 3_556  104.9 ? 
37 ZN  ? E ZN  .  ? A ZN  114 ? 1_555  AS ? J ARS . ? A ARS 108 ? 1_555 ZN  ? E ZN  .   ? A ZN  114 ? 3_556  55.8  ? 
38 OE1 ? A GLU 26 ? A GLU 26  ? 1_555  ZN ? E ZN  . ? A ZN  114 ? 1_555 OE2 ? A GLU 26  ? A GLU 26  ? 1_555  52.1  ? 
39 OE1 ? A GLU 26 ? A GLU 26  ? 1_555  ZN ? E ZN  . ? A ZN  114 ? 1_555 OE2 ? A GLU 29  ? A GLU 29  ? 1_555  102.2 ? 
40 OE2 ? A GLU 26 ? A GLU 26  ? 1_555  ZN ? E ZN  . ? A ZN  114 ? 1_555 OE2 ? A GLU 29  ? A GLU 29  ? 1_555  101.0 ? 
41 OE1 ? A GLU 26 ? A GLU 26  ? 1_555  ZN ? E ZN  . ? A ZN  114 ? 1_555 OE2 ? A GLU 29  ? A GLU 29  ? 3_556  135.8 ? 
42 OE2 ? A GLU 26 ? A GLU 26  ? 1_555  ZN ? E ZN  . ? A ZN  114 ? 1_555 OE2 ? A GLU 29  ? A GLU 29  ? 3_556  171.6 ? 
43 OE2 ? A GLU 29 ? A GLU 29  ? 1_555  ZN ? E ZN  . ? A ZN  114 ? 1_555 OE2 ? A GLU 29  ? A GLU 29  ? 3_556  81.0  ? 
44 OE1 ? A GLU 26 ? A GLU 26  ? 1_555  ZN ? E ZN  . ? A ZN  114 ? 1_555 OE1 ? A GLU 29  ? A GLU 29  ? 3_556  94.2  ? 
45 OE2 ? A GLU 26 ? A GLU 26  ? 1_555  ZN ? E ZN  . ? A ZN  114 ? 1_555 OE1 ? A GLU 29  ? A GLU 29  ? 3_556  133.2 ? 
46 OE2 ? A GLU 29 ? A GLU 29  ? 1_555  ZN ? E ZN  . ? A ZN  114 ? 1_555 OE1 ? A GLU 29  ? A GLU 29  ? 3_556  119.1 ? 
47 OE2 ? A GLU 29 ? A GLU 29  ? 3_556  ZN ? E ZN  . ? A ZN  114 ? 1_555 OE1 ? A GLU 29  ? A GLU 29  ? 3_556  49.8  ? 
48 NE2 ? A HIS 27 ? A HIS 27  ? 1_555  FE ? H HEM . ? A HEM 106 ? 1_555 NA  ? H HEM .   ? A HEM 106 ? 1_555  91.1  ? 
49 NE2 ? A HIS 27 ? A HIS 27  ? 1_555  FE ? H HEM . ? A HEM 106 ? 1_555 NB  ? H HEM .   ? A HEM 106 ? 1_555  88.0  ? 
50 NA  ? H HEM .  ? A HEM 106 ? 1_555  FE ? H HEM . ? A HEM 106 ? 1_555 NB  ? H HEM .   ? A HEM 106 ? 1_555  89.8  ? 
51 NE2 ? A HIS 27 ? A HIS 27  ? 1_555  FE ? H HEM . ? A HEM 106 ? 1_555 NC  ? H HEM .   ? A HEM 106 ? 1_555  90.8  ? 
52 NA  ? H HEM .  ? A HEM 106 ? 1_555  FE ? H HEM . ? A HEM 106 ? 1_555 NC  ? H HEM .   ? A HEM 106 ? 1_555  178.1 ? 
53 NB  ? H HEM .  ? A HEM 106 ? 1_555  FE ? H HEM . ? A HEM 106 ? 1_555 NC  ? H HEM .   ? A HEM 106 ? 1_555  90.4  ? 
54 NE2 ? A HIS 27 ? A HIS 27  ? 1_555  FE ? H HEM . ? A HEM 106 ? 1_555 ND  ? H HEM .   ? A HEM 106 ? 1_555  92.3  ? 
55 NA  ? H HEM .  ? A HEM 106 ? 1_555  FE ? H HEM . ? A HEM 106 ? 1_555 ND  ? H HEM .   ? A HEM 106 ? 1_555  89.7  ? 
56 NB  ? H HEM .  ? A HEM 106 ? 1_555  FE ? H HEM . ? A HEM 106 ? 1_555 ND  ? H HEM .   ? A HEM 106 ? 1_555  179.4 ? 
57 NC  ? H HEM .  ? A HEM 106 ? 1_555  FE ? H HEM . ? A HEM 106 ? 1_555 ND  ? H HEM .   ? A HEM 106 ? 1_555  90.0  ? 
58 NE2 ? A HIS 27 ? A HIS 27  ? 1_555  FE ? H HEM . ? A HEM 106 ? 1_555 NE2 ? A HIS 86  ? A HIS 86  ? 1_555  179.0 ? 
59 NA  ? H HEM .  ? A HEM 106 ? 1_555  FE ? H HEM . ? A HEM 106 ? 1_555 NE2 ? A HIS 86  ? A HIS 86  ? 1_555  89.5  ? 
60 NB  ? H HEM .  ? A HEM 106 ? 1_555  FE ? H HEM . ? A HEM 106 ? 1_555 NE2 ? A HIS 86  ? A HIS 86  ? 1_555  91.2  ? 
61 NC  ? H HEM .  ? A HEM 106 ? 1_555  FE ? H HEM . ? A HEM 106 ? 1_555 NE2 ? A HIS 86  ? A HIS 86  ? 1_555  88.6  ? 
62 ND  ? H HEM .  ? A HEM 106 ? 1_555  FE ? H HEM . ? A HEM 106 ? 1_555 NE2 ? A HIS 86  ? A HIS 86  ? 1_555  88.4  ? 
63 NE2 ? A HIS 41 ? A HIS 41  ? 1_555  FE ? G HEM . ? A HEM 105 ? 1_555 NA  ? G HEM .   ? A HEM 105 ? 1_555  89.1  ? 
64 NE2 ? A HIS 41 ? A HIS 41  ? 1_555  FE ? G HEM . ? A HEM 105 ? 1_555 NB  ? G HEM .   ? A HEM 105 ? 1_555  87.5  ? 
65 NA  ? G HEM .  ? A HEM 105 ? 1_555  FE ? G HEM . ? A HEM 105 ? 1_555 NB  ? G HEM .   ? A HEM 105 ? 1_555  90.4  ? 
66 NE2 ? A HIS 41 ? A HIS 41  ? 1_555  FE ? G HEM . ? A HEM 105 ? 1_555 NC  ? G HEM .   ? A HEM 105 ? 1_555  90.5  ? 
67 NA  ? G HEM .  ? A HEM 105 ? 1_555  FE ? G HEM . ? A HEM 105 ? 1_555 NC  ? G HEM .   ? A HEM 105 ? 1_555  179.6 ? 
68 NB  ? G HEM .  ? A HEM 105 ? 1_555  FE ? G HEM . ? A HEM 105 ? 1_555 NC  ? G HEM .   ? A HEM 105 ? 1_555  89.6  ? 
69 NE2 ? A HIS 41 ? A HIS 41  ? 1_555  FE ? G HEM . ? A HEM 105 ? 1_555 ND  ? G HEM .   ? A HEM 105 ? 1_555  93.0  ? 
70 NA  ? G HEM .  ? A HEM 105 ? 1_555  FE ? G HEM . ? A HEM 105 ? 1_555 ND  ? G HEM .   ? A HEM 105 ? 1_555  90.1  ? 
71 NB  ? G HEM .  ? A HEM 105 ? 1_555  FE ? G HEM . ? A HEM 105 ? 1_555 ND  ? G HEM .   ? A HEM 105 ? 1_555  179.3 ? 
72 NC  ? G HEM .  ? A HEM 105 ? 1_555  FE ? G HEM . ? A HEM 105 ? 1_555 ND  ? G HEM .   ? A HEM 105 ? 1_555  89.9  ? 
73 NE2 ? A HIS 41 ? A HIS 41  ? 1_555  FE ? G HEM . ? A HEM 105 ? 1_555 NE2 ? A HIS 63  ? A HIS 63  ? 1_555  175.7 ? 
74 NA  ? G HEM .  ? A HEM 105 ? 1_555  FE ? G HEM . ? A HEM 105 ? 1_555 NE2 ? A HIS 63  ? A HIS 63  ? 1_555  87.3  ? 
75 NB  ? G HEM .  ? A HEM 105 ? 1_555  FE ? G HEM . ? A HEM 105 ? 1_555 NE2 ? A HIS 63  ? A HIS 63  ? 1_555  90.0  ? 
76 NC  ? G HEM .  ? A HEM 105 ? 1_555  FE ? G HEM . ? A HEM 105 ? 1_555 NE2 ? A HIS 63  ? A HIS 63  ? 1_555  93.0  ? 
77 ND  ? G HEM .  ? A HEM 105 ? 1_555  FE ? G HEM . ? A HEM 105 ? 1_555 NE2 ? A HIS 63  ? A HIS 63  ? 1_555  89.4  ? 
78 NE2 ? A HIS 79 ? A HIS 79  ? 1_555  FE ? I HEM . ? A HEM 107 ? 1_555 NA  ? I HEM .   ? A HEM 107 ? 1_555  92.4  ? 
79 NE2 ? A HIS 79 ? A HIS 79  ? 1_555  FE ? I HEM . ? A HEM 107 ? 1_555 NB  ? I HEM .   ? A HEM 107 ? 1_555  87.7  ? 
80 NA  ? I HEM .  ? A HEM 107 ? 1_555  FE ? I HEM . ? A HEM 107 ? 1_555 NB  ? I HEM .   ? A HEM 107 ? 1_555  90.8  ? 
81 NE2 ? A HIS 79 ? A HIS 79  ? 1_555  FE ? I HEM . ? A HEM 107 ? 1_555 NC  ? I HEM .   ? A HEM 107 ? 1_555  88.9  ? 
82 NA  ? I HEM .  ? A HEM 107 ? 1_555  FE ? I HEM . ? A HEM 107 ? 1_555 NC  ? I HEM .   ? A HEM 107 ? 1_555  178.7 ? 
83 NB  ? I HEM .  ? A HEM 107 ? 1_555  FE ? I HEM . ? A HEM 107 ? 1_555 NC  ? I HEM .   ? A HEM 107 ? 1_555  89.5  ? 
84 NE2 ? A HIS 79 ? A HIS 79  ? 1_555  FE ? I HEM . ? A HEM 107 ? 1_555 ND  ? I HEM .   ? A HEM 107 ? 1_555  90.1  ? 
85 NA  ? I HEM .  ? A HEM 107 ? 1_555  FE ? I HEM . ? A HEM 107 ? 1_555 ND  ? I HEM .   ? A HEM 107 ? 1_555  89.8  ? 
86 NB  ? I HEM .  ? A HEM 107 ? 1_555  FE ? I HEM . ? A HEM 107 ? 1_555 ND  ? I HEM .   ? A HEM 107 ? 1_555  177.8 ? 
87 NC  ? I HEM .  ? A HEM 107 ? 1_555  FE ? I HEM . ? A HEM 107 ? 1_555 ND  ? I HEM .   ? A HEM 107 ? 1_555  89.9  ? 
88 NE2 ? A HIS 79 ? A HIS 79  ? 1_555  FE ? I HEM . ? A HEM 107 ? 1_555 NE2 ? A HIS 100 ? A HIS 100 ? 1_555  178.6 ? 
89 NA  ? I HEM .  ? A HEM 107 ? 1_555  FE ? I HEM . ? A HEM 107 ? 1_555 NE2 ? A HIS 100 ? A HIS 100 ? 1_555  87.7  ? 
90 NB  ? I HEM .  ? A HEM 107 ? 1_555  FE ? I HEM . ? A HEM 107 ? 1_555 NE2 ? A HIS 100 ? A HIS 100 ? 1_555  93.6  ? 
91 NC  ? I HEM .  ? A HEM 107 ? 1_555  FE ? I HEM . ? A HEM 107 ? 1_555 NE2 ? A HIS 100 ? A HIS 100 ? 1_555  91.0  ? 
92 ND  ? I HEM .  ? A HEM 107 ? 1_555  FE ? I HEM . ? A HEM 107 ? 1_555 NE2 ? A HIS 100 ? A HIS 100 ? 1_555  88.5  ? 
93 O   ? M HOH .  ? A HOH 253 ? 1_555  AS ? K ARS . ? A ARS 109 ? 1_555 O   ? M HOH .   ? A HOH 370 ? 1_555  67.7  ? 
94 ZN  ? D ZN  .  ? A ZN  113 ? 19_554 AS ? L ARS . ? A ARS 110 ? 1_555 ZN  ? D ZN  .   ? A ZN  113 ? 17_454 151.7 ? 
95 ZN  ? D ZN  .  ? A ZN  113 ? 19_554 AS ? L ARS . ? A ARS 110 ? 1_555 O   ? M HOH .   ? A HOH 347 ? 19_554 68.0  ? 
96 ZN  ? D ZN  .  ? A ZN  113 ? 17_454 AS ? L ARS . ? A ARS 110 ? 1_555 O   ? M HOH .   ? A HOH 347 ? 19_554 138.6 ? 
97 ZN  ? D ZN  .  ? A ZN  113 ? 19_554 AS ? L ARS . ? A ARS 110 ? 1_555 O   ? M HOH .   ? A HOH 347 ? 17_454 138.6 ? 
98 ZN  ? D ZN  .  ? A ZN  113 ? 17_454 AS ? L ARS . ? A ARS 110 ? 1_555 O   ? M HOH .   ? A HOH 347 ? 17_454 68.0  ? 
99 O   ? M HOH .  ? A HOH 347 ? 19_554 AS ? L ARS . ? A ARS 110 ? 1_555 O   ? M HOH .   ? A HOH 347 ? 17_454 79.8  ? 
# 
_struct_sheet.id               A 
_struct_sheet.type             ? 
_struct_sheet.number_strands   2 
_struct_sheet.details          ? 
# 
_struct_sheet_order.sheet_id     A 
_struct_sheet_order.range_id_1   1 
_struct_sheet_order.range_id_2   2 
_struct_sheet_order.offset       ? 
_struct_sheet_order.sense        anti-parallel 
# 
loop_
_struct_sheet_range.sheet_id 
_struct_sheet_range.id 
_struct_sheet_range.beg_label_comp_id 
_struct_sheet_range.beg_label_asym_id 
_struct_sheet_range.beg_label_seq_id 
_struct_sheet_range.pdbx_beg_PDB_ins_code 
_struct_sheet_range.end_label_comp_id 
_struct_sheet_range.end_label_asym_id 
_struct_sheet_range.end_label_seq_id 
_struct_sheet_range.pdbx_end_PDB_ins_code 
_struct_sheet_range.beg_auth_comp_id 
_struct_sheet_range.beg_auth_asym_id 
_struct_sheet_range.beg_auth_seq_id 
_struct_sheet_range.end_auth_comp_id 
_struct_sheet_range.end_auth_asym_id 
_struct_sheet_range.end_auth_seq_id 
A 1 TRP A 43 ? VAL A 44 ? TRP A 43 VAL A 44 
A 2 VAL A 47 ? LEU A 48 ? VAL A 47 LEU A 48 
# 
_pdbx_struct_sheet_hbond.sheet_id                A 
_pdbx_struct_sheet_hbond.range_id_1              1 
_pdbx_struct_sheet_hbond.range_id_2              2 
_pdbx_struct_sheet_hbond.range_1_label_atom_id   N 
_pdbx_struct_sheet_hbond.range_1_label_comp_id   VAL 
_pdbx_struct_sheet_hbond.range_1_label_asym_id   A 
_pdbx_struct_sheet_hbond.range_1_label_seq_id    44 
_pdbx_struct_sheet_hbond.range_1_PDB_ins_code    ? 
_pdbx_struct_sheet_hbond.range_1_auth_atom_id    N 
_pdbx_struct_sheet_hbond.range_1_auth_comp_id    VAL 
_pdbx_struct_sheet_hbond.range_1_auth_asym_id    A 
_pdbx_struct_sheet_hbond.range_1_auth_seq_id     44 
_pdbx_struct_sheet_hbond.range_2_label_atom_id   O 
_pdbx_struct_sheet_hbond.range_2_label_comp_id   VAL 
_pdbx_struct_sheet_hbond.range_2_label_asym_id   A 
_pdbx_struct_sheet_hbond.range_2_label_seq_id    47 
_pdbx_struct_sheet_hbond.range_2_PDB_ins_code    ? 
_pdbx_struct_sheet_hbond.range_2_auth_atom_id    O 
_pdbx_struct_sheet_hbond.range_2_auth_comp_id    VAL 
_pdbx_struct_sheet_hbond.range_2_auth_asym_id    A 
_pdbx_struct_sheet_hbond.range_2_auth_seq_id     47 
# 
loop_
_struct_site.id 
_struct_site.pdbx_evidence_code 
_struct_site.pdbx_auth_asym_id 
_struct_site.pdbx_auth_comp_id 
_struct_site.pdbx_auth_seq_id 
_struct_site.pdbx_auth_ins_code 
_struct_site.pdbx_num_residues 
_struct_site.details 
AC1 Software A ZN  111 ? 4  'BINDING SITE FOR RESIDUE ZN A 111'  
AC2 Software A ZN  112 ? 4  'BINDING SITE FOR RESIDUE ZN A 112'  
AC3 Software A ZN  113 ? 5  'BINDING SITE FOR RESIDUE ZN A 113'  
AC4 Software A ZN  114 ? 5  'BINDING SITE FOR RESIDUE ZN A 114'  
AC5 Software A HEM 104 ? 19 'BINDING SITE FOR RESIDUE HEM A 104' 
AC6 Software A HEM 105 ? 22 'BINDING SITE FOR RESIDUE HEM A 105' 
AC7 Software A HEM 106 ? 17 'BINDING SITE FOR RESIDUE HEM A 106' 
AC8 Software A HEM 107 ? 20 'BINDING SITE FOR RESIDUE HEM A 107' 
AC9 Software A ARS 108 ? 4  'BINDING SITE FOR RESIDUE ARS A 108' 
BC1 Software A ARS 109 ? 4  'BINDING SITE FOR RESIDUE ARS A 109' 
BC2 Software A ARS 110 ? 8  'BINDING SITE FOR RESIDUE ARS A 110' 
# 
loop_
_struct_site_gen.id 
_struct_site_gen.site_id 
_struct_site_gen.pdbx_num_res 
_struct_site_gen.label_comp_id 
_struct_site_gen.label_asym_id 
_struct_site_gen.label_seq_id 
_struct_site_gen.pdbx_auth_ins_code 
_struct_site_gen.auth_comp_id 
_struct_site_gen.auth_asym_id 
_struct_site_gen.auth_seq_id 
_struct_site_gen.label_atom_id 
_struct_site_gen.label_alt_id 
_struct_site_gen.symmetry 
_struct_site_gen.details 
1   AC1 4  HIS A 6   ? HIS A 6   . ? 1_555  ? 
2   AC1 4  ASP A 70  ? ASP A 70  . ? 22_555 ? 
3   AC1 4  HEM G .   ? HEM A 105 . ? 22_555 ? 
4   AC1 4  HOH M .   ? HOH A 132 . ? 1_555  ? 
5   AC2 4  GLU A 16  ? GLU A 16  . ? 21_455 ? 
6   AC2 4  ASP A 53  ? ASP A 53  . ? 1_555  ? 
7   AC2 4  HOH M .   ? HOH A 262 . ? 21_455 ? 
8   AC2 4  HOH M .   ? HOH A 272 . ? 1_555  ? 
9   AC3 5  GLU A 2   ? GLU A 2   . ? 1_555  ? 
10  AC3 5  GLU A 87  ? GLU A 87  . ? 21_455 ? 
11  AC3 5  ARS K .   ? ARS A 109 . ? 21_455 ? 
12  AC3 5  ARS L .   ? ARS A 110 . ? 22_555 ? 
13  AC3 5  ARS L .   ? ARS A 110 . ? 21_455 ? 
14  AC4 5  GLU A 26  ? GLU A 26  . ? 1_555  ? 
15  AC4 5  GLU A 29  ? GLU A 29  . ? 3_556  ? 
16  AC4 5  GLU A 29  ? GLU A 29  . ? 1_555  ? 
17  AC4 5  ARS J .   ? ARS A 108 . ? 3_556  ? 
18  AC4 5  ARS J .   ? ARS A 108 . ? 1_555  ? 
19  AC5 19 CGN A 1   ? CGN A 1   . ? 1_555  ? 
20  AC5 19 MET A 4   ? MET A 4   . ? 1_555  ? 
21  AC5 19 PRO A 8   ? PRO A 8   . ? 1_555  ? 
22  AC5 19 PHE A 22  ? PHE A 22  . ? 1_555  ? 
23  AC5 19 HIS A 24  ? HIS A 24  . ? 1_555  ? 
24  AC5 19 ASN A 28  ? ASN A 28  . ? 1_555  ? 
25  AC5 19 ILE A 33  ? ILE A 33  . ? 1_555  ? 
26  AC5 19 CYS A 36  ? CYS A 36  . ? 1_555  ? 
27  AC5 19 CYS A 39  ? CYS A 39  . ? 1_555  ? 
28  AC5 19 HIS A 40  ? HIS A 40  . ? 1_555  ? 
29  AC5 19 VAL A 55  ? VAL A 55  . ? 1_555  ? 
30  AC5 19 PRO A 58  ? PRO A 58  . ? 1_555  ? 
31  AC5 19 CYS A 59  ? CYS A 59  . ? 1_555  ? 
32  AC5 19 TYR A 78  ? TYR A 78  . ? 1_555  ? 
33  AC5 19 HOH M .   ? HOH A 134 . ? 1_555  ? 
34  AC5 19 HOH M .   ? HOH A 136 . ? 1_555  ? 
35  AC5 19 HOH M .   ? HOH A 196 . ? 1_555  ? 
36  AC5 19 HOH M .   ? HOH A 228 . ? 1_555  ? 
37  AC5 19 HOH M .   ? HOH A 246 . ? 1_555  ? 
38  AC6 22 HIS A 6   ? HIS A 6   . ? 19_554 ? 
39  AC6 22 CYS A 39  ? CYS A 39  . ? 1_555  ? 
40  AC6 22 HIS A 41  ? HIS A 41  . ? 1_555  ? 
41  AC6 22 TRP A 43  ? TRP A 43  . ? 1_555  ? 
42  AC6 22 SER A 54  ? SER A 54  . ? 1_555  ? 
43  AC6 22 THR A 57  ? THR A 57  . ? 1_555  ? 
44  AC6 22 PRO A 58  ? PRO A 58  . ? 1_555  ? 
45  AC6 22 CYS A 59  ? CYS A 59  . ? 1_555  ? 
46  AC6 22 CYS A 62  ? CYS A 62  . ? 1_555  ? 
47  AC6 22 HIS A 63  ? HIS A 63  . ? 1_555  ? 
48  AC6 22 ASP A 70  ? ASP A 70  . ? 1_555  ? 
49  AC6 22 THR A 71  ? THR A 71  . ? 1_555  ? 
50  AC6 22 PRO A 72  ? PRO A 72  . ? 1_555  ? 
51  AC6 22 ALA A 77  ? ALA A 77  . ? 1_555  ? 
52  AC6 22 GLN A 80  ? GLN A 80  . ? 1_555  ? 
53  AC6 22 GLN A 81  ? GLN A 81  . ? 1_555  ? 
54  AC6 22 ASN A 103 ? ASN A 103 . ? 19_554 ? 
55  AC6 22 ZN  B .   ? ZN  A 111 . ? 19_554 ? 
56  AC6 22 HOH M .   ? HOH A 117 . ? 1_555  ? 
57  AC6 22 HOH M .   ? HOH A 123 . ? 1_555  ? 
58  AC6 22 HOH M .   ? HOH A 128 . ? 1_555  ? 
59  AC6 22 HOH M .   ? HOH A 285 . ? 1_555  ? 
60  AC7 17 VAL A 21  ? VAL A 21  . ? 1_555  ? 
61  AC7 17 PHE A 22  ? PHE A 22  . ? 1_555  ? 
62  AC7 17 HIS A 27  ? HIS A 27  . ? 1_555  ? 
63  AC7 17 LYS A 30  ? LYS A 30  . ? 1_555  ? 
64  AC7 17 ALA A 31  ? ALA A 31  . ? 1_555  ? 
65  AC7 17 ILE A 33  ? ILE A 33  . ? 1_555  ? 
66  AC7 17 GLN A 81  ? GLN A 81  . ? 1_555  ? 
67  AC7 17 CYS A 82  ? CYS A 82  . ? 1_555  ? 
68  AC7 17 CYS A 85  ? CYS A 85  . ? 1_555  ? 
69  AC7 17 HIS A 86  ? HIS A 86  . ? 1_555  ? 
70  AC7 17 GLN A 89  ? GLN A 89  . ? 1_555  ? 
71  AC7 17 PRO A 93  ? PRO A 93  . ? 1_555  ? 
72  AC7 17 HOH M .   ? HOH A 118 . ? 1_555  ? 
73  AC7 17 HOH M .   ? HOH A 192 . ? 1_555  ? 
74  AC7 17 HOH M .   ? HOH A 255 . ? 1_555  ? 
75  AC7 17 HOH M .   ? HOH A 308 . ? 1_555  ? 
76  AC7 17 HOH M .   ? HOH A 328 . ? 1_555  ? 
77  AC8 20 VAL A 7   ? VAL A 7   . ? 1_555  ? 
78  AC8 20 THR A 9   ? THR A 9   . ? 1_555  ? 
79  AC8 20 PHE A 12  ? PHE A 12  . ? 1_555  ? 
80  AC8 20 LEU A 15  ? LEU A 15  . ? 1_555  ? 
81  AC8 20 GLU A 16  ? GLU A 16  . ? 1_555  ? 
82  AC8 20 ARG A 17  ? ARG A 17  . ? 1_555  ? 
83  AC8 20 ALA A 19  ? ALA A 19  . ? 1_555  ? 
84  AC8 20 ALA A 20  ? ALA A 20  . ? 1_555  ? 
85  AC8 20 VAL A 55  ? VAL A 55  . ? 17_454 ? 
86  AC8 20 GLN A 75  ? GLN A 75  . ? 1_555  ? 
87  AC8 20 TYR A 78  ? TYR A 78  . ? 1_555  ? 
88  AC8 20 HIS A 79  ? HIS A 79  . ? 1_555  ? 
89  AC8 20 TRP A 83  ? TRP A 83  . ? 1_555  ? 
90  AC8 20 HIS A 86  ? HIS A 86  . ? 1_555  ? 
91  AC8 20 PRO A 93  ? PRO A 93  . ? 1_555  ? 
92  AC8 20 CYS A 96  ? CYS A 96  . ? 1_555  ? 
93  AC8 20 CYS A 99  ? CYS A 99  . ? 1_555  ? 
94  AC8 20 HIS A 100 ? HIS A 100 . ? 1_555  ? 
95  AC8 20 HOH M .   ? HOH A 115 . ? 1_555  ? 
96  AC8 20 HOH M .   ? HOH A 220 . ? 1_555  ? 
97  AC9 4  GLU A 26  ? GLU A 26  . ? 1_555  ? 
98  AC9 4  GLU A 29  ? GLU A 29  . ? 1_555  ? 
99  AC9 4  ZN  E .   ? ZN  A 114 . ? 3_556  ? 
100 AC9 4  ZN  E .   ? ZN  A 114 . ? 1_555  ? 
101 BC1 4  GLU A 87  ? GLU A 87  . ? 1_555  ? 
102 BC1 4  ZN  D .   ? ZN  A 113 . ? 17_454 ? 
103 BC1 4  HOH M .   ? HOH A 253 . ? 1_555  ? 
104 BC1 4  HOH M .   ? HOH A 370 . ? 1_555  ? 
105 BC2 8  GLU A 87  ? GLU A 87  . ? 1_555  ? 
106 BC2 8  GLU A 87  ? GLU A 87  . ? 2_565  ? 
107 BC2 8  ZN  D .   ? ZN  A 113 . ? 19_554 ? 
108 BC2 8  ZN  D .   ? ZN  A 113 . ? 17_454 ? 
109 BC2 8  HOH M .   ? HOH A 296 . ? 19_554 ? 
110 BC2 8  HOH M .   ? HOH A 296 . ? 17_454 ? 
111 BC2 8  HOH M .   ? HOH A 347 . ? 19_554 ? 
112 BC2 8  HOH M .   ? HOH A 347 . ? 17_454 ? 
# 
_pdbx_entry_details.entry_id                   3CAO 
_pdbx_entry_details.compound_details           ? 
_pdbx_entry_details.source_details             ? 
_pdbx_entry_details.nonpolymer_details         ? 
_pdbx_entry_details.sequence_details           ? 
_pdbx_entry_details.has_ligand_of_interest     ? 
_pdbx_entry_details.has_protein_modification   Y 
# 
loop_
_pdbx_validate_close_contact.id 
_pdbx_validate_close_contact.PDB_model_num 
_pdbx_validate_close_contact.auth_atom_id_1 
_pdbx_validate_close_contact.auth_asym_id_1 
_pdbx_validate_close_contact.auth_comp_id_1 
_pdbx_validate_close_contact.auth_seq_id_1 
_pdbx_validate_close_contact.PDB_ins_code_1 
_pdbx_validate_close_contact.label_alt_id_1 
_pdbx_validate_close_contact.auth_atom_id_2 
_pdbx_validate_close_contact.auth_asym_id_2 
_pdbx_validate_close_contact.auth_comp_id_2 
_pdbx_validate_close_contact.auth_seq_id_2 
_pdbx_validate_close_contact.PDB_ins_code_2 
_pdbx_validate_close_contact.label_alt_id_2 
_pdbx_validate_close_contact.dist 
1 1 O A HOH 247 ? ? O A HOH 350 ? ? 1.97 
2 1 O A HOH 230 ? ? O A HOH 253 ? ? 2.10 
3 1 O A HOH 117 ? ? O A HOH 239 ? ? 2.12 
# 
loop_
_pdbx_validate_symm_contact.id 
_pdbx_validate_symm_contact.PDB_model_num 
_pdbx_validate_symm_contact.auth_atom_id_1 
_pdbx_validate_symm_contact.auth_asym_id_1 
_pdbx_validate_symm_contact.auth_comp_id_1 
_pdbx_validate_symm_contact.auth_seq_id_1 
_pdbx_validate_symm_contact.PDB_ins_code_1 
_pdbx_validate_symm_contact.label_alt_id_1 
_pdbx_validate_symm_contact.site_symmetry_1 
_pdbx_validate_symm_contact.auth_atom_id_2 
_pdbx_validate_symm_contact.auth_asym_id_2 
_pdbx_validate_symm_contact.auth_comp_id_2 
_pdbx_validate_symm_contact.auth_seq_id_2 
_pdbx_validate_symm_contact.PDB_ins_code_2 
_pdbx_validate_symm_contact.label_alt_id_2 
_pdbx_validate_symm_contact.site_symmetry_2 
_pdbx_validate_symm_contact.dist 
1 1 AS A ARS 110 ? ? 1_555 O A HOH 296 ? ? 19_554 1.27 
2 1 O  A HOH 283 ? ? 1_555 O A HOH 350 ? ? 22_555 2.19 
# 
loop_
_pdbx_validate_rmsd_angle.id 
_pdbx_validate_rmsd_angle.PDB_model_num 
_pdbx_validate_rmsd_angle.auth_atom_id_1 
_pdbx_validate_rmsd_angle.auth_asym_id_1 
_pdbx_validate_rmsd_angle.auth_comp_id_1 
_pdbx_validate_rmsd_angle.auth_seq_id_1 
_pdbx_validate_rmsd_angle.PDB_ins_code_1 
_pdbx_validate_rmsd_angle.label_alt_id_1 
_pdbx_validate_rmsd_angle.auth_atom_id_2 
_pdbx_validate_rmsd_angle.auth_asym_id_2 
_pdbx_validate_rmsd_angle.auth_comp_id_2 
_pdbx_validate_rmsd_angle.auth_seq_id_2 
_pdbx_validate_rmsd_angle.PDB_ins_code_2 
_pdbx_validate_rmsd_angle.label_alt_id_2 
_pdbx_validate_rmsd_angle.auth_atom_id_3 
_pdbx_validate_rmsd_angle.auth_asym_id_3 
_pdbx_validate_rmsd_angle.auth_comp_id_3 
_pdbx_validate_rmsd_angle.auth_seq_id_3 
_pdbx_validate_rmsd_angle.PDB_ins_code_3 
_pdbx_validate_rmsd_angle.label_alt_id_3 
_pdbx_validate_rmsd_angle.angle_value 
_pdbx_validate_rmsd_angle.angle_target_value 
_pdbx_validate_rmsd_angle.angle_deviation 
_pdbx_validate_rmsd_angle.angle_standard_deviation 
_pdbx_validate_rmsd_angle.linker_flag 
1 1 NE A ARG 17 ? A CZ A ARG 17 ? A NH1 A ARG 17 ? A 116.78 120.30 -3.52 0.50 N 
2 1 NE A ARG 17 ? A CZ A ARG 17 ? A NH2 A ARG 17 ? A 123.81 120.30 3.51  0.50 N 
3 1 CB A ASP 53 ? ? CG A ASP 53 ? ? OD2 A ASP 53 ? ? 108.58 118.30 -9.72 0.90 N 
4 1 CB A TYR 78 ? ? CG A TYR 78 ? ? CD2 A TYR 78 ? ? 116.94 121.00 -4.06 0.60 N 
# 
_pdbx_validate_torsion.id              1 
_pdbx_validate_torsion.PDB_model_num   1 
_pdbx_validate_torsion.auth_comp_id    PHE 
_pdbx_validate_torsion.auth_asym_id    A 
_pdbx_validate_torsion.auth_seq_id     22 
_pdbx_validate_torsion.PDB_ins_code    ? 
_pdbx_validate_torsion.label_alt_id    ? 
_pdbx_validate_torsion.phi             -167.94 
_pdbx_validate_torsion.psi             82.36 
# 
loop_
_pdbx_validate_planes.id 
_pdbx_validate_planes.PDB_model_num 
_pdbx_validate_planes.auth_comp_id 
_pdbx_validate_planes.auth_asym_id 
_pdbx_validate_planes.auth_seq_id 
_pdbx_validate_planes.PDB_ins_code 
_pdbx_validate_planes.label_alt_id 
_pdbx_validate_planes.rmsd 
_pdbx_validate_planes.type 
1 1 GLU A 29 ? ? 0.096 'SIDE CHAIN' 
2 1 GLU A 98 ? ? 0.070 'SIDE CHAIN' 
# 
loop_
_pdbx_validate_main_chain_plane.id 
_pdbx_validate_main_chain_plane.PDB_model_num 
_pdbx_validate_main_chain_plane.auth_comp_id 
_pdbx_validate_main_chain_plane.auth_asym_id 
_pdbx_validate_main_chain_plane.auth_seq_id 
_pdbx_validate_main_chain_plane.PDB_ins_code 
_pdbx_validate_main_chain_plane.label_alt_id 
_pdbx_validate_main_chain_plane.improper_torsion_angle 
1 1 CGN A 1   ? ? -10.51 
2 1 GLU A 16  ? ? 10.69  
3 1 GLY A 56  ? ? 13.10  
4 1 LYS A 102 ? ? 11.83  
# 
loop_
_pdbx_struct_special_symmetry.id 
_pdbx_struct_special_symmetry.PDB_model_num 
_pdbx_struct_special_symmetry.auth_asym_id 
_pdbx_struct_special_symmetry.auth_comp_id 
_pdbx_struct_special_symmetry.auth_seq_id 
_pdbx_struct_special_symmetry.PDB_ins_code 
_pdbx_struct_special_symmetry.label_asym_id 
_pdbx_struct_special_symmetry.label_comp_id 
_pdbx_struct_special_symmetry.label_seq_id 
1 1 A ARS 110 ? L ARS . 
2 1 A HOH 266 ? M HOH . 
# 
loop_
_chem_comp_atom.comp_id 
_chem_comp_atom.atom_id 
_chem_comp_atom.type_symbol 
_chem_comp_atom.pdbx_aromatic_flag 
_chem_comp_atom.pdbx_stereo_config 
_chem_comp_atom.pdbx_ordinal 
ALA N    N  N N 1   
ALA CA   C  N S 2   
ALA C    C  N N 3   
ALA O    O  N N 4   
ALA CB   C  N N 5   
ALA OXT  O  N N 6   
ALA H    H  N N 7   
ALA H2   H  N N 8   
ALA HA   H  N N 9   
ALA HB1  H  N N 10  
ALA HB2  H  N N 11  
ALA HB3  H  N N 12  
ALA HXT  H  N N 13  
ARG N    N  N N 14  
ARG CA   C  N S 15  
ARG C    C  N N 16  
ARG O    O  N N 17  
ARG CB   C  N N 18  
ARG CG   C  N N 19  
ARG CD   C  N N 20  
ARG NE   N  N N 21  
ARG CZ   C  N N 22  
ARG NH1  N  N N 23  
ARG NH2  N  N N 24  
ARG OXT  O  N N 25  
ARG H    H  N N 26  
ARG H2   H  N N 27  
ARG HA   H  N N 28  
ARG HB2  H  N N 29  
ARG HB3  H  N N 30  
ARG HG2  H  N N 31  
ARG HG3  H  N N 32  
ARG HD2  H  N N 33  
ARG HD3  H  N N 34  
ARG HE   H  N N 35  
ARG HH11 H  N N 36  
ARG HH12 H  N N 37  
ARG HH21 H  N N 38  
ARG HH22 H  N N 39  
ARG HXT  H  N N 40  
ARS AS   AS N N 41  
ASN N    N  N N 42  
ASN CA   C  N S 43  
ASN C    C  N N 44  
ASN O    O  N N 45  
ASN CB   C  N N 46  
ASN CG   C  N N 47  
ASN OD1  O  N N 48  
ASN ND2  N  N N 49  
ASN OXT  O  N N 50  
ASN H    H  N N 51  
ASN H2   H  N N 52  
ASN HA   H  N N 53  
ASN HB2  H  N N 54  
ASN HB3  H  N N 55  
ASN HD21 H  N N 56  
ASN HD22 H  N N 57  
ASN HXT  H  N N 58  
ASP N    N  N N 59  
ASP CA   C  N S 60  
ASP C    C  N N 61  
ASP O    O  N N 62  
ASP CB   C  N N 63  
ASP CG   C  N N 64  
ASP OD1  O  N N 65  
ASP OD2  O  N N 66  
ASP OXT  O  N N 67  
ASP H    H  N N 68  
ASP H2   H  N N 69  
ASP HA   H  N N 70  
ASP HB2  H  N N 71  
ASP HB3  H  N N 72  
ASP HD2  H  N N 73  
ASP HXT  H  N N 74  
CGN CB   C  N N 75  
CGN CG   C  N N 76  
CGN CD   C  N N 77  
CGN N    N  N N 78  
CGN OE1  O  N N 79  
CGN C    C  N N 80  
CGN CA   C  N S 81  
CGN O    O  N N 82  
CGN HB1  H  N N 83  
CGN HB2  H  N N 84  
CGN HG1  H  N N 85  
CGN HG2  H  N N 86  
CGN HN   H  N N 87  
CGN H    H  N N 88  
CGN HA   H  N N 89  
CYS N    N  N N 90  
CYS CA   C  N R 91  
CYS C    C  N N 92  
CYS O    O  N N 93  
CYS CB   C  N N 94  
CYS SG   S  N N 95  
CYS OXT  O  N N 96  
CYS H    H  N N 97  
CYS H2   H  N N 98  
CYS HA   H  N N 99  
CYS HB2  H  N N 100 
CYS HB3  H  N N 101 
CYS HG   H  N N 102 
CYS HXT  H  N N 103 
GLN N    N  N N 104 
GLN CA   C  N S 105 
GLN C    C  N N 106 
GLN O    O  N N 107 
GLN CB   C  N N 108 
GLN CG   C  N N 109 
GLN CD   C  N N 110 
GLN OE1  O  N N 111 
GLN NE2  N  N N 112 
GLN OXT  O  N N 113 
GLN H    H  N N 114 
GLN H2   H  N N 115 
GLN HA   H  N N 116 
GLN HB2  H  N N 117 
GLN HB3  H  N N 118 
GLN HG2  H  N N 119 
GLN HG3  H  N N 120 
GLN HE21 H  N N 121 
GLN HE22 H  N N 122 
GLN HXT  H  N N 123 
GLU N    N  N N 124 
GLU CA   C  N S 125 
GLU C    C  N N 126 
GLU O    O  N N 127 
GLU CB   C  N N 128 
GLU CG   C  N N 129 
GLU CD   C  N N 130 
GLU OE1  O  N N 131 
GLU OE2  O  N N 132 
GLU OXT  O  N N 133 
GLU H    H  N N 134 
GLU H2   H  N N 135 
GLU HA   H  N N 136 
GLU HB2  H  N N 137 
GLU HB3  H  N N 138 
GLU HG2  H  N N 139 
GLU HG3  H  N N 140 
GLU HE2  H  N N 141 
GLU HXT  H  N N 142 
GLY N    N  N N 143 
GLY CA   C  N N 144 
GLY C    C  N N 145 
GLY O    O  N N 146 
GLY OXT  O  N N 147 
GLY H    H  N N 148 
GLY H2   H  N N 149 
GLY HA2  H  N N 150 
GLY HA3  H  N N 151 
GLY HXT  H  N N 152 
HEM CHA  C  N N 153 
HEM CHB  C  N N 154 
HEM CHC  C  N N 155 
HEM CHD  C  N N 156 
HEM C1A  C  Y N 157 
HEM C2A  C  Y N 158 
HEM C3A  C  Y N 159 
HEM C4A  C  Y N 160 
HEM CMA  C  N N 161 
HEM CAA  C  N N 162 
HEM CBA  C  N N 163 
HEM CGA  C  N N 164 
HEM O1A  O  N N 165 
HEM O2A  O  N N 166 
HEM C1B  C  N N 167 
HEM C2B  C  N N 168 
HEM C3B  C  N N 169 
HEM C4B  C  N N 170 
HEM CMB  C  N N 171 
HEM CAB  C  N N 172 
HEM CBB  C  N N 173 
HEM C1C  C  Y N 174 
HEM C2C  C  Y N 175 
HEM C3C  C  Y N 176 
HEM C4C  C  Y N 177 
HEM CMC  C  N N 178 
HEM CAC  C  N N 179 
HEM CBC  C  N N 180 
HEM C1D  C  N N 181 
HEM C2D  C  N N 182 
HEM C3D  C  N N 183 
HEM C4D  C  N N 184 
HEM CMD  C  N N 185 
HEM CAD  C  N N 186 
HEM CBD  C  N N 187 
HEM CGD  C  N N 188 
HEM O1D  O  N N 189 
HEM O2D  O  N N 190 
HEM NA   N  Y N 191 
HEM NB   N  N N 192 
HEM NC   N  Y N 193 
HEM ND   N  N N 194 
HEM FE   FE N N 195 
HEM HHB  H  N N 196 
HEM HHC  H  N N 197 
HEM HHD  H  N N 198 
HEM HMA  H  N N 199 
HEM HMAA H  N N 200 
HEM HMAB H  N N 201 
HEM HAA  H  N N 202 
HEM HAAA H  N N 203 
HEM HBA  H  N N 204 
HEM HBAA H  N N 205 
HEM HMB  H  N N 206 
HEM HMBA H  N N 207 
HEM HMBB H  N N 208 
HEM HAB  H  N N 209 
HEM HBB  H  N N 210 
HEM HBBA H  N N 211 
HEM HMC  H  N N 212 
HEM HMCA H  N N 213 
HEM HMCB H  N N 214 
HEM HAC  H  N N 215 
HEM HBC  H  N N 216 
HEM HBCA H  N N 217 
HEM HMD  H  N N 218 
HEM HMDA H  N N 219 
HEM HMDB H  N N 220 
HEM HAD  H  N N 221 
HEM HADA H  N N 222 
HEM HBD  H  N N 223 
HEM HBDA H  N N 224 
HEM H2A  H  N N 225 
HEM H2D  H  N N 226 
HEM HHA  H  N N 227 
HIS N    N  N N 228 
HIS CA   C  N S 229 
HIS C    C  N N 230 
HIS O    O  N N 231 
HIS CB   C  N N 232 
HIS CG   C  Y N 233 
HIS ND1  N  Y N 234 
HIS CD2  C  Y N 235 
HIS CE1  C  Y N 236 
HIS NE2  N  Y N 237 
HIS OXT  O  N N 238 
HIS H    H  N N 239 
HIS H2   H  N N 240 
HIS HA   H  N N 241 
HIS HB2  H  N N 242 
HIS HB3  H  N N 243 
HIS HD1  H  N N 244 
HIS HD2  H  N N 245 
HIS HE1  H  N N 246 
HIS HE2  H  N N 247 
HIS HXT  H  N N 248 
HOH O    O  N N 249 
HOH H1   H  N N 250 
HOH H2   H  N N 251 
ILE N    N  N N 252 
ILE CA   C  N S 253 
ILE C    C  N N 254 
ILE O    O  N N 255 
ILE CB   C  N S 256 
ILE CG1  C  N N 257 
ILE CG2  C  N N 258 
ILE CD1  C  N N 259 
ILE OXT  O  N N 260 
ILE H    H  N N 261 
ILE H2   H  N N 262 
ILE HA   H  N N 263 
ILE HB   H  N N 264 
ILE HG12 H  N N 265 
ILE HG13 H  N N 266 
ILE HG21 H  N N 267 
ILE HG22 H  N N 268 
ILE HG23 H  N N 269 
ILE HD11 H  N N 270 
ILE HD12 H  N N 271 
ILE HD13 H  N N 272 
ILE HXT  H  N N 273 
LEU N    N  N N 274 
LEU CA   C  N S 275 
LEU C    C  N N 276 
LEU O    O  N N 277 
LEU CB   C  N N 278 
LEU CG   C  N N 279 
LEU CD1  C  N N 280 
LEU CD2  C  N N 281 
LEU OXT  O  N N 282 
LEU H    H  N N 283 
LEU H2   H  N N 284 
LEU HA   H  N N 285 
LEU HB2  H  N N 286 
LEU HB3  H  N N 287 
LEU HG   H  N N 288 
LEU HD11 H  N N 289 
LEU HD12 H  N N 290 
LEU HD13 H  N N 291 
LEU HD21 H  N N 292 
LEU HD22 H  N N 293 
LEU HD23 H  N N 294 
LEU HXT  H  N N 295 
LYS N    N  N N 296 
LYS CA   C  N S 297 
LYS C    C  N N 298 
LYS O    O  N N 299 
LYS CB   C  N N 300 
LYS CG   C  N N 301 
LYS CD   C  N N 302 
LYS CE   C  N N 303 
LYS NZ   N  N N 304 
LYS OXT  O  N N 305 
LYS H    H  N N 306 
LYS H2   H  N N 307 
LYS HA   H  N N 308 
LYS HB2  H  N N 309 
LYS HB3  H  N N 310 
LYS HG2  H  N N 311 
LYS HG3  H  N N 312 
LYS HD2  H  N N 313 
LYS HD3  H  N N 314 
LYS HE2  H  N N 315 
LYS HE3  H  N N 316 
LYS HZ1  H  N N 317 
LYS HZ2  H  N N 318 
LYS HZ3  H  N N 319 
LYS HXT  H  N N 320 
MET N    N  N N 321 
MET CA   C  N S 322 
MET C    C  N N 323 
MET O    O  N N 324 
MET CB   C  N N 325 
MET CG   C  N N 326 
MET SD   S  N N 327 
MET CE   C  N N 328 
MET OXT  O  N N 329 
MET H    H  N N 330 
MET H2   H  N N 331 
MET HA   H  N N 332 
MET HB2  H  N N 333 
MET HB3  H  N N 334 
MET HG2  H  N N 335 
MET HG3  H  N N 336 
MET HE1  H  N N 337 
MET HE2  H  N N 338 
MET HE3  H  N N 339 
MET HXT  H  N N 340 
PHE N    N  N N 341 
PHE CA   C  N S 342 
PHE C    C  N N 343 
PHE O    O  N N 344 
PHE CB   C  N N 345 
PHE CG   C  Y N 346 
PHE CD1  C  Y N 347 
PHE CD2  C  Y N 348 
PHE CE1  C  Y N 349 
PHE CE2  C  Y N 350 
PHE CZ   C  Y N 351 
PHE OXT  O  N N 352 
PHE H    H  N N 353 
PHE H2   H  N N 354 
PHE HA   H  N N 355 
PHE HB2  H  N N 356 
PHE HB3  H  N N 357 
PHE HD1  H  N N 358 
PHE HD2  H  N N 359 
PHE HE1  H  N N 360 
PHE HE2  H  N N 361 
PHE HZ   H  N N 362 
PHE HXT  H  N N 363 
PRO N    N  N N 364 
PRO CA   C  N S 365 
PRO C    C  N N 366 
PRO O    O  N N 367 
PRO CB   C  N N 368 
PRO CG   C  N N 369 
PRO CD   C  N N 370 
PRO OXT  O  N N 371 
PRO H    H  N N 372 
PRO HA   H  N N 373 
PRO HB2  H  N N 374 
PRO HB3  H  N N 375 
PRO HG2  H  N N 376 
PRO HG3  H  N N 377 
PRO HD2  H  N N 378 
PRO HD3  H  N N 379 
PRO HXT  H  N N 380 
SER N    N  N N 381 
SER CA   C  N S 382 
SER C    C  N N 383 
SER O    O  N N 384 
SER CB   C  N N 385 
SER OG   O  N N 386 
SER OXT  O  N N 387 
SER H    H  N N 388 
SER H2   H  N N 389 
SER HA   H  N N 390 
SER HB2  H  N N 391 
SER HB3  H  N N 392 
SER HG   H  N N 393 
SER HXT  H  N N 394 
THR N    N  N N 395 
THR CA   C  N S 396 
THR C    C  N N 397 
THR O    O  N N 398 
THR CB   C  N R 399 
THR OG1  O  N N 400 
THR CG2  C  N N 401 
THR OXT  O  N N 402 
THR H    H  N N 403 
THR H2   H  N N 404 
THR HA   H  N N 405 
THR HB   H  N N 406 
THR HG1  H  N N 407 
THR HG21 H  N N 408 
THR HG22 H  N N 409 
THR HG23 H  N N 410 
THR HXT  H  N N 411 
TRP N    N  N N 412 
TRP CA   C  N S 413 
TRP C    C  N N 414 
TRP O    O  N N 415 
TRP CB   C  N N 416 
TRP CG   C  Y N 417 
TRP CD1  C  Y N 418 
TRP CD2  C  Y N 419 
TRP NE1  N  Y N 420 
TRP CE2  C  Y N 421 
TRP CE3  C  Y N 422 
TRP CZ2  C  Y N 423 
TRP CZ3  C  Y N 424 
TRP CH2  C  Y N 425 
TRP OXT  O  N N 426 
TRP H    H  N N 427 
TRP H2   H  N N 428 
TRP HA   H  N N 429 
TRP HB2  H  N N 430 
TRP HB3  H  N N 431 
TRP HD1  H  N N 432 
TRP HE1  H  N N 433 
TRP HE3  H  N N 434 
TRP HZ2  H  N N 435 
TRP HZ3  H  N N 436 
TRP HH2  H  N N 437 
TRP HXT  H  N N 438 
TYR N    N  N N 439 
TYR CA   C  N S 440 
TYR C    C  N N 441 
TYR O    O  N N 442 
TYR CB   C  N N 443 
TYR CG   C  Y N 444 
TYR CD1  C  Y N 445 
TYR CD2  C  Y N 446 
TYR CE1  C  Y N 447 
TYR CE2  C  Y N 448 
TYR CZ   C  Y N 449 
TYR OH   O  N N 450 
TYR OXT  O  N N 451 
TYR H    H  N N 452 
TYR H2   H  N N 453 
TYR HA   H  N N 454 
TYR HB2  H  N N 455 
TYR HB3  H  N N 456 
TYR HD1  H  N N 457 
TYR HD2  H  N N 458 
TYR HE1  H  N N 459 
TYR HE2  H  N N 460 
TYR HH   H  N N 461 
TYR HXT  H  N N 462 
VAL N    N  N N 463 
VAL CA   C  N S 464 
VAL C    C  N N 465 
VAL O    O  N N 466 
VAL CB   C  N N 467 
VAL CG1  C  N N 468 
VAL CG2  C  N N 469 
VAL OXT  O  N N 470 
VAL H    H  N N 471 
VAL H2   H  N N 472 
VAL HA   H  N N 473 
VAL HB   H  N N 474 
VAL HG11 H  N N 475 
VAL HG12 H  N N 476 
VAL HG13 H  N N 477 
VAL HG21 H  N N 478 
VAL HG22 H  N N 479 
VAL HG23 H  N N 480 
VAL HXT  H  N N 481 
ZN  ZN   ZN N N 482 
# 
loop_
_chem_comp_bond.comp_id 
_chem_comp_bond.atom_id_1 
_chem_comp_bond.atom_id_2 
_chem_comp_bond.value_order 
_chem_comp_bond.pdbx_aromatic_flag 
_chem_comp_bond.pdbx_stereo_config 
_chem_comp_bond.pdbx_ordinal 
ALA N   CA   sing N N 1   
ALA N   H    sing N N 2   
ALA N   H2   sing N N 3   
ALA CA  C    sing N N 4   
ALA CA  CB   sing N N 5   
ALA CA  HA   sing N N 6   
ALA C   O    doub N N 7   
ALA C   OXT  sing N N 8   
ALA CB  HB1  sing N N 9   
ALA CB  HB2  sing N N 10  
ALA CB  HB3  sing N N 11  
ALA OXT HXT  sing N N 12  
ARG N   CA   sing N N 13  
ARG N   H    sing N N 14  
ARG N   H2   sing N N 15  
ARG CA  C    sing N N 16  
ARG CA  CB   sing N N 17  
ARG CA  HA   sing N N 18  
ARG C   O    doub N N 19  
ARG C   OXT  sing N N 20  
ARG CB  CG   sing N N 21  
ARG CB  HB2  sing N N 22  
ARG CB  HB3  sing N N 23  
ARG CG  CD   sing N N 24  
ARG CG  HG2  sing N N 25  
ARG CG  HG3  sing N N 26  
ARG CD  NE   sing N N 27  
ARG CD  HD2  sing N N 28  
ARG CD  HD3  sing N N 29  
ARG NE  CZ   sing N N 30  
ARG NE  HE   sing N N 31  
ARG CZ  NH1  sing N N 32  
ARG CZ  NH2  doub N N 33  
ARG NH1 HH11 sing N N 34  
ARG NH1 HH12 sing N N 35  
ARG NH2 HH21 sing N N 36  
ARG NH2 HH22 sing N N 37  
ARG OXT HXT  sing N N 38  
ASN N   CA   sing N N 39  
ASN N   H    sing N N 40  
ASN N   H2   sing N N 41  
ASN CA  C    sing N N 42  
ASN CA  CB   sing N N 43  
ASN CA  HA   sing N N 44  
ASN C   O    doub N N 45  
ASN C   OXT  sing N N 46  
ASN CB  CG   sing N N 47  
ASN CB  HB2  sing N N 48  
ASN CB  HB3  sing N N 49  
ASN CG  OD1  doub N N 50  
ASN CG  ND2  sing N N 51  
ASN ND2 HD21 sing N N 52  
ASN ND2 HD22 sing N N 53  
ASN OXT HXT  sing N N 54  
ASP N   CA   sing N N 55  
ASP N   H    sing N N 56  
ASP N   H2   sing N N 57  
ASP CA  C    sing N N 58  
ASP CA  CB   sing N N 59  
ASP CA  HA   sing N N 60  
ASP C   O    doub N N 61  
ASP C   OXT  sing N N 62  
ASP CB  CG   sing N N 63  
ASP CB  HB2  sing N N 64  
ASP CB  HB3  sing N N 65  
ASP CG  OD1  doub N N 66  
ASP CG  OD2  sing N N 67  
ASP OD2 HD2  sing N N 68  
ASP OXT HXT  sing N N 69  
CGN CB  CG   sing N N 70  
CGN CB  CA   sing N N 71  
CGN CB  HB1  sing N N 72  
CGN CB  HB2  sing N N 73  
CGN CG  CD   sing N N 74  
CGN CG  HG1  sing N N 75  
CGN CG  HG2  sing N N 76  
CGN CD  N    sing N N 77  
CGN CD  OE1  doub N N 78  
CGN N   CA   sing N N 79  
CGN N   HN   sing N N 80  
CGN C   CA   sing N N 81  
CGN C   O    doub N N 82  
CGN C   H    sing N N 83  
CGN CA  HA   sing N N 84  
CYS N   CA   sing N N 85  
CYS N   H    sing N N 86  
CYS N   H2   sing N N 87  
CYS CA  C    sing N N 88  
CYS CA  CB   sing N N 89  
CYS CA  HA   sing N N 90  
CYS C   O    doub N N 91  
CYS C   OXT  sing N N 92  
CYS CB  SG   sing N N 93  
CYS CB  HB2  sing N N 94  
CYS CB  HB3  sing N N 95  
CYS SG  HG   sing N N 96  
CYS OXT HXT  sing N N 97  
GLN N   CA   sing N N 98  
GLN N   H    sing N N 99  
GLN N   H2   sing N N 100 
GLN CA  C    sing N N 101 
GLN CA  CB   sing N N 102 
GLN CA  HA   sing N N 103 
GLN C   O    doub N N 104 
GLN C   OXT  sing N N 105 
GLN CB  CG   sing N N 106 
GLN CB  HB2  sing N N 107 
GLN CB  HB3  sing N N 108 
GLN CG  CD   sing N N 109 
GLN CG  HG2  sing N N 110 
GLN CG  HG3  sing N N 111 
GLN CD  OE1  doub N N 112 
GLN CD  NE2  sing N N 113 
GLN NE2 HE21 sing N N 114 
GLN NE2 HE22 sing N N 115 
GLN OXT HXT  sing N N 116 
GLU N   CA   sing N N 117 
GLU N   H    sing N N 118 
GLU N   H2   sing N N 119 
GLU CA  C    sing N N 120 
GLU CA  CB   sing N N 121 
GLU CA  HA   sing N N 122 
GLU C   O    doub N N 123 
GLU C   OXT  sing N N 124 
GLU CB  CG   sing N N 125 
GLU CB  HB2  sing N N 126 
GLU CB  HB3  sing N N 127 
GLU CG  CD   sing N N 128 
GLU CG  HG2  sing N N 129 
GLU CG  HG3  sing N N 130 
GLU CD  OE1  doub N N 131 
GLU CD  OE2  sing N N 132 
GLU OE2 HE2  sing N N 133 
GLU OXT HXT  sing N N 134 
GLY N   CA   sing N N 135 
GLY N   H    sing N N 136 
GLY N   H2   sing N N 137 
GLY CA  C    sing N N 138 
GLY CA  HA2  sing N N 139 
GLY CA  HA3  sing N N 140 
GLY C   O    doub N N 141 
GLY C   OXT  sing N N 142 
GLY OXT HXT  sing N N 143 
HEM CHA C1A  sing N N 144 
HEM CHA C4D  doub N N 145 
HEM CHA HHA  sing N N 146 
HEM CHB C4A  sing N N 147 
HEM CHB C1B  doub N N 148 
HEM CHB HHB  sing N N 149 
HEM CHC C4B  sing N N 150 
HEM CHC C1C  doub N N 151 
HEM CHC HHC  sing N N 152 
HEM CHD C4C  doub N N 153 
HEM CHD C1D  sing N N 154 
HEM CHD HHD  sing N N 155 
HEM C1A C2A  doub Y N 156 
HEM C1A NA   sing Y N 157 
HEM C2A C3A  sing Y N 158 
HEM C2A CAA  sing N N 159 
HEM C3A C4A  doub Y N 160 
HEM C3A CMA  sing N N 161 
HEM C4A NA   sing Y N 162 
HEM CMA HMA  sing N N 163 
HEM CMA HMAA sing N N 164 
HEM CMA HMAB sing N N 165 
HEM CAA CBA  sing N N 166 
HEM CAA HAA  sing N N 167 
HEM CAA HAAA sing N N 168 
HEM CBA CGA  sing N N 169 
HEM CBA HBA  sing N N 170 
HEM CBA HBAA sing N N 171 
HEM CGA O1A  doub N N 172 
HEM CGA O2A  sing N N 173 
HEM C1B C2B  sing N N 174 
HEM C1B NB   sing N N 175 
HEM C2B C3B  doub N N 176 
HEM C2B CMB  sing N N 177 
HEM C3B C4B  sing N N 178 
HEM C3B CAB  sing N N 179 
HEM C4B NB   doub N N 180 
HEM CMB HMB  sing N N 181 
HEM CMB HMBA sing N N 182 
HEM CMB HMBB sing N N 183 
HEM CAB CBB  doub N N 184 
HEM CAB HAB  sing N N 185 
HEM CBB HBB  sing N N 186 
HEM CBB HBBA sing N N 187 
HEM C1C C2C  sing Y N 188 
HEM C1C NC   sing Y N 189 
HEM C2C C3C  doub Y N 190 
HEM C2C CMC  sing N N 191 
HEM C3C C4C  sing Y N 192 
HEM C3C CAC  sing N N 193 
HEM C4C NC   sing Y N 194 
HEM CMC HMC  sing N N 195 
HEM CMC HMCA sing N N 196 
HEM CMC HMCB sing N N 197 
HEM CAC CBC  doub N N 198 
HEM CAC HAC  sing N N 199 
HEM CBC HBC  sing N N 200 
HEM CBC HBCA sing N N 201 
HEM C1D C2D  sing N N 202 
HEM C1D ND   doub N N 203 
HEM C2D C3D  doub N N 204 
HEM C2D CMD  sing N N 205 
HEM C3D C4D  sing N N 206 
HEM C3D CAD  sing N N 207 
HEM C4D ND   sing N N 208 
HEM CMD HMD  sing N N 209 
HEM CMD HMDA sing N N 210 
HEM CMD HMDB sing N N 211 
HEM CAD CBD  sing N N 212 
HEM CAD HAD  sing N N 213 
HEM CAD HADA sing N N 214 
HEM CBD CGD  sing N N 215 
HEM CBD HBD  sing N N 216 
HEM CBD HBDA sing N N 217 
HEM CGD O1D  doub N N 218 
HEM CGD O2D  sing N N 219 
HEM O2A H2A  sing N N 220 
HEM O2D H2D  sing N N 221 
HEM FE  NA   sing N N 222 
HEM FE  NB   sing N N 223 
HEM FE  NC   sing N N 224 
HEM FE  ND   sing N N 225 
HIS N   CA   sing N N 226 
HIS N   H    sing N N 227 
HIS N   H2   sing N N 228 
HIS CA  C    sing N N 229 
HIS CA  CB   sing N N 230 
HIS CA  HA   sing N N 231 
HIS C   O    doub N N 232 
HIS C   OXT  sing N N 233 
HIS CB  CG   sing N N 234 
HIS CB  HB2  sing N N 235 
HIS CB  HB3  sing N N 236 
HIS CG  ND1  sing Y N 237 
HIS CG  CD2  doub Y N 238 
HIS ND1 CE1  doub Y N 239 
HIS ND1 HD1  sing N N 240 
HIS CD2 NE2  sing Y N 241 
HIS CD2 HD2  sing N N 242 
HIS CE1 NE2  sing Y N 243 
HIS CE1 HE1  sing N N 244 
HIS NE2 HE2  sing N N 245 
HIS OXT HXT  sing N N 246 
HOH O   H1   sing N N 247 
HOH O   H2   sing N N 248 
ILE N   CA   sing N N 249 
ILE N   H    sing N N 250 
ILE N   H2   sing N N 251 
ILE CA  C    sing N N 252 
ILE CA  CB   sing N N 253 
ILE CA  HA   sing N N 254 
ILE C   O    doub N N 255 
ILE C   OXT  sing N N 256 
ILE CB  CG1  sing N N 257 
ILE CB  CG2  sing N N 258 
ILE CB  HB   sing N N 259 
ILE CG1 CD1  sing N N 260 
ILE CG1 HG12 sing N N 261 
ILE CG1 HG13 sing N N 262 
ILE CG2 HG21 sing N N 263 
ILE CG2 HG22 sing N N 264 
ILE CG2 HG23 sing N N 265 
ILE CD1 HD11 sing N N 266 
ILE CD1 HD12 sing N N 267 
ILE CD1 HD13 sing N N 268 
ILE OXT HXT  sing N N 269 
LEU N   CA   sing N N 270 
LEU N   H    sing N N 271 
LEU N   H2   sing N N 272 
LEU CA  C    sing N N 273 
LEU CA  CB   sing N N 274 
LEU CA  HA   sing N N 275 
LEU C   O    doub N N 276 
LEU C   OXT  sing N N 277 
LEU CB  CG   sing N N 278 
LEU CB  HB2  sing N N 279 
LEU CB  HB3  sing N N 280 
LEU CG  CD1  sing N N 281 
LEU CG  CD2  sing N N 282 
LEU CG  HG   sing N N 283 
LEU CD1 HD11 sing N N 284 
LEU CD1 HD12 sing N N 285 
LEU CD1 HD13 sing N N 286 
LEU CD2 HD21 sing N N 287 
LEU CD2 HD22 sing N N 288 
LEU CD2 HD23 sing N N 289 
LEU OXT HXT  sing N N 290 
LYS N   CA   sing N N 291 
LYS N   H    sing N N 292 
LYS N   H2   sing N N 293 
LYS CA  C    sing N N 294 
LYS CA  CB   sing N N 295 
LYS CA  HA   sing N N 296 
LYS C   O    doub N N 297 
LYS C   OXT  sing N N 298 
LYS CB  CG   sing N N 299 
LYS CB  HB2  sing N N 300 
LYS CB  HB3  sing N N 301 
LYS CG  CD   sing N N 302 
LYS CG  HG2  sing N N 303 
LYS CG  HG3  sing N N 304 
LYS CD  CE   sing N N 305 
LYS CD  HD2  sing N N 306 
LYS CD  HD3  sing N N 307 
LYS CE  NZ   sing N N 308 
LYS CE  HE2  sing N N 309 
LYS CE  HE3  sing N N 310 
LYS NZ  HZ1  sing N N 311 
LYS NZ  HZ2  sing N N 312 
LYS NZ  HZ3  sing N N 313 
LYS OXT HXT  sing N N 314 
MET N   CA   sing N N 315 
MET N   H    sing N N 316 
MET N   H2   sing N N 317 
MET CA  C    sing N N 318 
MET CA  CB   sing N N 319 
MET CA  HA   sing N N 320 
MET C   O    doub N N 321 
MET C   OXT  sing N N 322 
MET CB  CG   sing N N 323 
MET CB  HB2  sing N N 324 
MET CB  HB3  sing N N 325 
MET CG  SD   sing N N 326 
MET CG  HG2  sing N N 327 
MET CG  HG3  sing N N 328 
MET SD  CE   sing N N 329 
MET CE  HE1  sing N N 330 
MET CE  HE2  sing N N 331 
MET CE  HE3  sing N N 332 
MET OXT HXT  sing N N 333 
PHE N   CA   sing N N 334 
PHE N   H    sing N N 335 
PHE N   H2   sing N N 336 
PHE CA  C    sing N N 337 
PHE CA  CB   sing N N 338 
PHE CA  HA   sing N N 339 
PHE C   O    doub N N 340 
PHE C   OXT  sing N N 341 
PHE CB  CG   sing N N 342 
PHE CB  HB2  sing N N 343 
PHE CB  HB3  sing N N 344 
PHE CG  CD1  doub Y N 345 
PHE CG  CD2  sing Y N 346 
PHE CD1 CE1  sing Y N 347 
PHE CD1 HD1  sing N N 348 
PHE CD2 CE2  doub Y N 349 
PHE CD2 HD2  sing N N 350 
PHE CE1 CZ   doub Y N 351 
PHE CE1 HE1  sing N N 352 
PHE CE2 CZ   sing Y N 353 
PHE CE2 HE2  sing N N 354 
PHE CZ  HZ   sing N N 355 
PHE OXT HXT  sing N N 356 
PRO N   CA   sing N N 357 
PRO N   CD   sing N N 358 
PRO N   H    sing N N 359 
PRO CA  C    sing N N 360 
PRO CA  CB   sing N N 361 
PRO CA  HA   sing N N 362 
PRO C   O    doub N N 363 
PRO C   OXT  sing N N 364 
PRO CB  CG   sing N N 365 
PRO CB  HB2  sing N N 366 
PRO CB  HB3  sing N N 367 
PRO CG  CD   sing N N 368 
PRO CG  HG2  sing N N 369 
PRO CG  HG3  sing N N 370 
PRO CD  HD2  sing N N 371 
PRO CD  HD3  sing N N 372 
PRO OXT HXT  sing N N 373 
SER N   CA   sing N N 374 
SER N   H    sing N N 375 
SER N   H2   sing N N 376 
SER CA  C    sing N N 377 
SER CA  CB   sing N N 378 
SER CA  HA   sing N N 379 
SER C   O    doub N N 380 
SER C   OXT  sing N N 381 
SER CB  OG   sing N N 382 
SER CB  HB2  sing N N 383 
SER CB  HB3  sing N N 384 
SER OG  HG   sing N N 385 
SER OXT HXT  sing N N 386 
THR N   CA   sing N N 387 
THR N   H    sing N N 388 
THR N   H2   sing N N 389 
THR CA  C    sing N N 390 
THR CA  CB   sing N N 391 
THR CA  HA   sing N N 392 
THR C   O    doub N N 393 
THR C   OXT  sing N N 394 
THR CB  OG1  sing N N 395 
THR CB  CG2  sing N N 396 
THR CB  HB   sing N N 397 
THR OG1 HG1  sing N N 398 
THR CG2 HG21 sing N N 399 
THR CG2 HG22 sing N N 400 
THR CG2 HG23 sing N N 401 
THR OXT HXT  sing N N 402 
TRP N   CA   sing N N 403 
TRP N   H    sing N N 404 
TRP N   H2   sing N N 405 
TRP CA  C    sing N N 406 
TRP CA  CB   sing N N 407 
TRP CA  HA   sing N N 408 
TRP C   O    doub N N 409 
TRP C   OXT  sing N N 410 
TRP CB  CG   sing N N 411 
TRP CB  HB2  sing N N 412 
TRP CB  HB3  sing N N 413 
TRP CG  CD1  doub Y N 414 
TRP CG  CD2  sing Y N 415 
TRP CD1 NE1  sing Y N 416 
TRP CD1 HD1  sing N N 417 
TRP CD2 CE2  doub Y N 418 
TRP CD2 CE3  sing Y N 419 
TRP NE1 CE2  sing Y N 420 
TRP NE1 HE1  sing N N 421 
TRP CE2 CZ2  sing Y N 422 
TRP CE3 CZ3  doub Y N 423 
TRP CE3 HE3  sing N N 424 
TRP CZ2 CH2  doub Y N 425 
TRP CZ2 HZ2  sing N N 426 
TRP CZ3 CH2  sing Y N 427 
TRP CZ3 HZ3  sing N N 428 
TRP CH2 HH2  sing N N 429 
TRP OXT HXT  sing N N 430 
TYR N   CA   sing N N 431 
TYR N   H    sing N N 432 
TYR N   H2   sing N N 433 
TYR CA  C    sing N N 434 
TYR CA  CB   sing N N 435 
TYR CA  HA   sing N N 436 
TYR C   O    doub N N 437 
TYR C   OXT  sing N N 438 
TYR CB  CG   sing N N 439 
TYR CB  HB2  sing N N 440 
TYR CB  HB3  sing N N 441 
TYR CG  CD1  doub Y N 442 
TYR CG  CD2  sing Y N 443 
TYR CD1 CE1  sing Y N 444 
TYR CD1 HD1  sing N N 445 
TYR CD2 CE2  doub Y N 446 
TYR CD2 HD2  sing N N 447 
TYR CE1 CZ   doub Y N 448 
TYR CE1 HE1  sing N N 449 
TYR CE2 CZ   sing Y N 450 
TYR CE2 HE2  sing N N 451 
TYR CZ  OH   sing N N 452 
TYR OH  HH   sing N N 453 
TYR OXT HXT  sing N N 454 
VAL N   CA   sing N N 455 
VAL N   H    sing N N 456 
VAL N   H2   sing N N 457 
VAL CA  C    sing N N 458 
VAL CA  CB   sing N N 459 
VAL CA  HA   sing N N 460 
VAL C   O    doub N N 461 
VAL C   OXT  sing N N 462 
VAL CB  CG1  sing N N 463 
VAL CB  CG2  sing N N 464 
VAL CB  HB   sing N N 465 
VAL CG1 HG11 sing N N 466 
VAL CG1 HG12 sing N N 467 
VAL CG1 HG13 sing N N 468 
VAL CG2 HG21 sing N N 469 
VAL CG2 HG22 sing N N 470 
VAL CG2 HG23 sing N N 471 
VAL OXT HXT  sing N N 472 
# 
_atom_sites.entry_id                    3CAO 
_atom_sites.fract_transf_matrix[1][1]   0.00288196 
_atom_sites.fract_transf_matrix[1][2]   0.00604497 
_atom_sites.fract_transf_matrix[1][3]   0.00639389 
_atom_sites.fract_transf_matrix[2][1]   -0.00793555 
_atom_sites.fract_transf_matrix[2][2]   0.00469228 
_atom_sites.fract_transf_matrix[2][3]   -0.00085938 
_atom_sites.fract_transf_matrix[3][1]   -0.00380137 
_atom_sites.fract_transf_matrix[3][2]   -0.00521248 
_atom_sites.fract_transf_matrix[3][3]   0.00664144 
_atom_sites.fract_transf_vector[1]      0.003932 
_atom_sites.fract_transf_vector[2]      0.662590 
_atom_sites.fract_transf_vector[3]      0.313583 
# 
loop_
_atom_type.symbol 
AS 
C  
FE 
N  
O  
S  
ZN 
# 
loop_
_atom_site.group_PDB 
_atom_site.id 
_atom_site.type_symbol 
_atom_site.label_atom_id 
_atom_site.label_alt_id 
_atom_site.label_comp_id 
_atom_site.label_asym_id 
_atom_site.label_entity_id 
_atom_site.label_seq_id 
_atom_site.pdbx_PDB_ins_code 
_atom_site.Cartn_x 
_atom_site.Cartn_y 
_atom_site.Cartn_z 
_atom_site.occupancy 
_atom_site.B_iso_or_equiv 
_atom_site.pdbx_formal_charge 
_atom_site.auth_seq_id 
_atom_site.auth_comp_id 
_atom_site.auth_asym_id 
_atom_site.auth_atom_id 
_atom_site.pdbx_PDB_model_num 
HETATM 1    C  CB  . CGN A 1 1   ? -10.348 0.380   6.615   1.00 13.80 ? 1   CGN A CB  1 
HETATM 2    C  CG  . CGN A 1 1   ? -10.243 0.683   8.263   1.00 16.54 ? 1   CGN A CG  1 
HETATM 3    C  CD  . CGN A 1 1   ? -11.534 1.291   8.271   1.00 16.86 ? 1   CGN A CD  1 
HETATM 4    N  N   . CGN A 1 1   ? -12.319 1.411   7.232   1.00 14.03 ? 1   CGN A N   1 
HETATM 5    O  OE1 . CGN A 1 1   ? -11.778 2.381   9.250   1.00 15.76 ? 1   CGN A OE1 1 
HETATM 6    C  C   . CGN A 1 1   ? -12.183 -1.059  6.560   1.00 14.38 ? 1   CGN A C   1 
HETATM 7    C  CA  . CGN A 1 1   ? -11.886 0.242   6.251   1.00 14.52 ? 1   CGN A CA  1 
HETATM 8    O  O   . CGN A 1 1   ? -11.866 -2.093  5.852   1.00 11.51 ? 1   CGN A O   1 
ATOM   9    N  N   . GLU A 1 2   ? -13.191 -1.287  7.439   1.00 14.54 ? 2   GLU A N   1 
ATOM   10   C  CA  . GLU A 1 2   ? -13.590 -2.681  7.756   1.00 13.89 ? 2   GLU A CA  1 
ATOM   11   C  C   . GLU A 1 2   ? -14.247 -3.449  6.621   1.00 11.54 ? 2   GLU A C   1 
ATOM   12   O  O   . GLU A 1 2   ? -14.205 -4.694  6.640   1.00 15.70 ? 2   GLU A O   1 
ATOM   13   C  CB  . GLU A 1 2   ? -14.506 -2.716  9.000   1.00 19.39 ? 2   GLU A CB  1 
ATOM   14   C  CG  . GLU A 1 2   ? -15.950 -2.355  8.680   1.00 23.38 ? 2   GLU A CG  1 
ATOM   15   C  CD  . GLU A 1 2   ? -16.821 -2.509  9.921   1.00 29.51 ? 2   GLU A CD  1 
ATOM   16   O  OE1 . GLU A 1 2   ? -18.051 -2.642  9.854   1.00 33.80 ? 2   GLU A OE1 1 
ATOM   17   O  OE2 . GLU A 1 2   ? -16.192 -2.552  10.991  1.00 20.27 ? 2   GLU A OE2 1 
ATOM   18   N  N   . ASP A 1 3   ? -14.802 -2.777  5.618   1.00 14.21 ? 3   ASP A N   1 
ATOM   19   C  CA  . ASP A 1 3   ? -15.365 -3.464  4.472   1.00 13.74 ? 3   ASP A CA  1 
ATOM   20   C  C   . ASP A 1 3   ? -14.418 -3.619  3.284   1.00 14.46 ? 3   ASP A C   1 
ATOM   21   O  O   . ASP A 1 3   ? -14.772 -4.296  2.324   1.00 15.69 ? 3   ASP A O   1 
ATOM   22   C  CB  . ASP A 1 3   ? -16.630 -2.738  4.000   1.00 19.32 ? 3   ASP A CB  1 
ATOM   23   C  CG  . ASP A 1 3   ? -17.680 -2.635  5.096   0.80 24.62 ? 3   ASP A CG  1 
ATOM   24   O  OD1 . ASP A 1 3   ? -18.312 -1.559  5.149   0.80 27.95 ? 3   ASP A OD1 1 
ATOM   25   O  OD2 . ASP A 1 3   ? -17.891 -3.621  5.833   0.80 26.02 ? 3   ASP A OD2 1 
ATOM   26   N  N   . MET A 1 4   ? -13.153 -3.237  3.462   1.00 10.89 ? 4   MET A N   1 
ATOM   27   C  CA  . MET A 1 4   ? -12.189 -3.319  2.359   1.00 12.13 ? 4   MET A CA  1 
ATOM   28   C  C   . MET A 1 4   ? -11.759 -4.765  2.136   1.00 11.56 ? 4   MET A C   1 
ATOM   29   O  O   . MET A 1 4   ? -11.385 -5.457  3.072   1.00 13.33 ? 4   MET A O   1 
ATOM   30   C  CB  . MET A 1 4   ? -10.958 -2.455  2.654   1.00 10.10 ? 4   MET A CB  1 
ATOM   31   C  CG  . MET A 1 4   ? -9.949  -2.464  1.497   1.00 12.71 ? 4   MET A CG  1 
ATOM   32   S  SD  . MET A 1 4   ? -8.591  -1.321  1.754   1.00 12.46 ? 4   MET A SD  1 
ATOM   33   C  CE  . MET A 1 4   ? -9.421  0.168   2.289   1.00 17.08 ? 4   MET A CE  1 
ATOM   34   N  N   . THR A 1 5   ? -11.753 -5.170  0.856   1.00 9.68  ? 5   THR A N   1 
ATOM   35   C  CA  . THR A 1 5   ? -11.349 -6.531  0.521   1.00 10.97 ? 5   THR A CA  1 
ATOM   36   C  C   . THR A 1 5   ? -10.246 -6.524  -0.542  1.00 9.32  ? 5   THR A C   1 
ATOM   37   O  O   . THR A 1 5   ? -9.565  -7.544  -0.691  1.00 11.62 ? 5   THR A O   1 
ATOM   38   C  CB  . THR A 1 5   ? -12.494 -7.377  -0.058  1.00 11.15 ? 5   THR A CB  1 
ATOM   39   O  OG1 . THR A 1 5   ? -13.145 -6.602  -1.087  1.00 11.13 ? 5   THR A OG1 1 
ATOM   40   C  CG2 . THR A 1 5   ? -13.458 -7.767  1.049   1.00 14.57 ? 5   THR A CG2 1 
ATOM   41   N  N   . HIS A 1 6   ? -10.095 -5.425  -1.272  1.00 10.71 ? 6   HIS A N   1 
ATOM   42   C  CA  . HIS A 1 6   ? -8.955  -5.295  -2.218  1.00 8.60  ? 6   HIS A CA  1 
ATOM   43   C  C   . HIS A 1 6   ? -8.422  -3.883  -2.092  1.00 11.19 ? 6   HIS A C   1 
ATOM   44   O  O   . HIS A 1 6   ? -9.173  -2.980  -1.711  1.00 10.97 ? 6   HIS A O   1 
ATOM   45   C  CB  . HIS A 1 6   ? -9.405  -5.539  -3.660  1.00 11.99 ? 6   HIS A CB  1 
ATOM   46   C  CG  . HIS A 1 6   ? -10.076 -6.871  -3.859  1.00 10.49 ? 6   HIS A CG  1 
ATOM   47   N  ND1 . HIS A 1 6   ? -11.376 -7.066  -3.378  1.00 11.31 ? 6   HIS A ND1 1 
ATOM   48   C  CD2 . HIS A 1 6   ? -9.571  -8.077  -4.152  1.00 12.68 ? 6   HIS A CD2 1 
ATOM   49   C  CE1 . HIS A 1 6   ? -11.689 -8.335  -3.503  1.00 12.47 ? 6   HIS A CE1 1 
ATOM   50   N  NE2 . HIS A 1 6   ? -10.632 -8.941  -4.006  1.00 14.58 ? 6   HIS A NE2 1 
ATOM   51   N  N   . VAL A 1 7   ? -7.195  -3.611  -2.576  1.00 8.26  ? 7   VAL A N   1 
ATOM   52   C  CA  . VAL A 1 7   ? -6.712  -2.244  -2.590  1.00 9.54  ? 7   VAL A CA  1 
ATOM   53   C  C   . VAL A 1 7   ? -7.491  -1.477  -3.649  1.00 9.29  ? 7   VAL A C   1 
ATOM   54   O  O   . VAL A 1 7   ? -7.802  -2.063  -4.687  1.00 9.61  ? 7   VAL A O   1 
ATOM   55   C  CB  . VAL A 1 7   ? -5.206  -2.270  -2.937  1.00 7.87  ? 7   VAL A CB  1 
ATOM   56   C  CG1 . VAL A 1 7   ? -4.690  -0.841  -3.058  1.00 7.26  ? 7   VAL A CG1 1 
ATOM   57   C  CG2 . VAL A 1 7   ? -4.440  -3.066  -1.884  1.00 8.95  ? 7   VAL A CG2 1 
ATOM   58   N  N   . PRO A 1 8   ? -7.842  -0.244  -3.391  1.00 12.04 ? 8   PRO A N   1 
ATOM   59   C  CA  . PRO A 1 8   ? -8.475  0.654   -4.348  1.00 12.67 ? 8   PRO A CA  1 
ATOM   60   C  C   . PRO A 1 8   ? -7.702  0.722   -5.660  1.00 12.46 ? 8   PRO A C   1 
ATOM   61   O  O   . PRO A 1 8   ? -6.466  0.728   -5.635  1.00 13.03 ? 8   PRO A O   1 
ATOM   62   C  CB  . PRO A 1 8   ? -8.517  2.052   -3.693  1.00 14.33 ? 8   PRO A CB  1 
ATOM   63   C  CG  . PRO A 1 8   ? -8.468  1.677   -2.226  1.00 15.71 ? 8   PRO A CG  1 
ATOM   64   C  CD  . PRO A 1 8   ? -7.696  0.394   -2.074  1.00 10.75 ? 8   PRO A CD  1 
ATOM   65   N  N   . THR A 1 9   ? -8.419  0.767   -6.777  1.00 15.35 ? 9   THR A N   1 
ATOM   66   C  CA  . THR A 1 9   ? -7.775  0.691   -8.087  1.00 14.97 ? 9   THR A CA  1 
ATOM   67   C  C   . THR A 1 9   ? -8.288  1.767   -9.035  1.00 18.34 ? 9   THR A C   1 
ATOM   68   O  O   . THR A 1 9   ? -7.693  1.950   -10.108 1.00 19.12 ? 9   THR A O   1 
ATOM   69   C  CB  . THR A 1 9   ? -7.943  -0.670  -8.783  1.00 13.13 ? 9   THR A CB  1 
ATOM   70   O  OG1 . THR A 1 9   ? -9.340  -1.050  -8.730  1.00 13.46 ? 9   THR A OG1 1 
ATOM   71   C  CG2 . THR A 1 9   ? -7.097  -1.769  -8.191  1.00 15.03 ? 9   THR A CG2 1 
ATOM   72   N  N   . ASP A 1 10  ? -9.244  2.592   -8.636  1.00 17.33 ? 10  ASP A N   1 
ATOM   73   C  CA  . ASP A 1 10  ? -9.804  3.597   -9.548  1.00 20.35 ? 10  ASP A CA  1 
ATOM   74   C  C   . ASP A 1 10  ? -8.757  4.550   -10.106 1.00 19.66 ? 10  ASP A C   1 
ATOM   75   O  O   . ASP A 1 10  ? -8.779  4.871   -11.307 1.00 20.45 ? 10  ASP A O   1 
ATOM   76   C  CB  . ASP A 1 10  ? -10.875 4.436   -8.853  1.00 25.99 ? 10  ASP A CB  1 
ATOM   77   C  CG  . ASP A 1 10  ? -12.241 3.787   -8.816  0.80 30.17 ? 10  ASP A CG  1 
ATOM   78   O  OD1 . ASP A 1 10  ? -12.420 2.693   -9.385  0.80 29.15 ? 10  ASP A OD1 1 
ATOM   79   O  OD2 . ASP A 1 10  ? -13.113 4.345   -8.116  0.80 34.14 ? 10  ASP A OD2 1 
ATOM   80   N  N   . ALA A 1 11  ? -7.794  4.960   -9.282  1.00 15.79 ? 11  ALA A N   1 
ATOM   81   C  CA  . ALA A 1 11  ? -6.740  5.866   -9.692  1.00 16.16 ? 11  ALA A CA  1 
ATOM   82   C  C   . ALA A 1 11  ? -5.866  5.311   -10.806 1.00 18.19 ? 11  ALA A C   1 
ATOM   83   O  O   . ALA A 1 11  ? -5.239  6.143   -11.477 1.00 19.87 ? 11  ALA A O   1 
ATOM   84   C  CB  . ALA A 1 11  ? -5.880  6.222   -8.476  1.00 17.13 ? 11  ALA A CB  1 
ATOM   85   N  N   . PHE A 1 12  ? -5.781  4.002   -11.031 1.00 17.46 ? 12  PHE A N   1 
ATOM   86   C  CA  . PHE A 1 12  ? -4.975  3.468   -12.112 1.00 19.46 ? 12  PHE A CA  1 
ATOM   87   C  C   . PHE A 1 12  ? -5.625  3.575   -13.489 1.00 24.29 ? 12  PHE A C   1 
ATOM   88   O  O   . PHE A 1 12  ? -4.922  3.376   -14.492 1.00 23.61 ? 12  PHE A O   1 
ATOM   89   C  CB  . PHE A 1 12  ? -4.572  2.011   -11.830 1.00 21.04 ? 12  PHE A CB  1 
ATOM   90   C  CG  . PHE A 1 12  ? -3.550  1.939   -10.724 1.00 19.21 ? 12  PHE A CG  1 
ATOM   91   C  CD1 . PHE A 1 12  ? -3.951  1.668   -9.423  1.00 17.20 ? 12  PHE A CD1 1 
ATOM   92   C  CD2 . PHE A 1 12  ? -2.209  2.140   -10.977 1.00 19.57 ? 12  PHE A CD2 1 
ATOM   93   C  CE1 . PHE A 1 12  ? -3.024  1.612   -8.399  1.00 15.54 ? 12  PHE A CE1 1 
ATOM   94   C  CE2 . PHE A 1 12  ? -1.275  2.068   -9.957  1.00 21.05 ? 12  PHE A CE2 1 
ATOM   95   C  CZ  . PHE A 1 12  ? -1.672  1.808   -8.659  1.00 16.09 ? 12  PHE A CZ  1 
ATOM   96   N  N   . GLY A 1 13  ? -6.937  3.737   -13.571 1.00 25.11 ? 13  GLY A N   1 
ATOM   97   C  CA  . GLY A 1 13  ? -7.625  3.598   -14.863 1.00 27.20 ? 13  GLY A CA  1 
ATOM   98   C  C   . GLY A 1 13  ? -7.584  2.145   -15.317 1.00 26.70 ? 13  GLY A C   1 
ATOM   99   O  O   . GLY A 1 13  ? -7.657  1.234   -14.495 1.00 26.61 ? 13  GLY A O   1 
ATOM   100  N  N   . LYS A 1 14  ? -7.356  1.896   -16.611 1.00 27.00 ? 14  LYS A N   1 
ATOM   101  C  CA  . LYS A 1 14  ? -7.396  0.524   -17.103 1.00 25.55 ? 14  LYS A CA  1 
ATOM   102  C  C   . LYS A 1 14  ? -6.320  -0.337  -16.458 1.00 25.83 ? 14  LYS A C   1 
ATOM   103  O  O   . LYS A 1 14  ? -5.121  -0.081  -16.617 1.00 26.87 ? 14  LYS A O   1 
ATOM   104  C  CB  . LYS A 1 14  ? -7.254  0.464   -18.635 1.00 29.30 ? 14  LYS A CB  1 
ATOM   105  C  CG  . LYS A 1 14  ? -7.596  -0.922  -19.177 1.00 32.68 ? 14  LYS A CG  1 
ATOM   106  C  CD  . LYS A 1 14  ? -6.983  -1.153  -20.549 1.00 41.15 ? 14  LYS A CD  1 
ATOM   107  C  CE  . LYS A 1 14  ? -7.928  -1.919  -21.463 1.00 43.19 ? 14  LYS A CE  1 
ATOM   108  N  NZ  . LYS A 1 14  ? -8.172  -3.306  -20.969 1.00 46.62 ? 14  LYS A NZ  1 
ATOM   109  N  N   . LEU A 1 15  ? -6.724  -1.439  -15.828 1.00 23.94 ? 15  LEU A N   1 
ATOM   110  C  CA  . LEU A 1 15  ? -5.798  -2.327  -15.151 1.00 23.30 ? 15  LEU A CA  1 
ATOM   111  C  C   . LEU A 1 15  ? -5.168  -3.356  -16.081 1.00 22.53 ? 15  LEU A C   1 
ATOM   112  O  O   . LEU A 1 15  ? -5.879  -4.075  -16.797 1.00 25.20 ? 15  LEU A O   1 
ATOM   113  C  CB  . LEU A 1 15  ? -6.479  -3.074  -13.986 1.00 19.72 ? 15  LEU A CB  1 
ATOM   114  C  CG  . LEU A 1 15  ? -7.142  -2.169  -12.949 1.00 19.02 ? 15  LEU A CG  1 
ATOM   115  C  CD1 . LEU A 1 15  ? -7.881  -3.014  -11.908 1.00 15.82 ? 15  LEU A CD1 1 
ATOM   116  C  CD2 . LEU A 1 15  ? -6.109  -1.281  -12.260 1.00 20.00 ? 15  LEU A CD2 1 
ATOM   117  N  N   . GLU A 1 16  ? -3.887  -3.635  -15.867 1.00 21.32 ? 16  GLU A N   1 
ATOM   118  C  CA  . GLU A 1 16  ? -3.246  -4.835  -16.382 1.00 22.98 ? 16  GLU A CA  1 
ATOM   119  C  C   . GLU A 1 16  ? -3.593  -6.089  -15.595 1.00 23.06 ? 16  GLU A C   1 
ATOM   120  O  O   . GLU A 1 16  ? -3.476  -7.205  -16.114 1.00 22.63 ? 16  GLU A O   1 
ATOM   121  C  CB  . GLU A 1 16  ? -1.719  -4.678  -16.350 1.00 27.65 ? 16  GLU A CB  1 
ATOM   122  C  CG  . GLU A 1 16  ? -1.148  -3.621  -17.275 0.80 36.82 ? 16  GLU A CG  1 
ATOM   123  C  CD  . GLU A 1 16  ? 0.319   -3.907  -17.568 1.00 42.77 ? 16  GLU A CD  1 
ATOM   124  O  OE1 . GLU A 1 16  ? 1.066   -2.984  -17.938 1.00 46.37 ? 16  GLU A OE1 1 
ATOM   125  O  OE2 . GLU A 1 16  ? 0.714   -5.085  -17.408 1.00 47.61 ? 16  GLU A OE2 1 
ATOM   126  N  N   . ARG A 1 17  ? -3.612  -5.952  -14.263 1.00 17.86 ? 17  ARG A N   1 
ATOM   127  C  CA  . ARG A 1 17  ? -3.667  -7.073  -13.350 1.00 14.97 ? 17  ARG A CA  1 
ATOM   128  C  C   . ARG A 1 17  ? -4.961  -6.979  -12.516 1.00 15.11 ? 17  ARG A C   1 
ATOM   129  O  O   . ARG A 1 17  ? -5.565  -5.916  -12.439 1.00 16.04 ? 17  ARG A O   1 
ATOM   130  C  CB  A ARG A 1 17  ? -2.450  -7.160  -12.431 0.51 20.57 ? 17  ARG A CB  1 
ATOM   131  C  CB  B ARG A 1 17  ? -2.462  -7.049  -12.405 0.49 16.78 ? 17  ARG A CB  1 
ATOM   132  C  CG  A ARG A 1 17  ? -1.188  -7.655  -13.138 0.51 19.48 ? 17  ARG A CG  1 
ATOM   133  C  CG  B ARG A 1 17  ? -1.155  -7.448  -13.103 0.49 13.64 ? 17  ARG A CG  1 
ATOM   134  C  CD  A ARG A 1 17  ? -0.966  -9.149  -12.947 0.51 24.14 ? 17  ARG A CD  1 
ATOM   135  C  CD  B ARG A 1 17  ? -0.781  -8.868  -12.706 0.49 16.37 ? 17  ARG A CD  1 
ATOM   136  N  NE  A ARG A 1 17  ? 0.206   -9.603  -13.740 0.51 24.82 ? 17  ARG A NE  1 
ATOM   137  N  NE  B ARG A 1 17  ? 0.355   -9.408  -13.463 0.49 20.01 ? 17  ARG A NE  1 
ATOM   138  C  CZ  A ARG A 1 17  ? 0.740   -8.728  -14.593 0.51 21.83 ? 17  ARG A CZ  1 
ATOM   139  C  CZ  B ARG A 1 17  ? 0.832   -10.639 -13.319 0.49 9.32  ? 17  ARG A CZ  1 
ATOM   140  N  NH1 A ARG A 1 17  ? 0.190   -7.526  -14.637 0.51 22.06 ? 17  ARG A NH1 1 
ATOM   141  N  NH1 B ARG A 1 17  ? 1.892   -11.006 -14.039 0.49 21.00 ? 17  ARG A NH1 1 
ATOM   142  N  NH2 A ARG A 1 17  ? 1.807   -8.979  -15.332 0.51 17.74 ? 17  ARG A NH2 1 
ATOM   143  N  NH2 B ARG A 1 17  ? 0.382   -11.464 -12.384 0.49 9.71  ? 17  ARG A NH2 1 
ATOM   144  N  N   . PRO A 1 18  ? -5.367  -8.105  -12.011 1.00 17.25 ? 18  PRO A N   1 
ATOM   145  C  CA  . PRO A 1 18  ? -6.426  -8.213  -11.003 1.00 14.18 ? 18  PRO A CA  1 
ATOM   146  C  C   . PRO A 1 18  ? -6.169  -7.252  -9.854  1.00 17.08 ? 18  PRO A C   1 
ATOM   147  O  O   . PRO A 1 18  ? -5.010  -6.970  -9.544  1.00 15.94 ? 18  PRO A O   1 
ATOM   148  C  CB  . PRO A 1 18  ? -6.395  -9.652  -10.498 1.00 16.31 ? 18  PRO A CB  1 
ATOM   149  C  CG  . PRO A 1 18  ? -5.843  -10.369 -11.716 1.00 16.83 ? 18  PRO A CG  1 
ATOM   150  C  CD  . PRO A 1 18  ? -4.807  -9.430  -12.315 1.00 16.93 ? 18  PRO A CD  1 
ATOM   151  N  N   . ALA A 1 19  ? -7.242  -6.751  -9.224  1.00 13.76 ? 19  ALA A N   1 
ATOM   152  C  CA  . ALA A 1 19  ? -7.024  -5.965  -7.999  1.00 12.83 ? 19  ALA A CA  1 
ATOM   153  C  C   . ALA A 1 19  ? -6.284  -6.788  -6.961  1.00 10.86 ? 19  ALA A C   1 
ATOM   154  O  O   . ALA A 1 19  ? -6.526  -7.967  -6.730  1.00 14.22 ? 19  ALA A O   1 
ATOM   155  C  CB  . ALA A 1 19  ? -8.374  -5.502  -7.444  1.00 12.00 ? 19  ALA A CB  1 
ATOM   156  N  N   . ALA A 1 20  ? -5.358  -6.160  -6.220  1.00 9.53  ? 20  ALA A N   1 
ATOM   157  C  CA  . ALA A 1 20  ? -4.609  -6.831  -5.175  1.00 11.18 ? 20  ALA A CA  1 
ATOM   158  C  C   . ALA A 1 20  ? -5.516  -7.195  -3.997  1.00 12.23 ? 20  ALA A C   1 
ATOM   159  O  O   . ALA A 1 20  ? -6.183  -6.307  -3.446  1.00 12.13 ? 20  ALA A O   1 
ATOM   160  C  CB  . ALA A 1 20  ? -3.481  -5.927  -4.657  1.00 10.57 ? 20  ALA A CB  1 
ATOM   161  N  N   . VAL A 1 21  ? -5.466  -8.446  -3.571  1.00 9.95  ? 21  VAL A N   1 
ATOM   162  C  CA  . VAL A 1 21  ? -6.188  -8.872  -2.362  1.00 11.69 ? 21  VAL A CA  1 
ATOM   163  C  C   . VAL A 1 21  ? -5.691  -8.167  -1.118  1.00 13.68 ? 21  VAL A C   1 
ATOM   164  O  O   . VAL A 1 21  ? -4.487  -8.048  -0.897  1.00 12.23 ? 21  VAL A O   1 
ATOM   165  C  CB  . VAL A 1 21  ? -6.017  -10.401 -2.203  1.00 16.19 ? 21  VAL A CB  1 
ATOM   166  C  CG1 . VAL A 1 21  ? -6.568  -10.909 -0.885  1.00 15.90 ? 21  VAL A CG1 1 
ATOM   167  C  CG2 . VAL A 1 21  ? -6.690  -11.118 -3.374  1.00 13.03 ? 21  VAL A CG2 1 
ATOM   168  N  N   . PHE A 1 22  ? -6.611  -7.654  -0.297  1.00 10.51 ? 22  PHE A N   1 
ATOM   169  C  CA  . PHE A 1 22  ? -6.230  -6.871  0.872   1.00 8.98  ? 22  PHE A CA  1 
ATOM   170  C  C   . PHE A 1 22  ? -7.433  -6.662  1.787   1.00 10.52 ? 22  PHE A C   1 
ATOM   171  O  O   . PHE A 1 22  ? -8.151  -5.690  1.555   1.00 10.78 ? 22  PHE A O   1 
ATOM   172  C  CB  . PHE A 1 22  ? -5.646  -5.505  0.464   1.00 9.64  ? 22  PHE A CB  1 
ATOM   173  C  CG  . PHE A 1 22  ? -5.024  -4.730  1.603   1.00 8.68  ? 22  PHE A CG  1 
ATOM   174  C  CD1 . PHE A 1 22  ? -3.996  -5.260  2.362   1.00 9.68  ? 22  PHE A CD1 1 
ATOM   175  C  CD2 . PHE A 1 22  ? -5.545  -3.492  1.967   1.00 9.35  ? 22  PHE A CD2 1 
ATOM   176  C  CE1 . PHE A 1 22  ? -3.452  -4.549  3.416   1.00 11.11 ? 22  PHE A CE1 1 
ATOM   177  C  CE2 . PHE A 1 22  ? -5.022  -2.799  3.036   1.00 7.18  ? 22  PHE A CE2 1 
ATOM   178  C  CZ  . PHE A 1 22  ? -3.928  -3.287  3.736   1.00 8.93  ? 22  PHE A CZ  1 
ATOM   179  N  N   . ASN A 1 23  ? -7.719  -7.650  2.612   1.00 11.37 ? 23  ASN A N   1 
ATOM   180  C  CA  . ASN A 1 23  ? -8.789  -7.397  3.606   1.00 9.65  ? 23  ASN A CA  1 
ATOM   181  C  C   . ASN A 1 23  ? -8.118  -6.597  4.710   1.00 10.89 ? 23  ASN A C   1 
ATOM   182  O  O   . ASN A 1 23  ? -7.582  -7.208  5.612   1.00 10.90 ? 23  ASN A O   1 
ATOM   183  C  CB  . ASN A 1 23  ? -9.351  -8.740  4.055   1.00 10.57 ? 23  ASN A CB  1 
ATOM   184  C  CG  . ASN A 1 23  ? -10.552 -8.559  4.987   1.00 13.62 ? 23  ASN A CG  1 
ATOM   185  O  OD1 . ASN A 1 23  ? -10.484 -7.697  5.850   1.00 15.83 ? 23  ASN A OD1 1 
ATOM   186  N  ND2 . ASN A 1 23  ? -11.658 -9.213  4.646   1.00 18.41 ? 23  ASN A ND2 1 
ATOM   187  N  N   . HIS A 1 24  ? -8.163  -5.269  4.596   1.00 10.60 ? 24  HIS A N   1 
ATOM   188  C  CA  . HIS A 1 24  ? -7.410  -4.351  5.446   1.00 10.06 ? 24  HIS A CA  1 
ATOM   189  C  C   . HIS A 1 24  ? -7.353  -4.746  6.907   1.00 10.25 ? 24  HIS A C   1 
ATOM   190  O  O   . HIS A 1 24  ? -6.284  -4.991  7.472   1.00 10.05 ? 24  HIS A O   1 
ATOM   191  C  CB  . HIS A 1 24  ? -8.053  -2.961  5.299   1.00 9.56  ? 24  HIS A CB  1 
ATOM   192  C  CG  . HIS A 1 24  ? -7.434  -1.856  6.075   1.00 8.95  ? 24  HIS A CG  1 
ATOM   193  N  ND1 . HIS A 1 24  ? -7.559  -1.656  7.441   1.00 10.09 ? 24  HIS A ND1 1 
ATOM   194  C  CD2 . HIS A 1 24  ? -6.841  -0.730  5.592   1.00 10.43 ? 24  HIS A CD2 1 
ATOM   195  C  CE1 . HIS A 1 24  ? -7.004  -0.495  7.737   1.00 10.59 ? 24  HIS A CE1 1 
ATOM   196  N  NE2 . HIS A 1 24  ? -6.563  0.111   6.642   1.00 10.75 ? 24  HIS A NE2 1 
ATOM   197  N  N   . ASP A 1 25  ? -8.535  -4.862  7.574   1.00 10.49 ? 25  ASP A N   1 
ATOM   198  C  CA  . ASP A 1 25  ? -8.467  -5.102  9.007   1.00 11.33 ? 25  ASP A CA  1 
ATOM   199  C  C   . ASP A 1 25  ? -8.020  -6.518  9.348   1.00 10.62 ? 25  ASP A C   1 
ATOM   200  O  O   . ASP A 1 25  ? -7.270  -6.674  10.310  1.00 13.49 ? 25  ASP A O   1 
ATOM   201  C  CB  . ASP A 1 25  ? -9.817  -4.826  9.682   1.00 10.25 ? 25  ASP A CB  1 
ATOM   202  C  CG  . ASP A 1 25  ? -10.137 -3.358  9.760   1.00 15.90 ? 25  ASP A CG  1 
ATOM   203  O  OD1 . ASP A 1 25  ? -9.333  -2.483  9.383   1.00 13.93 ? 25  ASP A OD1 1 
ATOM   204  O  OD2 . ASP A 1 25  ? -11.266 -3.039  10.220  1.00 15.18 ? 25  ASP A OD2 1 
ATOM   205  N  N   . GLU A 1 26  ? -8.413  -7.503  8.550   1.00 10.74 ? 26  GLU A N   1 
ATOM   206  C  CA  . GLU A 1 26  ? -7.931  -8.861  8.855   1.00 14.43 ? 26  GLU A CA  1 
ATOM   207  C  C   . GLU A 1 26  ? -6.439  -9.026  8.572   1.00 14.71 ? 26  GLU A C   1 
ATOM   208  O  O   . GLU A 1 26  ? -5.689  -9.560  9.399   1.00 14.54 ? 26  GLU A O   1 
ATOM   209  C  CB  . GLU A 1 26  ? -8.731  -9.886  8.059   1.00 16.39 ? 26  GLU A CB  1 
ATOM   210  C  CG  . GLU A 1 26  ? -10.205 -9.882  8.475   1.00 22.19 ? 26  GLU A CG  1 
ATOM   211  C  CD  . GLU A 1 26  ? -10.333 -10.199 9.954   1.00 27.68 ? 26  GLU A CD  1 
ATOM   212  O  OE1 . GLU A 1 26  ? -9.671  -11.185 10.360  1.00 22.38 ? 26  GLU A OE1 1 
ATOM   213  O  OE2 . GLU A 1 26  ? -10.731 -9.303  10.738  1.00 33.31 ? 26  GLU A OE2 1 
ATOM   214  N  N   . HIS A 1 27  ? -5.985  -8.390  7.504   1.00 13.51 ? 27  HIS A N   1 
ATOM   215  C  CA  . HIS A 1 27  ? -4.558  -8.382  7.160   1.00 12.24 ? 27  HIS A CA  1 
ATOM   216  C  C   . HIS A 1 27  ? -3.752  -7.818  8.325   1.00 11.28 ? 27  HIS A C   1 
ATOM   217  O  O   . HIS A 1 27  ? -2.724  -8.368  8.720   1.00 14.35 ? 27  HIS A O   1 
ATOM   218  C  CB  . HIS A 1 27  ? -4.339  -7.510  5.911   1.00 8.31  ? 27  HIS A CB  1 
ATOM   219  C  CG  . HIS A 1 27  ? -2.872  -7.270  5.640   1.00 11.70 ? 27  HIS A CG  1 
ATOM   220  N  ND1 . HIS A 1 27  ? -2.125  -6.287  6.232   1.00 10.66 ? 27  HIS A ND1 1 
ATOM   221  C  CD2 . HIS A 1 27  ? -2.041  -8.027  4.882   1.00 12.93 ? 27  HIS A CD2 1 
ATOM   222  C  CE1 . HIS A 1 27  ? -0.888  -6.347  5.726   1.00 10.80 ? 27  HIS A CE1 1 
ATOM   223  N  NE2 . HIS A 1 27  ? -0.805  -7.418  4.973   1.00 8.00  ? 27  HIS A NE2 1 
ATOM   224  N  N   . ASN A 1 28  ? -4.120  -6.621  8.796   1.00 11.35 ? 28  ASN A N   1 
ATOM   225  C  CA  . ASN A 1 28  ? -3.282  -5.905  9.752   1.00 12.64 ? 28  ASN A CA  1 
ATOM   226  C  C   . ASN A 1 28  ? -3.232  -6.660  11.074  1.00 14.53 ? 28  ASN A C   1 
ATOM   227  O  O   . ASN A 1 28  ? -2.268  -6.607  11.834  1.00 14.89 ? 28  ASN A O   1 
ATOM   228  C  CB  . ASN A 1 28  ? -3.727  -4.462  9.942   1.00 13.40 ? 28  ASN A CB  1 
ATOM   229  C  CG  . ASN A 1 28  ? -3.515  -3.646  8.681   1.00 14.69 ? 28  ASN A CG  1 
ATOM   230  O  OD1 . ASN A 1 28  ? -2.829  -4.101  7.754   1.00 12.92 ? 28  ASN A OD1 1 
ATOM   231  N  ND2 . ASN A 1 28  ? -4.247  -2.551  8.531   1.00 12.79 ? 28  ASN A ND2 1 
ATOM   232  N  N   . GLU A 1 29  ? -4.383  -7.233  11.452  1.00 15.56 ? 29  GLU A N   1 
ATOM   233  C  CA  . GLU A 1 29  ? -4.383  -8.125  12.612  1.00 16.87 ? 29  GLU A CA  1 
ATOM   234  C  C   . GLU A 1 29  ? -3.469  -9.324  12.467  1.00 17.56 ? 29  GLU A C   1 
ATOM   235  O  O   . GLU A 1 29  ? -2.680  -9.583  13.383  1.00 17.53 ? 29  GLU A O   1 
ATOM   236  C  CB  . GLU A 1 29  ? -5.823  -8.568  12.880  1.00 21.21 ? 29  GLU A CB  1 
ATOM   237  C  CG  . GLU A 1 29  ? -5.917  -9.391  14.170  1.00 29.89 ? 29  GLU A CG  1 
ATOM   238  C  CD  . GLU A 1 29  ? -7.405  -9.603  14.416  1.00 29.88 ? 29  GLU A CD  1 
ATOM   239  O  OE1 . GLU A 1 29  ? -7.946  -8.810  15.218  1.00 39.88 ? 29  GLU A OE1 1 
ATOM   240  O  OE2 . GLU A 1 29  ? -8.027  -10.068 13.436  1.00 28.61 ? 29  GLU A OE2 1 
ATOM   241  N  N   . LYS A 1 30  ? -3.509  -10.046 11.364  1.00 16.89 ? 30  LYS A N   1 
ATOM   242  C  CA  . LYS A 1 30  ? -2.715  -11.252 11.158  1.00 18.87 ? 30  LYS A CA  1 
ATOM   243  C  C   . LYS A 1 30  ? -1.229  -10.920 11.026  1.00 19.05 ? 30  LYS A C   1 
ATOM   244  O  O   . LYS A 1 30  ? -0.377  -11.549 11.659  1.00 19.18 ? 30  LYS A O   1 
ATOM   245  C  CB  . LYS A 1 30  ? -3.159  -11.999 9.910   1.00 21.84 ? 30  LYS A CB  1 
ATOM   246  C  CG  . LYS A 1 30  ? -4.494  -12.726 10.043  1.00 26.64 ? 30  LYS A CG  1 
ATOM   247  C  CD  . LYS A 1 30  ? -4.800  -13.449 8.740   1.00 29.69 ? 30  LYS A CD  1 
ATOM   248  C  CE  . LYS A 1 30  ? -5.617  -14.709 8.978   0.50 32.15 ? 30  LYS A CE  1 
ATOM   249  N  NZ  . LYS A 1 30  ? -5.708  -15.521 7.730   0.60 30.96 ? 30  LYS A NZ  1 
ATOM   250  N  N   . ALA A 1 31  ? -0.929  -9.798  10.375  1.00 16.77 ? 31  ALA A N   1 
ATOM   251  C  CA  . ALA A 1 31  ? 0.444   -9.322  10.273  1.00 15.22 ? 31  ALA A CA  1 
ATOM   252  C  C   . ALA A 1 31  ? 0.990   -8.692  11.537  1.00 17.46 ? 31  ALA A C   1 
ATOM   253  O  O   . ALA A 1 31  ? 2.199   -8.416  11.641  1.00 16.15 ? 31  ALA A O   1 
ATOM   254  C  CB  . ALA A 1 31  ? 0.483   -8.321  9.101   1.00 14.71 ? 31  ALA A CB  1 
ATOM   255  N  N   . GLY A 1 32  ? 0.149   -8.375  12.517  1.00 15.37 ? 32  GLY A N   1 
ATOM   256  C  CA  . GLY A 1 32  ? 0.586   -7.834  13.801  1.00 16.56 ? 32  GLY A CA  1 
ATOM   257  C  C   . GLY A 1 32  ? 1.027   -6.378  13.682  1.00 16.76 ? 32  GLY A C   1 
ATOM   258  O  O   . GLY A 1 32  ? 1.973   -5.927  14.317  1.00 18.46 ? 32  GLY A O   1 
ATOM   259  N  N   . ILE A 1 33  ? 0.381   -5.651  12.765  1.00 15.02 ? 33  ILE A N   1 
ATOM   260  C  CA  . ILE A 1 33  ? 0.726   -4.248  12.556  1.00 16.54 ? 33  ILE A CA  1 
ATOM   261  C  C   . ILE A 1 33  ? -0.163  -3.394  13.463  1.00 18.76 ? 33  ILE A C   1 
ATOM   262  O  O   . ILE A 1 33  ? -1.349  -3.254  13.190  1.00 23.68 ? 33  ILE A O   1 
ATOM   263  C  CB  . ILE A 1 33  ? 0.584   -3.834  11.083  1.00 15.07 ? 33  ILE A CB  1 
ATOM   264  C  CG1 . ILE A 1 33  ? 1.476   -4.707  10.192  1.00 14.86 ? 33  ILE A CG1 1 
ATOM   265  C  CG2 . ILE A 1 33  ? 0.940   -2.361  10.917  1.00 13.69 ? 33  ILE A CG2 1 
ATOM   266  C  CD1 . ILE A 1 33  ? 1.098   -4.647  8.723   1.00 11.73 ? 33  ILE A CD1 1 
ATOM   267  N  N   . GLU A 1 34  ? 0.469   -2.712  14.400  1.00 23.42 ? 34  GLU A N   1 
ATOM   268  C  CA  . GLU A 1 34  ? -0.253  -1.919  15.389  1.00 25.61 ? 34  GLU A CA  1 
ATOM   269  C  C   . GLU A 1 34  ? -0.255  -0.438  15.037  1.00 24.71 ? 34  GLU A C   1 
ATOM   270  O  O   . GLU A 1 34  ? -1.169  0.275   15.471  1.00 30.21 ? 34  GLU A O   1 
ATOM   271  C  CB  . GLU A 1 34  ? 0.392   -2.097  16.768  0.01 26.00 ? 34  GLU A CB  1 
ATOM   272  C  CG  . GLU A 1 34  ? 0.398   -3.527  17.280  0.01 27.24 ? 34  GLU A CG  1 
ATOM   273  C  CD  . GLU A 1 34  ? -0.927  -3.913  17.906  0.25 27.39 ? 34  GLU A CD  1 
ATOM   274  O  OE1 . GLU A 1 34  ? -1.816  -4.377  17.165  0.25 29.78 ? 34  GLU A OE1 1 
ATOM   275  O  OE2 . GLU A 1 34  ? -1.104  -3.680  19.120  0.01 28.01 ? 34  GLU A OE2 1 
ATOM   276  N  N   . SER A 1 35  ? 0.781   0.028   14.349  1.00 19.01 ? 35  SER A N   1 
ATOM   277  C  CA  . SER A 1 35  ? 0.915   1.441   14.023  1.00 16.97 ? 35  SER A CA  1 
ATOM   278  C  C   . SER A 1 35  ? 0.279   1.736   12.665  1.00 16.83 ? 35  SER A C   1 
ATOM   279  O  O   . SER A 1 35  ? 0.804   1.227   11.653  1.00 15.10 ? 35  SER A O   1 
ATOM   280  C  CB  . SER A 1 35  ? 2.391   1.841   13.969  1.00 21.11 ? 35  SER A CB  1 
ATOM   281  O  OG  . SER A 1 35  ? 2.963   1.883   15.270  0.90 26.76 ? 35  SER A OG  1 
ATOM   282  N  N   . CYS A 1 36  ? -0.699  2.624   12.602  1.00 13.84 ? 36  CYS A N   1 
ATOM   283  C  CA  . CYS A 1 36  ? -1.327  2.948   11.326  1.00 14.08 ? 36  CYS A CA  1 
ATOM   284  C  C   . CYS A 1 36  ? -0.334  3.584   10.373  1.00 12.52 ? 36  CYS A C   1 
ATOM   285  O  O   . CYS A 1 36  ? -0.435  3.380   9.161   1.00 12.05 ? 36  CYS A O   1 
ATOM   286  C  CB  . CYS A 1 36  ? -2.547  3.885   11.423  1.00 15.18 ? 36  CYS A CB  1 
ATOM   287  S  SG  . CYS A 1 36  ? -3.693  3.353   12.714  1.00 14.50 ? 36  CYS A SG  1 
ATOM   288  N  N   . ASN A 1 37  ? 0.606   4.389   10.878  1.00 13.24 ? 37  ASN A N   1 
ATOM   289  C  CA  . ASN A 1 37  ? 1.585   5.007   9.987   1.00 15.45 ? 37  ASN A CA  1 
ATOM   290  C  C   . ASN A 1 37  ? 2.708   4.102   9.511   1.00 14.46 ? 37  ASN A C   1 
ATOM   291  O  O   . ASN A 1 37  ? 3.493   4.556   8.659   1.00 15.61 ? 37  ASN A O   1 
ATOM   292  C  CB  . ASN A 1 37  ? 2.179   6.245   10.667  1.00 16.99 ? 37  ASN A CB  1 
ATOM   293  C  CG  . ASN A 1 37  ? 3.055   5.941   11.855  1.00 17.52 ? 37  ASN A CG  1 
ATOM   294  O  OD1 . ASN A 1 37  ? 3.435   4.815   12.160  1.00 19.23 ? 37  ASN A OD1 1 
ATOM   295  N  ND2 . ASN A 1 37  ? 3.549   7.030   12.456  1.00 21.88 ? 37  ASN A ND2 1 
ATOM   296  N  N   . ALA A 1 38  ? 2.678   2.795   9.762   1.00 14.17 ? 38  ALA A N   1 
ATOM   297  C  CA  . ALA A 1 38  ? 3.408   1.812   8.972   1.00 13.93 ? 38  ALA A CA  1 
ATOM   298  C  C   . ALA A 1 38  ? 3.080   1.978   7.495   1.00 12.54 ? 38  ALA A C   1 
ATOM   299  O  O   . ALA A 1 38  ? 3.943   1.776   6.622   1.00 14.18 ? 38  ALA A O   1 
ATOM   300  C  CB  . ALA A 1 38  ? 3.081   0.406   9.439   1.00 14.40 ? 38  ALA A CB  1 
ATOM   301  N  N   . CYS A 1 39  ? 1.825   2.279   7.170   1.00 8.99  ? 39  CYS A N   1 
ATOM   302  C  CA  . CYS A 1 39  ? 1.410   2.518   5.813   1.00 7.20  ? 39  CYS A CA  1 
ATOM   303  C  C   . CYS A 1 39  ? 0.958   3.938   5.556   1.00 8.85  ? 39  CYS A C   1 
ATOM   304  O  O   . CYS A 1 39  ? 1.271   4.573   4.555   1.00 9.69  ? 39  CYS A O   1 
ATOM   305  C  CB  . CYS A 1 39  ? 0.245   1.561   5.459   1.00 8.82  ? 39  CYS A CB  1 
ATOM   306  S  SG  . CYS A 1 39  ? 0.772   -0.175  5.661   1.00 9.17  ? 39  CYS A SG  1 
ATOM   307  N  N   . HIS A 1 40  ? 0.094   4.432   6.492   1.00 8.68  ? 40  HIS A N   1 
ATOM   308  C  CA  . HIS A 1 40  ? -0.468  5.774   6.266   1.00 8.98  ? 40  HIS A CA  1 
ATOM   309  C  C   . HIS A 1 40  ? 0.524   6.811   6.794   1.00 10.80 ? 40  HIS A C   1 
ATOM   310  O  O   . HIS A 1 40  ? 0.348   7.344   7.891   1.00 12.36 ? 40  HIS A O   1 
ATOM   311  C  CB  . HIS A 1 40  ? -1.795  5.929   7.004   1.00 10.24 ? 40  HIS A CB  1 
ATOM   312  C  CG  . HIS A 1 40  ? -2.879  5.009   6.567   1.00 10.74 ? 40  HIS A CG  1 
ATOM   313  N  ND1 . HIS A 1 40  ? -3.618  5.239   5.447   1.00 11.07 ? 40  HIS A ND1 1 
ATOM   314  C  CD2 . HIS A 1 40  ? -3.357  3.857   7.093   1.00 8.23  ? 40  HIS A CD2 1 
ATOM   315  C  CE1 . HIS A 1 40  ? -4.511  4.276   5.295   1.00 12.03 ? 40  HIS A CE1 1 
ATOM   316  N  NE2 . HIS A 1 40  ? -4.407  3.428   6.305   1.00 8.91  ? 40  HIS A NE2 1 
ATOM   317  N  N   . HIS A 1 41  ? 1.614   7.045   6.053   1.00 10.37 ? 41  HIS A N   1 
ATOM   318  C  CA  . HIS A 1 41  ? 2.715   7.822   6.621   1.00 10.97 ? 41  HIS A CA  1 
ATOM   319  C  C   . HIS A 1 41  ? 2.561   9.311   6.298   1.00 11.80 ? 41  HIS A C   1 
ATOM   320  O  O   . HIS A 1 41  ? 1.743   9.740   5.490   1.00 11.77 ? 41  HIS A O   1 
ATOM   321  C  CB  . HIS A 1 41  ? 4.070   7.341   6.110   1.00 9.71  ? 41  HIS A CB  1 
ATOM   322  C  CG  . HIS A 1 41  ? 4.167   7.188   4.623   1.00 11.62 ? 41  HIS A CG  1 
ATOM   323  N  ND1 . HIS A 1 41  ? 5.037   6.231   4.119   1.00 10.58 ? 41  HIS A ND1 1 
ATOM   324  C  CD2 . HIS A 1 41  ? 3.567   7.771   3.575   1.00 9.72  ? 41  HIS A CD2 1 
ATOM   325  C  CE1 . HIS A 1 41  ? 4.976   6.315   2.788   1.00 8.92  ? 41  HIS A CE1 1 
ATOM   326  N  NE2 . HIS A 1 41  ? 4.126   7.280   2.411   1.00 8.06  ? 41  HIS A NE2 1 
ATOM   327  N  N   . VAL A 1 42  ? 3.336   10.120  7.007   1.00 10.27 ? 42  VAL A N   1 
ATOM   328  C  CA  . VAL A 1 42  ? 3.412   11.557  6.758   1.00 12.70 ? 42  VAL A CA  1 
ATOM   329  C  C   . VAL A 1 42  ? 4.879   11.925  6.499   1.00 11.72 ? 42  VAL A C   1 
ATOM   330  O  O   . VAL A 1 42  ? 5.690   11.777  7.421   1.00 14.68 ? 42  VAL A O   1 
ATOM   331  C  CB  . VAL A 1 42  ? 2.908   12.367  7.963   1.00 18.11 ? 42  VAL A CB  1 
ATOM   332  C  CG1 . VAL A 1 42  ? 3.186   13.864  7.804   1.00 17.40 ? 42  VAL A CG1 1 
ATOM   333  C  CG2 . VAL A 1 42  ? 1.405   12.175  8.128   1.00 16.67 ? 42  VAL A CG2 1 
ATOM   334  N  N   . TRP A 1 43  ? 5.208   12.143  5.237   1.00 11.96 ? 43  TRP A N   1 
ATOM   335  C  CA  . TRP A 1 43  ? 6.537   12.603  4.859   1.00 11.38 ? 43  TRP A CA  1 
ATOM   336  C  C   . TRP A 1 43  ? 6.486   14.081  4.492   1.00 13.16 ? 43  TRP A C   1 
ATOM   337  O  O   . TRP A 1 43  ? 5.662   14.496  3.684   1.00 15.52 ? 43  TRP A O   1 
ATOM   338  C  CB  . TRP A 1 43  ? 7.024   11.865  3.611   1.00 10.94 ? 43  TRP A CB  1 
ATOM   339  C  CG  . TRP A 1 43  ? 7.564   10.489  3.795   1.00 13.18 ? 43  TRP A CG  1 
ATOM   340  C  CD1 . TRP A 1 43  ? 6.948   9.309   3.440   1.00 11.84 ? 43  TRP A CD1 1 
ATOM   341  C  CD2 . TRP A 1 43  ? 8.913   10.141  4.114   1.00 11.99 ? 43  TRP A CD2 1 
ATOM   342  N  NE1 . TRP A 1 43  ? 7.836   8.257   3.553   1.00 11.76 ? 43  TRP A NE1 1 
ATOM   343  C  CE2 . TRP A 1 43  ? 9.062   8.753   3.939   1.00 11.64 ? 43  TRP A CE2 1 
ATOM   344  C  CE3 . TRP A 1 43  ? 10.060  10.915  4.390   1.00 12.02 ? 43  TRP A CE3 1 
ATOM   345  C  CZ2 . TRP A 1 43  ? 10.285  8.106   4.073   1.00 13.75 ? 43  TRP A CZ2 1 
ATOM   346  C  CZ3 . TRP A 1 43  ? 11.262  10.264  4.593   1.00 12.40 ? 43  TRP A CZ3 1 
ATOM   347  C  CH2 . TRP A 1 43  ? 11.354  8.863   4.466   1.00 14.88 ? 43  TRP A CH2 1 
ATOM   348  N  N   . VAL A 1 44  ? 7.336   14.860  5.159   1.00 14.32 ? 44  VAL A N   1 
ATOM   349  C  CA  . VAL A 1 44  ? 7.385   16.304  4.901   1.00 16.02 ? 44  VAL A CA  1 
ATOM   350  C  C   . VAL A 1 44  ? 8.862   16.731  4.854   1.00 13.99 ? 44  VAL A C   1 
ATOM   351  O  O   . VAL A 1 44  ? 9.583   16.511  5.823   1.00 15.08 ? 44  VAL A O   1 
ATOM   352  C  CB  . VAL A 1 44  ? 6.670   17.106  5.991   1.00 19.68 ? 44  VAL A CB  1 
ATOM   353  C  CG1 . VAL A 1 44  ? 6.822   18.601  5.724   1.00 22.62 ? 44  VAL A CG1 1 
ATOM   354  C  CG2 . VAL A 1 44  ? 5.180   16.792  6.077   1.00 22.12 ? 44  VAL A CG2 1 
ATOM   355  N  N   . ASN A 1 45  ? 9.256   17.228  3.689   1.00 16.88 ? 45  ASN A N   1 
ATOM   356  C  CA  . ASN A 1 45  ? 10.600  17.810  3.539   1.00 16.71 ? 45  ASN A CA  1 
ATOM   357  C  C   . ASN A 1 45  ? 11.673  16.778  3.860   1.00 17.36 ? 45  ASN A C   1 
ATOM   358  O  O   . ASN A 1 45  ? 12.683  17.049  4.509   1.00 16.58 ? 45  ASN A O   1 
ATOM   359  C  CB  . ASN A 1 45  ? 10.719  19.036  4.440   1.00 19.27 ? 45  ASN A CB  1 
ATOM   360  C  CG  . ASN A 1 45  ? 9.938   20.200  3.831   1.00 18.43 ? 45  ASN A CG  1 
ATOM   361  O  OD1 . ASN A 1 45  ? 9.623   20.211  2.646   1.00 25.24 ? 45  ASN A OD1 1 
ATOM   362  N  ND2 . ASN A 1 45  ? 9.733   21.212  4.644   1.00 21.34 ? 45  ASN A ND2 1 
ATOM   363  N  N   . GLY A 1 46  ? 11.427  15.555  3.386   1.00 14.98 ? 46  GLY A N   1 
ATOM   364  C  CA  . GLY A 1 46  ? 12.353  14.448  3.488   1.00 14.11 ? 46  GLY A CA  1 
ATOM   365  C  C   . GLY A 1 46  ? 12.446  13.834  4.868   1.00 13.57 ? 46  GLY A C   1 
ATOM   366  O  O   . GLY A 1 46  ? 13.349  13.029  5.135   1.00 14.44 ? 46  GLY A O   1 
ATOM   367  N  N   . VAL A 1 47  ? 11.507  14.154  5.761   1.00 11.29 ? 47  VAL A N   1 
ATOM   368  C  CA  . VAL A 1 47  ? 11.498  13.643  7.123   1.00 11.95 ? 47  VAL A CA  1 
ATOM   369  C  C   . VAL A 1 47  ? 10.191  12.894  7.387   1.00 12.64 ? 47  VAL A C   1 
ATOM   370  O  O   . VAL A 1 47  ? 9.096   13.420  7.180   1.00 13.37 ? 47  VAL A O   1 
ATOM   371  C  CB  . VAL A 1 47  ? 11.674  14.748  8.176   1.00 15.06 ? 47  VAL A CB  1 
ATOM   372  C  CG1 . VAL A 1 47  ? 11.622  14.177  9.583   1.00 15.27 ? 47  VAL A CG1 1 
ATOM   373  C  CG2 . VAL A 1 47  ? 13.010  15.462  7.942   1.00 17.35 ? 47  VAL A CG2 1 
ATOM   374  N  N   . LEU A 1 48  ? 10.341  11.656  7.838   1.00 15.30 ? 48  LEU A N   1 
ATOM   375  C  CA  . LEU A 1 48  ? 9.200   10.803  8.155   1.00 15.14 ? 48  LEU A CA  1 
ATOM   376  C  C   . LEU A 1 48  ? 8.698   11.083  9.562   1.00 17.30 ? 48  LEU A C   1 
ATOM   377  O  O   . LEU A 1 48  ? 9.420   10.854  10.545  1.00 18.10 ? 48  LEU A O   1 
ATOM   378  C  CB  . LEU A 1 48  ? 9.624   9.341   7.970   1.00 15.00 ? 48  LEU A CB  1 
ATOM   379  C  CG  . LEU A 1 48  ? 8.575   8.281   8.319   1.00 13.97 ? 48  LEU A CG  1 
ATOM   380  C  CD1 . LEU A 1 48  ? 7.378   8.373   7.392   1.00 13.37 ? 48  LEU A CD1 1 
ATOM   381  C  CD2 . LEU A 1 48  ? 9.202   6.890   8.251   1.00 19.30 ? 48  LEU A CD2 1 
ATOM   382  N  N   . ALA A 1 49  ? 7.419   11.469  9.662   1.00 15.48 ? 49  ALA A N   1 
ATOM   383  C  CA  . ALA A 1 49  ? 6.895   11.787  10.995  1.00 18.94 ? 49  ALA A CA  1 
ATOM   384  C  C   . ALA A 1 49  ? 6.650   10.497  11.763  1.00 22.05 ? 49  ALA A C   1 
ATOM   385  O  O   . ALA A 1 49  ? 6.061   9.529   11.273  1.00 24.70 ? 49  ALA A O   1 
ATOM   386  C  CB  . ALA A 1 49  ? 5.648   12.641  10.889  1.00 23.67 ? 49  ALA A CB  1 
ATOM   387  N  N   . GLU A 1 50  ? 7.235   10.398  12.953  1.00 21.35 ? 50  GLU A N   1 
ATOM   388  C  CA  . GLU A 1 50  ? 7.182   9.147   13.710  1.00 23.74 ? 50  GLU A CA  1 
ATOM   389  C  C   . GLU A 1 50  ? 5.855   9.008   14.443  1.00 24.16 ? 50  GLU A C   1 
ATOM   390  O  O   . GLU A 1 50  ? 5.399   7.890   14.719  1.00 25.36 ? 50  GLU A O   1 
ATOM   391  C  CB  . GLU A 1 50  ? 8.401   9.100   14.642  0.80 29.06 ? 50  GLU A CB  1 
ATOM   392  C  CG  . GLU A 1 50  ? 9.683   9.388   13.863  0.01 28.15 ? 50  GLU A CG  1 
ATOM   393  C  CD  . GLU A 1 50  ? 10.961  9.041   14.584  0.01 28.56 ? 50  GLU A CD  1 
ATOM   394  O  OE1 . GLU A 1 50  ? 11.343  7.853   14.602  0.01 28.46 ? 50  GLU A OE1 1 
ATOM   395  O  OE2 . GLU A 1 50  ? 11.599  9.965   15.135  0.01 28.61 ? 50  GLU A OE2 1 
ATOM   396  N  N   . ASP A 1 51  ? 5.213   10.131  14.737  1.00 24.58 ? 51  ASP A N   1 
ATOM   397  C  CA  . ASP A 1 51  ? 4.044   10.134  15.614  1.00 28.56 ? 51  ASP A CA  1 
ATOM   398  C  C   . ASP A 1 51  ? 2.837   10.806  14.983  1.00 29.49 ? 51  ASP A C   1 
ATOM   399  O  O   . ASP A 1 51  ? 2.045   11.461  15.678  1.00 31.25 ? 51  ASP A O   1 
ATOM   400  C  CB  . ASP A 1 51  ? 4.416   10.832  16.931  1.00 33.37 ? 51  ASP A CB  1 
ATOM   401  C  CG  . ASP A 1 51  ? 4.940   9.842   17.956  0.40 33.95 ? 51  ASP A CG  1 
ATOM   402  O  OD1 . ASP A 1 51  ? 4.378   8.729   18.037  0.40 34.40 ? 51  ASP A OD1 1 
ATOM   403  O  OD2 . ASP A 1 51  ? 5.930   10.163  18.645  0.01 34.10 ? 51  ASP A OD2 1 
ATOM   404  N  N   . GLU A 1 52  ? 2.821   10.916  13.661  1.00 22.51 ? 52  GLU A N   1 
ATOM   405  C  CA  . GLU A 1 52  ? 1.679   11.356  12.891  1.00 20.24 ? 52  GLU A CA  1 
ATOM   406  C  C   . GLU A 1 52  ? 1.316   10.271  11.858  1.00 17.73 ? 52  GLU A C   1 
ATOM   407  O  O   . GLU A 1 52  ? 2.177   9.473   11.476  1.00 18.10 ? 52  GLU A O   1 
ATOM   408  C  CB  . GLU A 1 52  ? 1.928   12.627  12.086  1.00 19.71 ? 52  GLU A CB  1 
ATOM   409  C  CG  . GLU A 1 52  ? 2.127   13.921  12.846  1.00 28.11 ? 52  GLU A CG  1 
ATOM   410  C  CD  . GLU A 1 52  ? 2.584   15.042  11.930  1.00 28.77 ? 52  GLU A CD  1 
ATOM   411  O  OE1 . GLU A 1 52  ? 1.850   15.408  10.992  0.80 31.33 ? 52  GLU A OE1 1 
ATOM   412  O  OE2 . GLU A 1 52  ? 3.736   15.504  12.100  0.80 34.56 ? 52  GLU A OE2 1 
ATOM   413  N  N   . ASP A 1 53  ? 0.099   10.311  11.364  1.00 17.88 ? 53  ASP A N   1 
ATOM   414  C  CA  . ASP A 1 53  ? -0.243  9.526   10.181  1.00 15.73 ? 53  ASP A CA  1 
ATOM   415  C  C   . ASP A 1 53  ? -1.259  10.224  9.299   1.00 14.62 ? 53  ASP A C   1 
ATOM   416  O  O   . ASP A 1 53  ? -1.702  11.346  9.564   1.00 16.09 ? 53  ASP A O   1 
ATOM   417  C  CB  . ASP A 1 53  ? -0.791  8.159   10.564  1.00 16.97 ? 53  ASP A CB  1 
ATOM   418  C  CG  . ASP A 1 53  ? -2.069  8.221   11.366  1.00 20.47 ? 53  ASP A CG  1 
ATOM   419  O  OD1 . ASP A 1 53  ? -3.081  8.838   10.995  1.00 19.02 ? 53  ASP A OD1 1 
ATOM   420  O  OD2 . ASP A 1 53  ? -1.921  7.537   12.408  1.00 19.92 ? 53  ASP A OD2 1 
ATOM   421  N  N   . SER A 1 54  ? -1.455  9.623   8.116   1.00 13.30 ? 54  SER A N   1 
ATOM   422  C  CA  . SER A 1 54  ? -2.290  10.216  7.092   1.00 12.14 ? 54  SER A CA  1 
ATOM   423  C  C   . SER A 1 54  ? -3.535  9.352   6.873   1.00 10.12 ? 54  SER A C   1 
ATOM   424  O  O   . SER A 1 54  ? -4.085  9.313   5.777   1.00 13.56 ? 54  SER A O   1 
ATOM   425  C  CB  . SER A 1 54  ? -1.513  10.337  5.772   1.00 12.22 ? 54  SER A CB  1 
ATOM   426  O  OG  . SER A 1 54  ? -1.006  9.048   5.398   1.00 11.46 ? 54  SER A OG  1 
ATOM   427  N  N   . VAL A 1 55  ? -3.965  8.683   7.943   1.00 12.22 ? 55  VAL A N   1 
ATOM   428  C  CA  . VAL A 1 55  ? -5.201  7.890   7.840   1.00 12.67 ? 55  VAL A CA  1 
ATOM   429  C  C   . VAL A 1 55  ? -6.310  8.738   7.230   1.00 14.33 ? 55  VAL A C   1 
ATOM   430  O  O   . VAL A 1 55  ? -6.590  9.840   7.725   1.00 14.73 ? 55  VAL A O   1 
ATOM   431  C  CB  . VAL A 1 55  ? -5.639  7.347   9.207   1.00 10.54 ? 55  VAL A CB  1 
ATOM   432  C  CG1 . VAL A 1 55  ? -7.058  6.777   9.149   1.00 10.77 ? 55  VAL A CG1 1 
ATOM   433  C  CG2 . VAL A 1 55  ? -4.673  6.263   9.660   1.00 14.19 ? 55  VAL A CG2 1 
ATOM   434  N  N   . GLY A 1 56  ? -7.022  8.170   6.256   1.00 16.18 ? 56  GLY A N   1 
ATOM   435  C  CA  . GLY A 1 56  ? -8.121  8.855   5.598   1.00 16.08 ? 56  GLY A CA  1 
ATOM   436  C  C   . GLY A 1 56  ? -7.738  9.503   4.267   1.00 16.58 ? 56  GLY A C   1 
ATOM   437  O  O   . GLY A 1 56  ? -8.611  10.102  3.620   1.00 18.29 ? 56  GLY A O   1 
ATOM   438  N  N   . THR A 1 57  ? -6.451  9.824   4.103   1.00 13.52 ? 57  THR A N   1 
ATOM   439  C  CA  . THR A 1 57  ? -5.976  10.349  2.823   1.00 13.62 ? 57  THR A CA  1 
ATOM   440  C  C   . THR A 1 57  ? -5.531  9.193   1.942   1.00 12.45 ? 57  THR A C   1 
ATOM   441  O  O   . THR A 1 57  ? -4.677  8.391   2.338   1.00 10.93 ? 57  THR A O   1 
ATOM   442  C  CB  . THR A 1 57  ? -4.757  11.274  3.055   1.00 12.16 ? 57  THR A CB  1 
ATOM   443  O  OG1 . THR A 1 57  ? -5.135  12.327  3.954   1.00 15.66 ? 57  THR A OG1 1 
ATOM   444  C  CG2 . THR A 1 57  ? -4.281  11.856  1.728   1.00 14.40 ? 57  THR A CG2 1 
ATOM   445  N  N   . PRO A 1 58  ? -6.122  9.060   0.778   1.00 13.22 ? 58  PRO A N   1 
ATOM   446  C  CA  . PRO A 1 58  ? -5.779  8.009   -0.165  1.00 13.42 ? 58  PRO A CA  1 
ATOM   447  C  C   . PRO A 1 58  ? -4.285  8.116   -0.479  1.00 12.79 ? 58  PRO A C   1 
ATOM   448  O  O   . PRO A 1 58  ? -3.794  9.234   -0.642  1.00 13.35 ? 58  PRO A O   1 
ATOM   449  C  CB  . PRO A 1 58  ? -6.661  8.195   -1.393  1.00 15.80 ? 58  PRO A CB  1 
ATOM   450  C  CG  . PRO A 1 58  ? -7.700  9.180   -0.942  1.00 17.58 ? 58  PRO A CG  1 
ATOM   451  C  CD  . PRO A 1 58  ? -7.290  9.848   0.346   1.00 13.51 ? 58  PRO A CD  1 
ATOM   452  N  N   . CYS A 1 59  ? -3.649  6.983   -0.779  1.00 11.99 ? 59  CYS A N   1 
ATOM   453  C  CA  . CYS A 1 59  ? -2.274  7.016   -1.282  1.00 11.34 ? 59  CYS A CA  1 
ATOM   454  C  C   . CYS A 1 59  ? -2.201  7.845   -2.558  1.00 11.53 ? 59  CYS A C   1 
ATOM   455  O  O   . CYS A 1 59  ? -1.264  8.643   -2.713  1.00 12.01 ? 59  CYS A O   1 
ATOM   456  C  CB  . CYS A 1 59  ? -1.696  5.636   -1.582  1.00 11.54 ? 59  CYS A CB  1 
ATOM   457  S  SG  . CYS A 1 59  ? -2.079  4.343   -0.407  1.00 10.59 ? 59  CYS A SG  1 
ATOM   458  N  N   . SER A 1 60  ? -3.213  7.746   -3.402  1.00 11.16 ? 60  SER A N   1 
ATOM   459  C  CA  . SER A 1 60  ? -3.220  8.463   -4.678  1.00 13.96 ? 60  SER A CA  1 
ATOM   460  C  C   . SER A 1 60  ? -3.364  9.964   -4.551  1.00 15.33 ? 60  SER A C   1 
ATOM   461  O  O   . SER A 1 60  ? -3.115  10.678  -5.541  1.00 16.80 ? 60  SER A O   1 
ATOM   462  C  CB  . SER A 1 60  ? -4.341  7.844   -5.524  1.00 15.27 ? 60  SER A CB  1 
ATOM   463  O  OG  . SER A 1 60  ? -5.600  8.078   -4.916  1.00 17.42 ? 60  SER A OG  1 
ATOM   464  N  N   . ASP A 1 61  ? -3.689  10.514  -3.376  1.00 14.08 ? 61  ASP A N   1 
ATOM   465  C  CA  . ASP A 1 61  ? -3.692  11.971  -3.210  1.00 14.61 ? 61  ASP A CA  1 
ATOM   466  C  C   . ASP A 1 61  ? -2.268  12.512  -3.236  1.00 16.05 ? 61  ASP A C   1 
ATOM   467  O  O   . ASP A 1 61  ? -2.085  13.720  -3.466  1.00 17.00 ? 61  ASP A O   1 
ATOM   468  C  CB  . ASP A 1 61  ? -4.402  12.368  -1.926  1.00 12.98 ? 61  ASP A CB  1 
ATOM   469  C  CG  . ASP A 1 61  ? -5.907  12.482  -2.027  1.00 20.24 ? 61  ASP A CG  1 
ATOM   470  O  OD1 . ASP A 1 61  ? -6.488  12.028  -3.030  1.00 23.14 ? 61  ASP A OD1 1 
ATOM   471  O  OD2 . ASP A 1 61  ? -6.508  12.981  -1.051  1.00 23.24 ? 61  ASP A OD2 1 
ATOM   472  N  N   . CYS A 1 62  ? -1.301  11.738  -2.723  1.00 13.79 ? 62  CYS A N   1 
ATOM   473  C  CA  . CYS A 1 62  ? 0.087   12.191  -2.734  1.00 13.63 ? 62  CYS A CA  1 
ATOM   474  C  C   . CYS A 1 62  ? 0.968   11.502  -3.757  1.00 15.53 ? 62  CYS A C   1 
ATOM   475  O  O   . CYS A 1 62  ? 2.090   11.995  -4.015  1.00 18.07 ? 62  CYS A O   1 
ATOM   476  C  CB  . CYS A 1 62  ? 0.721   11.973  -1.352  1.00 13.25 ? 62  CYS A CB  1 
ATOM   477  S  SG  . CYS A 1 62  ? -0.317  12.762  -0.084  1.00 14.13 ? 62  CYS A SG  1 
ATOM   478  N  N   . HIS A 1 63  ? 0.555   10.366  -4.286  1.00 13.99 ? 63  HIS A N   1 
ATOM   479  C  CA  . HIS A 1 63  ? 1.363   9.596   -5.214  1.00 13.80 ? 63  HIS A CA  1 
ATOM   480  C  C   . HIS A 1 63  ? 0.682   9.579   -6.582  1.00 15.06 ? 63  HIS A C   1 
ATOM   481  O  O   . HIS A 1 63  ? -0.404  9.021   -6.720  1.00 15.36 ? 63  HIS A O   1 
ATOM   482  C  CB  . HIS A 1 63  ? 1.550   8.143   -4.740  1.00 10.49 ? 63  HIS A CB  1 
ATOM   483  C  CG  . HIS A 1 63  ? 2.416   8.094   -3.513  1.00 9.38  ? 63  HIS A CG  1 
ATOM   484  N  ND1 . HIS A 1 63  ? 3.787   8.099   -3.599  1.00 9.12  ? 63  HIS A ND1 1 
ATOM   485  C  CD2 . HIS A 1 63  ? 2.097   8.036   -2.197  1.00 9.66  ? 63  HIS A CD2 1 
ATOM   486  C  CE1 . HIS A 1 63  ? 4.284   7.981   -2.374  1.00 8.59  ? 63  HIS A CE1 1 
ATOM   487  N  NE2 . HIS A 1 63  ? 3.280   7.993   -1.495  1.00 10.55 ? 63  HIS A NE2 1 
ATOM   488  N  N   . ALA A 1 64  ? 1.173   10.445  -7.477  1.00 16.26 ? 64  ALA A N   1 
ATOM   489  C  CA  . ALA A 1 64  ? 0.672   10.426  -8.859  1.00 18.24 ? 64  ALA A CA  1 
ATOM   490  C  C   . ALA A 1 64  ? 1.012   9.115   -9.536  1.00 17.96 ? 64  ALA A C   1 
ATOM   491  O  O   . ALA A 1 64  ? 1.820   8.345   -9.005  1.00 15.64 ? 64  ALA A O   1 
ATOM   492  C  CB  . ALA A 1 64  ? 1.270   11.616  -9.608  1.00 18.18 ? 64  ALA A CB  1 
ATOM   493  N  N   . LEU A 1 65  ? 0.516   8.873   -10.748 1.00 16.45 ? 65  LEU A N   1 
ATOM   494  C  CA  . LEU A 1 65  ? 0.898   7.656   -11.475 1.00 16.59 ? 65  LEU A CA  1 
ATOM   495  C  C   . LEU A 1 65  ? 2.394   7.669   -11.781 1.00 13.92 ? 65  LEU A C   1 
ATOM   496  O  O   . LEU A 1 65  ? 3.019   6.610   -11.905 1.00 16.17 ? 65  LEU A O   1 
ATOM   497  C  CB  . LEU A 1 65  ? 0.058   7.516   -12.735 1.00 21.02 ? 65  LEU A CB  1 
ATOM   498  C  CG  . LEU A 1 65  ? -1.171  6.616   -12.760 1.00 27.18 ? 65  LEU A CG  1 
ATOM   499  C  CD1 . LEU A 1 65  ? -1.591  6.048   -11.411 1.00 21.20 ? 65  LEU A CD1 1 
ATOM   500  C  CD2 . LEU A 1 65  ? -2.349  7.341   -13.407 1.00 26.70 ? 65  LEU A CD2 1 
ATOM   501  N  N   . GLU A 1 66  ? 2.896   8.858   -12.108 1.00 17.89 ? 66  GLU A N   1 
ATOM   502  C  CA  . GLU A 1 66  ? 4.311   9.029   -12.374 1.00 17.91 ? 66  GLU A CA  1 
ATOM   503  C  C   . GLU A 1 66  ? 5.066   9.435   -11.110 1.00 18.04 ? 66  GLU A C   1 
ATOM   504  O  O   . GLU A 1 66  ? 4.605   10.267  -10.321 1.00 17.54 ? 66  GLU A O   1 
ATOM   505  C  CB  . GLU A 1 66  ? 4.535   10.114  -13.441 1.00 22.15 ? 66  GLU A CB  1 
ATOM   506  C  CG  . GLU A 1 66  ? 3.922   9.747   -14.785 1.00 25.84 ? 66  GLU A CG  1 
ATOM   507  C  CD  . GLU A 1 66  ? 4.746   8.696   -15.510 0.50 25.74 ? 66  GLU A CD  1 
ATOM   508  O  OE1 . GLU A 1 66  ? 4.669   7.511   -15.130 0.01 25.94 ? 66  GLU A OE1 1 
ATOM   509  O  OE2 . GLU A 1 66  ? 5.453   9.061   -16.472 0.01 26.04 ? 66  GLU A OE2 1 
ATOM   510  N  N   . GLN A 1 67  ? 6.309   8.985   -11.070 1.00 17.90 ? 67  GLN A N   1 
ATOM   511  C  CA  . GLN A 1 67  ? 7.249   9.449   -10.047 1.00 19.64 ? 67  GLN A CA  1 
ATOM   512  C  C   . GLN A 1 67  ? 7.440   10.953  -10.117 1.00 20.61 ? 67  GLN A C   1 
ATOM   513  O  O   . GLN A 1 67  ? 7.418   11.566  -11.192 1.00 22.44 ? 67  GLN A O   1 
ATOM   514  C  CB  . GLN A 1 67  ? 8.577   8.700   -10.221 1.00 21.06 ? 67  GLN A CB  1 
ATOM   515  C  CG  . GLN A 1 67  ? 9.591   8.996   -9.134  1.00 24.14 ? 67  GLN A CG  1 
ATOM   516  C  CD  . GLN A 1 67  ? 10.798  8.089   -9.156  1.00 29.91 ? 67  GLN A CD  1 
ATOM   517  O  OE1 . GLN A 1 67  ? 10.703  6.880   -9.361  1.00 31.29 ? 67  GLN A OE1 1 
ATOM   518  N  NE2 . GLN A 1 67  ? 11.949  8.682   -8.842  1.00 31.46 ? 67  GLN A NE2 1 
ATOM   519  N  N   . ASP A 1 68  ? 7.591   11.576  -8.955  1.00 16.72 ? 68  ASP A N   1 
ATOM   520  C  CA  . ASP A 1 68  ? 7.873   13.009  -8.869  1.00 20.06 ? 68  ASP A CA  1 
ATOM   521  C  C   . ASP A 1 68  ? 9.047   13.232  -7.921  1.00 22.33 ? 68  ASP A C   1 
ATOM   522  O  O   . ASP A 1 68  ? 8.874   13.248  -6.699  1.00 20.35 ? 68  ASP A O   1 
ATOM   523  C  CB  . ASP A 1 68  ? 6.625   13.743  -8.389  1.00 24.46 ? 68  ASP A CB  1 
ATOM   524  C  CG  . ASP A 1 68  ? 6.783   15.249  -8.377  1.00 29.15 ? 68  ASP A CG  1 
ATOM   525  O  OD1 . ASP A 1 68  ? 7.883   15.721  -8.718  1.00 27.33 ? 68  ASP A OD1 1 
ATOM   526  O  OD2 . ASP A 1 68  ? 5.792   15.960  -8.115  1.00 35.86 ? 68  ASP A OD2 1 
ATOM   527  N  N   . GLY A 1 69  ? 10.229  13.490  -8.486  1.00 21.34 ? 69  GLY A N   1 
ATOM   528  C  CA  . GLY A 1 69  ? 11.429  13.527  -7.634  1.00 20.31 ? 69  GLY A CA  1 
ATOM   529  C  C   . GLY A 1 69  ? 11.682  12.154  -7.025  1.00 17.36 ? 69  GLY A C   1 
ATOM   530  O  O   . GLY A 1 69  ? 11.745  11.139  -7.721  1.00 19.49 ? 69  GLY A O   1 
ATOM   531  N  N   . ASP A 1 70  ? 11.810  12.108  -5.693  1.00 16.07 ? 70  ASP A N   1 
ATOM   532  C  CA  . ASP A 1 70  ? 11.896  10.805  -5.033  1.00 15.75 ? 70  ASP A CA  1 
ATOM   533  C  C   . ASP A 1 70  ? 10.567  10.387  -4.403  1.00 14.85 ? 70  ASP A C   1 
ATOM   534  O  O   . ASP A 1 70  ? 10.582  9.385   -3.681  1.00 16.92 ? 70  ASP A O   1 
ATOM   535  C  CB  . ASP A 1 70  ? 13.002  10.799  -3.989  1.00 16.89 ? 70  ASP A CB  1 
ATOM   536  C  CG  . ASP A 1 70  ? 12.752  11.638  -2.764  1.00 17.41 ? 70  ASP A CG  1 
ATOM   537  O  OD1 . ASP A 1 70  ? 11.749  12.375  -2.664  1.00 16.49 ? 70  ASP A OD1 1 
ATOM   538  O  OD2 . ASP A 1 70  ? 13.611  11.550  -1.844  1.00 16.22 ? 70  ASP A OD2 1 
ATOM   539  N  N   . THR A 1 71  ? 9.466   10.997  -4.800  1.00 14.52 ? 71  THR A N   1 
ATOM   540  C  CA  . THR A 1 71  ? 8.142   10.463  -4.407  1.00 15.45 ? 71  THR A CA  1 
ATOM   541  C  C   . THR A 1 71  ? 7.721   9.449   -5.448  1.00 14.32 ? 71  THR A C   1 
ATOM   542  O  O   . THR A 1 71  ? 7.604   9.789   -6.626  1.00 16.40 ? 71  THR A O   1 
ATOM   543  C  CB  . THR A 1 71  ? 7.122   11.612  -4.348  1.00 16.83 ? 71  THR A CB  1 
ATOM   544  O  OG1 . THR A 1 71  ? 7.574   12.671  -3.490  1.00 15.97 ? 71  THR A OG1 1 
ATOM   545  C  CG2 . THR A 1 71  ? 5.771   11.113  -3.830  1.00 16.02 ? 71  THR A CG2 1 
ATOM   546  N  N   . PRO A 1 72  ? 7.537   8.187   -5.081  1.00 13.61 ? 72  PRO A N   1 
ATOM   547  C  CA  . PRO A 1 72  ? 7.344   7.114   -6.045  1.00 13.02 ? 72  PRO A CA  1 
ATOM   548  C  C   . PRO A 1 72  ? 6.017   7.299   -6.770  1.00 14.68 ? 72  PRO A C   1 
ATOM   549  O  O   . PRO A 1 72  ? 5.127   7.936   -6.197  1.00 13.93 ? 72  PRO A O   1 
ATOM   550  C  CB  . PRO A 1 72  ? 7.365   5.790   -5.267  1.00 14.02 ? 72  PRO A CB  1 
ATOM   551  C  CG  . PRO A 1 72  ? 7.233   6.267   -3.833  1.00 14.23 ? 72  PRO A CG  1 
ATOM   552  C  CD  . PRO A 1 72  ? 7.824   7.673   -3.732  1.00 11.79 ? 72  PRO A CD  1 
ATOM   553  N  N   . GLY A 1 73  ? 5.912   6.889   -8.042  1.00 12.01 ? 73  GLY A N   1 
ATOM   554  C  CA  . GLY A 1 73  ? 4.559   6.810   -8.622  1.00 12.73 ? 73  GLY A CA  1 
ATOM   555  C  C   . GLY A 1 73  ? 3.725   5.800   -7.816  1.00 11.63 ? 73  GLY A C   1 
ATOM   556  O  O   . GLY A 1 73  ? 4.291   5.034   -7.049  1.00 11.96 ? 73  GLY A O   1 
ATOM   557  N  N   . LEU A 1 74  ? 2.447   5.710   -8.176  1.00 12.93 ? 74  LEU A N   1 
ATOM   558  C  CA  . LEU A 1 74  ? 1.506   4.939   -7.339  1.00 12.29 ? 74  LEU A CA  1 
ATOM   559  C  C   . LEU A 1 74  ? 1.726   3.448   -7.365  1.00 11.82 ? 74  LEU A C   1 
ATOM   560  O  O   . LEU A 1 74  ? 1.795   2.799   -6.320  1.00 9.54  ? 74  LEU A O   1 
ATOM   561  C  CB  . LEU A 1 74  ? 0.085   5.261   -7.833  1.00 11.92 ? 74  LEU A CB  1 
ATOM   562  C  CG  . LEU A 1 74  ? -1.067  4.778   -6.940  1.00 13.21 ? 74  LEU A CG  1 
ATOM   563  C  CD1 . LEU A 1 74  ? -1.007  5.447   -5.560  1.00 12.24 ? 74  LEU A CD1 1 
ATOM   564  C  CD2 . LEU A 1 74  ? -2.394  5.089   -7.624  1.00 13.21 ? 74  LEU A CD2 1 
ATOM   565  N  N   . GLN A 1 75  ? 2.025   2.857   -8.540  1.00 11.63 ? 75  GLN A N   1 
ATOM   566  C  CA  . GLN A 1 75  ? 2.303   1.430   -8.574  1.00 10.56 ? 75  GLN A CA  1 
ATOM   567  C  C   . GLN A 1 75  ? 3.503   1.108   -7.697  1.00 9.99  ? 75  GLN A C   1 
ATOM   568  O  O   . GLN A 1 75  ? 3.585   0.175   -6.906  1.00 10.85 ? 75  GLN A O   1 
ATOM   569  C  CB  . GLN A 1 75  ? 2.517   0.940   -10.022 1.00 13.03 ? 75  GLN A CB  1 
ATOM   570  C  CG  . GLN A 1 75  ? 3.016   -0.498  -10.082 1.00 13.98 ? 75  GLN A CG  1 
ATOM   571  C  CD  . GLN A 1 75  ? 3.236   -0.952  -11.529 1.00 15.90 ? 75  GLN A CD  1 
ATOM   572  O  OE1 . GLN A 1 75  ? 2.624   -0.414  -12.438 1.00 15.09 ? 75  GLN A OE1 1 
ATOM   573  N  NE2 . GLN A 1 75  ? 3.992   -2.020  -11.683 1.00 18.23 ? 75  GLN A NE2 1 
ATOM   574  N  N   . ASP A 1 76  ? 4.588   1.886   -7.907  1.00 11.09 ? 76  ASP A N   1 
ATOM   575  C  CA  . ASP A 1 76  ? 5.841   1.705   -7.204  1.00 12.55 ? 76  ASP A CA  1 
ATOM   576  C  C   . ASP A 1 76  ? 5.649   1.920   -5.709  1.00 10.55 ? 76  ASP A C   1 
ATOM   577  O  O   . ASP A 1 76  ? 6.205   1.155   -4.923  1.00 10.71 ? 76  ASP A O   1 
ATOM   578  C  CB  A ASP A 1 76  ? 6.919   2.655   -7.723  0.51 14.34 ? 76  ASP A CB  1 
ATOM   579  C  CB  B ASP A 1 76  ? 6.829   2.742   -7.761  0.49 12.86 ? 76  ASP A CB  1 
ATOM   580  C  CG  A ASP A 1 76  ? 7.525   2.214   -9.037  0.51 17.42 ? 76  ASP A CG  1 
ATOM   581  C  CG  B ASP A 1 76  ? 8.248   2.534   -7.306  0.49 14.70 ? 76  ASP A CG  1 
ATOM   582  O  OD1 A ASP A 1 76  ? 7.422   1.032   -9.420  0.51 19.47 ? 76  ASP A OD1 1 
ATOM   583  O  OD1 B ASP A 1 76  ? 8.580   1.450   -6.790  0.49 19.24 ? 76  ASP A OD1 1 
ATOM   584  O  OD2 A ASP A 1 76  ? 8.181   3.070   -9.662  0.51 16.92 ? 76  ASP A OD2 1 
ATOM   585  O  OD2 B ASP A 1 76  ? 9.043   3.502   -7.317  0.49 15.12 ? 76  ASP A OD2 1 
ATOM   586  N  N   . ALA A 1 77  ? 4.834   2.910   -5.341  1.00 11.14 ? 77  ALA A N   1 
ATOM   587  C  CA  . ALA A 1 77  ? 4.533   3.104   -3.910  1.00 11.40 ? 77  ALA A CA  1 
ATOM   588  C  C   . ALA A 1 77  ? 3.907   1.855   -3.306  1.00 10.69 ? 77  ALA A C   1 
ATOM   589  O  O   . ALA A 1 77  ? 4.315   1.435   -2.227  1.00 9.57  ? 77  ALA A O   1 
ATOM   590  C  CB  . ALA A 1 77  ? 3.603   4.303   -3.730  1.00 9.21  ? 77  ALA A CB  1 
ATOM   591  N  N   . TYR A 1 78  ? 2.875   1.300   -3.944  1.00 10.34 ? 78  TYR A N   1 
ATOM   592  C  CA  . TYR A 1 78  ? 2.291   0.075   -3.402  1.00 9.44  ? 78  TYR A CA  1 
ATOM   593  C  C   . TYR A 1 78  ? 3.256   -1.087  -3.353  1.00 8.56  ? 78  TYR A C   1 
ATOM   594  O  O   . TYR A 1 78  ? 3.308   -1.886  -2.437  1.00 9.20  ? 78  TYR A O   1 
ATOM   595  C  CB  . TYR A 1 78  ? 1.032   -0.294  -4.192  1.00 9.32  ? 78  TYR A CB  1 
ATOM   596  C  CG  . TYR A 1 78  ? -0.179  0.507   -3.739  1.00 11.86 ? 78  TYR A CG  1 
ATOM   597  C  CD1 . TYR A 1 78  ? -0.766  1.477   -4.519  1.00 9.46  ? 78  TYR A CD1 1 
ATOM   598  C  CD2 . TYR A 1 78  ? -0.706  0.201   -2.484  1.00 10.94 ? 78  TYR A CD2 1 
ATOM   599  C  CE1 . TYR A 1 78  ? -1.921  2.138   -4.074  1.00 13.54 ? 78  TYR A CE1 1 
ATOM   600  C  CE2 . TYR A 1 78  ? -1.878  0.815   -2.066  1.00 13.17 ? 78  TYR A CE2 1 
ATOM   601  C  CZ  . TYR A 1 78  ? -2.450  1.771   -2.859  1.00 12.55 ? 78  TYR A CZ  1 
ATOM   602  O  OH  . TYR A 1 78  ? -3.632  2.345   -2.403  1.00 16.50 ? 78  TYR A OH  1 
ATOM   603  N  N   . HIS A 1 79  ? 4.006   -1.311  -4.478  1.00 10.22 ? 79  HIS A N   1 
ATOM   604  C  CA  . HIS A 1 79  ? 4.947   -2.422  -4.444  1.00 10.21 ? 79  HIS A CA  1 
ATOM   605  C  C   . HIS A 1 79  ? 5.982   -2.276  -3.356  1.00 6.99  ? 79  HIS A C   1 
ATOM   606  O  O   . HIS A 1 79  ? 6.237   -3.230  -2.622  1.00 11.17 ? 79  HIS A O   1 
ATOM   607  C  CB  . HIS A 1 79  ? 5.611   -2.644  -5.824  1.00 10.29 ? 79  HIS A CB  1 
ATOM   608  C  CG  . HIS A 1 79  ? 4.663   -3.231  -6.823  1.00 14.21 ? 79  HIS A CG  1 
ATOM   609  N  ND1 . HIS A 1 79  ? 4.826   -3.070  -8.189  1.00 15.91 ? 79  HIS A ND1 1 
ATOM   610  C  CD2 . HIS A 1 79  ? 3.525   -3.966  -6.653  1.00 13.72 ? 79  HIS A CD2 1 
ATOM   611  C  CE1 . HIS A 1 79  ? 3.833   -3.706  -8.815  1.00 20.23 ? 79  HIS A CE1 1 
ATOM   612  N  NE2 . HIS A 1 79  ? 3.059   -4.291  -7.900  1.00 13.68 ? 79  HIS A NE2 1 
ATOM   613  N  N   . GLN A 1 80  ? 6.573   -1.083  -3.214  1.00 9.72  ? 80  GLN A N   1 
ATOM   614  C  CA  . GLN A 1 80  ? 7.581   -0.884  -2.173  1.00 10.15 ? 80  GLN A CA  1 
ATOM   615  C  C   . GLN A 1 80  ? 7.007   -1.084  -0.777  1.00 8.58  ? 80  GLN A C   1 
ATOM   616  O  O   . GLN A 1 80  ? 7.648   -1.640  0.102   1.00 12.12 ? 80  GLN A O   1 
ATOM   617  C  CB  . GLN A 1 80  ? 8.168   0.524   -2.315  1.00 11.59 ? 80  GLN A CB  1 
ATOM   618  C  CG  . GLN A 1 80  ? 9.030   0.601   -3.587  1.00 12.86 ? 80  GLN A CG  1 
ATOM   619  C  CD  . GLN A 1 80  ? 9.575   2.018   -3.751  1.00 19.66 ? 80  GLN A CD  1 
ATOM   620  O  OE1 . GLN A 1 80  ? 9.883   2.676   -2.765  1.00 25.21 ? 80  GLN A OE1 1 
ATOM   621  N  NE2 . GLN A 1 80  ? 9.921   2.344   -4.977  1.00 23.13 ? 80  GLN A NE2 1 
ATOM   622  N  N   . GLN A 1 81  ? 5.763   -0.588  -0.547  1.00 8.97  ? 81  GLN A N   1 
ATOM   623  C  CA  . GLN A 1 81  ? 5.189   -0.730  0.782   1.00 9.44  ? 81  GLN A CA  1 
ATOM   624  C  C   . GLN A 1 81  ? 4.801   -2.186  1.063   1.00 7.48  ? 81  GLN A C   1 
ATOM   625  O  O   . GLN A 1 81  ? 5.161   -2.738  2.096   1.00 8.83  ? 81  GLN A O   1 
ATOM   626  C  CB  A GLN A 1 81  ? 4.019   0.222   1.031   0.51 10.60 ? 81  GLN A CB  1 
ATOM   627  C  CB  B GLN A 1 81  ? 3.937   0.163   0.908   0.49 8.51  ? 81  GLN A CB  1 
ATOM   628  C  CG  A GLN A 1 81  ? 3.876   0.493   2.540   0.51 9.83  ? 81  GLN A CG  1 
ATOM   629  C  CG  B GLN A 1 81  ? 3.014   -0.158  2.076   0.49 7.15  ? 81  GLN A CG  1 
ATOM   630  C  CD  A GLN A 1 81  ? 2.858   1.601   2.773   0.51 9.48  ? 81  GLN A CD  1 
ATOM   631  C  CD  B GLN A 1 81  ? 1.921   0.865   2.325   0.49 10.66 ? 81  GLN A CD  1 
ATOM   632  O  OE1 A GLN A 1 81  ? 3.271   2.755   2.925   0.51 10.86 ? 81  GLN A OE1 1 
ATOM   633  O  OE1 B GLN A 1 81  ? 2.138   2.051   2.579   0.49 8.60  ? 81  GLN A OE1 1 
ATOM   634  N  NE2 A GLN A 1 81  ? 1.595   1.310   2.505   0.51 9.01  ? 81  GLN A NE2 1 
ATOM   635  N  NE2 B GLN A 1 81  ? 0.673   0.445   2.076   0.49 9.41  ? 81  GLN A NE2 1 
ATOM   636  N  N   . CYS A 1 82  ? 3.956   -2.714  0.185   1.00 7.65  ? 82  CYS A N   1 
ATOM   637  C  CA  . CYS A 1 82  ? 3.324   -4.010  0.381   1.00 6.63  ? 82  CYS A CA  1 
ATOM   638  C  C   . CYS A 1 82  ? 4.299   -5.175  0.159   1.00 9.01  ? 82  CYS A C   1 
ATOM   639  O  O   . CYS A 1 82  ? 4.532   -5.963  1.057   1.00 9.36  ? 82  CYS A O   1 
ATOM   640  C  CB  . CYS A 1 82  ? 2.120   -4.190  -0.555  1.00 7.65  ? 82  CYS A CB  1 
ATOM   641  S  SG  . CYS A 1 82  ? 0.873   -2.876  -0.534  1.00 9.44  ? 82  CYS A SG  1 
ATOM   642  N  N   . TRP A 1 83  ? 4.796   -5.238  -1.073  1.00 11.10 ? 83  TRP A N   1 
ATOM   643  C  CA  . TRP A 1 83  ? 5.759   -6.309  -1.395  1.00 11.40 ? 83  TRP A CA  1 
ATOM   644  C  C   . TRP A 1 83  ? 7.099   -6.117  -0.707  1.00 12.25 ? 83  TRP A C   1 
ATOM   645  O  O   . TRP A 1 83  ? 7.622   -7.081  -0.117  1.00 10.74 ? 83  TRP A O   1 
ATOM   646  C  CB  . TRP A 1 83  ? 5.869   -6.348  -2.909  1.00 10.42 ? 83  TRP A CB  1 
ATOM   647  C  CG  . TRP A 1 83  ? 6.801   -7.403  -3.454  1.00 10.73 ? 83  TRP A CG  1 
ATOM   648  C  CD1 . TRP A 1 83  ? 7.334   -8.490  -2.825  1.00 16.65 ? 83  TRP A CD1 1 
ATOM   649  C  CD2 . TRP A 1 83  ? 7.061   -7.548  -4.856  1.00 15.94 ? 83  TRP A CD2 1 
ATOM   650  N  NE1 . TRP A 1 83  ? 7.991   -9.273  -3.753  1.00 20.27 ? 83  TRP A NE1 1 
ATOM   651  C  CE2 . TRP A 1 83  ? 7.916   -8.673  -4.979  1.00 18.49 ? 83  TRP A CE2 1 
ATOM   652  C  CE3 . TRP A 1 83  ? 6.781   -6.776  -5.979  1.00 14.43 ? 83  TRP A CE3 1 
ATOM   653  C  CZ2 . TRP A 1 83  ? 8.323   -9.142  -6.235  1.00 21.10 ? 83  TRP A CZ2 1 
ATOM   654  C  CZ3 . TRP A 1 83  ? 7.261   -7.193  -7.216  1.00 23.32 ? 83  TRP A CZ3 1 
ATOM   655  C  CH2 . TRP A 1 83  ? 8.088   -8.322  -7.310  1.00 20.26 ? 83  TRP A CH2 1 
ATOM   656  N  N   . GLY A 1 84  ? 7.508   -4.869  -0.463  1.00 10.50 ? 84  GLY A N   1 
ATOM   657  C  CA  . GLY A 1 84  ? 8.680   -4.575  0.350   1.00 10.69 ? 84  GLY A CA  1 
ATOM   658  C  C   . GLY A 1 84  ? 8.598   -5.122  1.757   1.00 13.11 ? 84  GLY A C   1 
ATOM   659  O  O   . GLY A 1 84  ? 9.570   -5.725  2.245   1.00 12.60 ? 84  GLY A O   1 
ATOM   660  N  N   . CYS A 1 85  ? 7.465   -4.954  2.473   1.00 9.36  ? 85  CYS A N   1 
ATOM   661  C  CA  . CYS A 1 85  ? 7.409   -5.535  3.809   1.00 10.12 ? 85  CYS A CA  1 
ATOM   662  C  C   . CYS A 1 85  ? 7.409   -7.061  3.771   1.00 10.17 ? 85  CYS A C   1 
ATOM   663  O  O   . CYS A 1 85  ? 8.061   -7.701  4.589   1.00 11.70 ? 85  CYS A O   1 
ATOM   664  C  CB  . CYS A 1 85  ? 6.161   -5.056  4.590   1.00 12.08 ? 85  CYS A CB  1 
ATOM   665  S  SG  . CYS A 1 85  ? 6.081   -5.867  6.209   1.00 12.70 ? 85  CYS A SG  1 
ATOM   666  N  N   . HIS A 1 86  ? 6.674   -7.652  2.826   1.00 10.38 ? 86  HIS A N   1 
ATOM   667  C  CA  . HIS A 1 86  ? 6.600   -9.121  2.784   1.00 11.46 ? 86  HIS A CA  1 
ATOM   668  C  C   . HIS A 1 86  ? 7.981   -9.732  2.551   1.00 12.85 ? 86  HIS A C   1 
ATOM   669  O  O   . HIS A 1 86  ? 8.339   -10.719 3.207   1.00 14.23 ? 86  HIS A O   1 
ATOM   670  C  CB  . HIS A 1 86  ? 5.673   -9.554  1.656   1.00 12.24 ? 86  HIS A CB  1 
ATOM   671  C  CG  . HIS A 1 86  ? 4.254   -9.111  1.891   1.00 9.32  ? 86  HIS A CG  1 
ATOM   672  N  ND1 . HIS A 1 86  ? 3.307   -9.270  0.907   1.00 12.27 ? 86  HIS A ND1 1 
ATOM   673  C  CD2 . HIS A 1 86  ? 3.654   -8.578  2.978   1.00 14.17 ? 86  HIS A CD2 1 
ATOM   674  C  CE1 . HIS A 1 86  ? 2.138   -8.843  1.392   1.00 10.71 ? 86  HIS A CE1 1 
ATOM   675  N  NE2 . HIS A 1 86  ? 2.327   -8.464  2.626   1.00 8.13  ? 86  HIS A NE2 1 
ATOM   676  N  N   . GLU A 1 87  ? 8.756   -9.062  1.722   1.00 11.75 ? 87  GLU A N   1 
ATOM   677  C  CA  . GLU A 1 87  ? 10.133  -9.528  1.501   1.00 14.46 ? 87  GLU A CA  1 
ATOM   678  C  C   . GLU A 1 87  ? 11.045  -9.297  2.689   1.00 16.12 ? 87  GLU A C   1 
ATOM   679  O  O   . GLU A 1 87  ? 11.773  -10.204 3.110   1.00 16.09 ? 87  GLU A O   1 
ATOM   680  C  CB  . GLU A 1 87  ? 10.661  -8.827  0.237   1.00 12.78 ? 87  GLU A CB  1 
ATOM   681  C  CG  . GLU A 1 87  ? 12.027  -9.444  -0.063  1.00 22.25 ? 87  GLU A CG  1 
ATOM   682  C  CD  . GLU A 1 87  ? 12.612  -8.713  -1.254  1.00 25.76 ? 87  GLU A CD  1 
ATOM   683  O  OE1 . GLU A 1 87  ? 11.931  -8.673  -2.296  1.00 27.92 ? 87  GLU A OE1 1 
ATOM   684  O  OE2 . GLU A 1 87  ? 13.674  -8.127  -0.997  1.00 30.50 ? 87  GLU A OE2 1 
ATOM   685  N  N   . LYS A 1 88  ? 10.890  -8.167  3.379   1.00 13.85 ? 88  LYS A N   1 
ATOM   686  C  CA  . LYS A 1 88  ? 11.669  -7.882  4.581   1.00 15.40 ? 88  LYS A CA  1 
ATOM   687  C  C   . LYS A 1 88  ? 11.405  -8.870  5.702   1.00 14.79 ? 88  LYS A C   1 
ATOM   688  O  O   . LYS A 1 88  ? 12.324  -9.295  6.422   1.00 17.27 ? 88  LYS A O   1 
ATOM   689  C  CB  . LYS A 1 88  ? 11.375  -6.452  5.066   1.00 15.21 ? 88  LYS A CB  1 
ATOM   690  C  CG  . LYS A 1 88  ? 12.288  -5.990  6.195   1.00 23.55 ? 88  LYS A CG  1 
ATOM   691  C  CD  . LYS A 1 88  ? 11.601  -6.098  7.545   0.01 21.98 ? 88  LYS A CD  1 
ATOM   692  C  CE  . LYS A 1 88  ? 12.312  -5.264  8.598   0.01 22.66 ? 88  LYS A CE  1 
ATOM   693  N  NZ  . LYS A 1 88  ? 11.635  -5.349  9.923   0.01 22.62 ? 88  LYS A NZ  1 
ATOM   694  N  N   . GLN A 1 89  ? 10.135  -9.231  5.913   1.00 13.68 ? 89  GLN A N   1 
ATOM   695  C  CA  . GLN A 1 89  ? 9.748   -10.081 7.021   1.00 15.00 ? 89  GLN A CA  1 
ATOM   696  C  C   . GLN A 1 89  ? 9.708   -11.544 6.611   1.00 14.13 ? 89  GLN A C   1 
ATOM   697  O  O   . GLN A 1 89  ? 9.453   -12.424 7.446   1.00 16.08 ? 89  GLN A O   1 
ATOM   698  C  CB  . GLN A 1 89  ? 8.379   -9.630  7.577   1.00 18.59 ? 89  GLN A CB  1 
ATOM   699  C  CG  . GLN A 1 89  ? 8.476   -8.240  8.193   1.00 20.50 ? 89  GLN A CG  1 
ATOM   700  C  CD  . GLN A 1 89  ? 7.244   -7.776  8.945   1.00 21.85 ? 89  GLN A CD  1 
ATOM   701  O  OE1 . GLN A 1 89  ? 6.296   -8.515  9.179   1.00 23.75 ? 89  GLN A OE1 1 
ATOM   702  N  NE2 . GLN A 1 89  ? 7.368   -6.614  9.580   1.00 25.59 ? 89  GLN A NE2 1 
ATOM   703  N  N   . ALA A 1 90  ? 9.824   -11.828 5.320   1.00 15.39 ? 90  ALA A N   1 
ATOM   704  C  CA  . ALA A 1 90  ? 9.722   -13.181 4.788   1.00 14.87 ? 90  ALA A CA  1 
ATOM   705  C  C   . ALA A 1 90  ? 8.399   -13.849 5.122   1.00 19.23 ? 90  ALA A C   1 
ATOM   706  O  O   . ALA A 1 90  ? 8.288   -15.023 5.504   1.00 22.13 ? 90  ALA A O   1 
ATOM   707  C  CB  . ALA A 1 90  ? 10.887  -14.052 5.274   1.00 19.91 ? 90  ALA A CB  1 
ATOM   708  N  N   . LYS A 1 91  ? 7.326   -13.070 5.056   1.00 17.38 ? 91  LYS A N   1 
ATOM   709  C  CA  . LYS A 1 91  ? 5.966   -13.527 5.315   1.00 16.89 ? 91  LYS A CA  1 
ATOM   710  C  C   . LYS A 1 91  ? 5.051   -12.788 4.331   1.00 18.50 ? 91  LYS A C   1 
ATOM   711  O  O   . LYS A 1 91  ? 5.349   -11.635 4.012   1.00 17.17 ? 91  LYS A O   1 
ATOM   712  C  CB  . LYS A 1 91  ? 5.510   -13.215 6.737   1.00 21.12 ? 91  LYS A CB  1 
ATOM   713  C  CG  . LYS A 1 91  ? 6.185   -14.015 7.837   1.00 27.73 ? 91  LYS A CG  1 
ATOM   714  C  CD  . LYS A 1 91  ? 5.258   -14.366 8.985   1.00 32.30 ? 91  LYS A CD  1 
ATOM   715  C  CE  . LYS A 1 91  ? 6.057   -14.621 10.257  1.00 35.29 ? 91  LYS A CE  1 
ATOM   716  N  NZ  . LYS A 1 91  ? 6.838   -13.423 10.669  0.01 34.74 ? 91  LYS A NZ  1 
ATOM   717  N  N   . GLY A 1 92  ? 3.999   -13.442 3.885   1.00 17.34 ? 92  GLY A N   1 
ATOM   718  C  CA  . GLY A 1 92  ? 3.067   -12.827 2.947   1.00 15.29 ? 92  GLY A CA  1 
ATOM   719  C  C   . GLY A 1 92  ? 3.518   -12.935 1.505   1.00 20.13 ? 92  GLY A C   1 
ATOM   720  O  O   . GLY A 1 92  ? 4.609   -13.424 1.181   1.00 19.36 ? 92  GLY A O   1 
ATOM   721  N  N   . PRO A 1 93  ? 2.617   -12.639 0.577   1.00 17.68 ? 93  PRO A N   1 
ATOM   722  C  CA  . PRO A 1 93  ? 2.738   -12.940 -0.828  1.00 17.62 ? 93  PRO A CA  1 
ATOM   723  C  C   . PRO A 1 93  ? 3.792   -12.092 -1.524  1.00 19.09 ? 93  PRO A C   1 
ATOM   724  O  O   . PRO A 1 93  ? 3.901   -10.877 -1.336  1.00 16.74 ? 93  PRO A O   1 
ATOM   725  C  CB  . PRO A 1 93  ? 1.369   -12.696 -1.497  1.00 20.93 ? 93  PRO A CB  1 
ATOM   726  C  CG  . PRO A 1 93  ? 0.662   -11.879 -0.430  1.00 17.50 ? 93  PRO A CG  1 
ATOM   727  C  CD  . PRO A 1 93  ? 1.228   -12.259 0.919   1.00 17.68 ? 93  PRO A CD  1 
ATOM   728  N  N   . VAL A 1 94  ? 4.698   -12.787 -2.234  1.00 18.73 ? 94  VAL A N   1 
ATOM   729  C  CA  . VAL A 1 94  ? 5.758   -12.056 -2.939  1.00 19.75 ? 94  VAL A CA  1 
ATOM   730  C  C   . VAL A 1 94  ? 5.766   -12.401 -4.422  1.00 21.19 ? 94  VAL A C   1 
ATOM   731  O  O   . VAL A 1 94  ? 6.483   -11.776 -5.204  1.00 22.34 ? 94  VAL A O   1 
ATOM   732  C  CB  . VAL A 1 94  ? 7.147   -12.344 -2.332  1.00 22.07 ? 94  VAL A CB  1 
ATOM   733  C  CG1 . VAL A 1 94  ? 7.263   -11.821 -0.905  1.00 23.78 ? 94  VAL A CG1 1 
ATOM   734  C  CG2 . VAL A 1 94  ? 7.446   -13.841 -2.340  1.00 20.79 ? 94  VAL A CG2 1 
ATOM   735  N  N   . MET A 1 95  ? 4.868   -13.302 -4.843  1.00 21.56 ? 95  MET A N   1 
ATOM   736  C  CA  . MET A 1 95  ? 4.684   -13.530 -6.279  1.00 21.67 ? 95  MET A CA  1 
ATOM   737  C  C   . MET A 1 95  ? 3.550   -12.689 -6.852  1.00 19.32 ? 95  MET A C   1 
ATOM   738  O  O   . MET A 1 95  ? 2.496   -12.603 -6.200  1.00 18.88 ? 95  MET A O   1 
ATOM   739  C  CB  A MET A 1 95  ? 4.345   -15.012 -6.496  0.51 25.16 ? 95  MET A CB  1 
ATOM   740  C  CB  B MET A 1 95  ? 4.454   -15.011 -6.577  0.49 24.13 ? 95  MET A CB  1 
ATOM   741  C  CG  A MET A 1 95  ? 5.398   -15.961 -5.935  0.51 31.17 ? 95  MET A CG  1 
ATOM   742  C  CG  B MET A 1 95  ? 5.335   -15.967 -5.788  0.49 29.22 ? 95  MET A CG  1 
ATOM   743  S  SD  A MET A 1 95  ? 6.470   -16.568 -7.253  0.51 35.84 ? 95  MET A SD  1 
ATOM   744  S  SD  B MET A 1 95  ? 5.301   -17.636 -6.466  0.49 33.25 ? 95  MET A SD  1 
ATOM   745  C  CE  A MET A 1 95  ? 5.301   -17.533 -8.209  0.51 34.77 ? 95  MET A CE  1 
ATOM   746  C  CE  B MET A 1 95  ? 5.090   -17.291 -8.211  0.49 32.41 ? 95  MET A CE  1 
ATOM   747  N  N   . CYS A 1 96  ? 3.639   -12.293 -8.106  1.00 15.84 ? 96  CYS A N   1 
ATOM   748  C  CA  . CYS A 1 96  ? 2.699   -11.358 -8.695  1.00 16.35 ? 96  CYS A CA  1 
ATOM   749  C  C   . CYS A 1 96  ? 1.255   -11.870 -8.550  1.00 18.86 ? 96  CYS A C   1 
ATOM   750  O  O   . CYS A 1 96  ? 0.359   -11.108 -8.186  1.00 15.57 ? 96  CYS A O   1 
ATOM   751  C  CB  . CYS A 1 96  ? 2.890   -11.050 -10.173 1.00 16.75 ? 96  CYS A CB  1 
ATOM   752  S  SG  . CYS A 1 96  ? 4.604   -10.889 -10.724 1.00 18.54 ? 96  CYS A SG  1 
ATOM   753  N  N   . GLY A 1 97  ? 1.035   -13.121 -8.963  1.00 17.89 ? 97  GLY A N   1 
ATOM   754  C  CA  . GLY A 1 97  ? -0.336  -13.642 -8.979  1.00 17.41 ? 97  GLY A CA  1 
ATOM   755  C  C   . GLY A 1 97  ? -0.850  -14.092 -7.636  1.00 17.04 ? 97  GLY A C   1 
ATOM   756  O  O   . GLY A 1 97  ? -2.010  -14.518 -7.521  1.00 19.42 ? 97  GLY A O   1 
ATOM   757  N  N   . GLU A 1 98  ? -0.088  -13.953 -6.555  1.00 14.17 ? 98  GLU A N   1 
ATOM   758  C  CA  . GLU A 1 98  ? -0.499  -14.199 -5.192  1.00 14.69 ? 98  GLU A CA  1 
ATOM   759  C  C   . GLU A 1 98  ? -1.110  -12.957 -4.537  1.00 16.17 ? 98  GLU A C   1 
ATOM   760  O  O   . GLU A 1 98  ? -1.805  -13.105 -3.531  1.00 17.19 ? 98  GLU A O   1 
ATOM   761  C  CB  . GLU A 1 98  ? 0.730   -14.604 -4.366  1.00 22.02 ? 98  GLU A CB  1 
ATOM   762  C  CG  . GLU A 1 98  ? 1.469   -15.730 -5.109  1.00 33.23 ? 98  GLU A CG  1 
ATOM   763  C  CD  . GLU A 1 98  ? 1.099   -17.015 -4.379  1.00 38.83 ? 98  GLU A CD  1 
ATOM   764  O  OE1 . GLU A 1 98  ? 1.898   -17.349 -3.476  1.00 43.46 ? 98  GLU A OE1 1 
ATOM   765  O  OE2 . GLU A 1 98  ? -0.110  -17.320 -4.455  1.00 41.80 ? 98  GLU A OE2 1 
ATOM   766  N  N   . CYS A 1 99  ? -0.765  -11.800 -5.081  1.00 15.82 ? 99  CYS A N   1 
ATOM   767  C  CA  . CYS A 1 99  ? -1.453  -10.565 -4.691  1.00 15.96 ? 99  CYS A CA  1 
ATOM   768  C  C   . CYS A 1 99  ? -2.540  -10.281 -5.711  1.00 15.77 ? 99  CYS A C   1 
ATOM   769  O  O   . CYS A 1 99  ? -3.701  -10.024 -5.378  1.00 15.60 ? 99  CYS A O   1 
ATOM   770  C  CB  . CYS A 1 99  ? -0.457  -9.385  -4.683  1.00 12.63 ? 99  CYS A CB  1 
ATOM   771  S  SG  . CYS A 1 99  ? 0.544   -9.462  -3.185  1.00 14.11 ? 99  CYS A SG  1 
ATOM   772  N  N   . HIS A 1 100 ? -2.140  -10.306 -6.984  1.00 14.53 ? 100 HIS A N   1 
ATOM   773  C  CA  . HIS A 1 100 ? -3.054  -10.001 -8.074  1.00 14.04 ? 100 HIS A CA  1 
ATOM   774  C  C   . HIS A 1 100 ? -3.745  -11.301 -8.484  1.00 18.44 ? 100 HIS A C   1 
ATOM   775  O  O   . HIS A 1 100 ? -3.492  -11.821 -9.567  1.00 17.83 ? 100 HIS A O   1 
ATOM   776  C  CB  . HIS A 1 100 ? -2.339  -9.372  -9.271  1.00 13.51 ? 100 HIS A CB  1 
ATOM   777  C  CG  . HIS A 1 100 ? -1.635  -8.080  -8.956  1.00 13.80 ? 100 HIS A CG  1 
ATOM   778  N  ND1 . HIS A 1 100 ? -2.318  -6.898  -8.865  1.00 11.62 ? 100 HIS A ND1 1 
ATOM   779  C  CD2 . HIS A 1 100 ? -0.319  -7.813  -8.742  1.00 16.37 ? 100 HIS A CD2 1 
ATOM   780  C  CE1 . HIS A 1 100 ? -1.449  -5.906  -8.677  1.00 15.39 ? 100 HIS A CE1 1 
ATOM   781  N  NE2 . HIS A 1 100 ? -0.249  -6.447  -8.589  1.00 11.13 ? 100 HIS A NE2 1 
ATOM   782  N  N   . VAL A 1 101 ? -4.701  -11.744 -7.671  1.00 15.46 ? 101 VAL A N   1 
ATOM   783  C  CA  . VAL A 1 101 ? -5.204  -13.118 -7.781  1.00 16.80 ? 101 VAL A CA  1 
ATOM   784  C  C   . VAL A 1 101 ? -6.253  -13.197 -8.879  1.00 19.32 ? 101 VAL A C   1 
ATOM   785  O  O   . VAL A 1 101 ? -7.163  -12.367 -8.958  1.00 16.97 ? 101 VAL A O   1 
ATOM   786  C  CB  . VAL A 1 101 ? -5.779  -13.599 -6.441  1.00 16.64 ? 101 VAL A CB  1 
ATOM   787  C  CG1 . VAL A 1 101 ? -6.521  -14.923 -6.605  1.00 17.62 ? 101 VAL A CG1 1 
ATOM   788  C  CG2 . VAL A 1 101 ? -4.687  -13.732 -5.396  1.00 20.45 ? 101 VAL A CG2 1 
ATOM   789  N  N   . LYS A 1 102 ? -6.083  -14.122 -9.828  1.00 19.41 ? 102 LYS A N   1 
ATOM   790  C  CA  . LYS A 1 102 ? -7.145  -14.381 -10.805 1.00 23.20 ? 102 LYS A CA  1 
ATOM   791  C  C   . LYS A 1 102 ? -8.186  -15.335 -10.222 1.00 24.54 ? 102 LYS A C   1 
ATOM   792  O  O   . LYS A 1 102 ? -7.833  -16.449 -9.817  1.00 27.79 ? 102 LYS A O   1 
ATOM   793  C  CB  . LYS A 1 102 ? -6.566  -14.988 -12.086 1.00 26.57 ? 102 LYS A CB  1 
ATOM   794  C  CG  . LYS A 1 102 ? -5.578  -14.068 -12.788 1.00 25.50 ? 102 LYS A CG  1 
ATOM   795  C  CD  . LYS A 1 102 ? -6.140  -13.572 -14.111 0.01 26.51 ? 102 LYS A CD  1 
ATOM   796  C  CE  . LYS A 1 102 ? -5.468  -14.260 -15.287 0.01 26.77 ? 102 LYS A CE  1 
ATOM   797  N  NZ  . LYS A 1 102 ? -4.031  -13.886 -15.401 0.01 27.03 ? 102 LYS A NZ  1 
ATOM   798  N  N   . ASN A 1 103 ? -9.303  -14.781 -9.770  1.00 24.87 ? 103 ASN A N   1 
ATOM   799  C  CA  . ASN A 1 103 ? -10.456 -15.556 -9.342  1.00 25.05 ? 103 ASN A CA  1 
ATOM   800  C  C   . ASN A 1 103 ? -11.749 -14.808 -9.683  1.00 27.31 ? 103 ASN A C   1 
ATOM   801  O  O   . ASN A 1 103 ? -11.710 -13.855 -10.486 1.00 27.20 ? 103 ASN A O   1 
ATOM   802  C  CB  . ASN A 1 103 ? -10.433 -15.853 -7.848  1.00 22.76 ? 103 ASN A CB  1 
ATOM   803  C  CG  . ASN A 1 103 ? -10.568 -14.619 -6.981  1.00 24.53 ? 103 ASN A CG  1 
ATOM   804  O  OD1 . ASN A 1 103 ? -10.088 -13.543 -7.346  1.00 20.63 ? 103 ASN A OD1 1 
ATOM   805  N  ND2 . ASN A 1 103 ? -11.315 -14.730 -5.886  1.00 22.17 ? 103 ASN A ND2 1 
ATOM   806  O  OXT . ASN A 1 103 ? -12.812 -15.286 -9.236  1.00 30.78 ? 103 ASN A OXT 1 
HETATM 807  ZN ZN  . ZN  B 2 .   ? -10.671 -11.040 -4.174  1.00 13.50 ? 111 ZN  A ZN  1 
HETATM 808  ZN ZN  . ZN  C 2 .   ? -3.550  7.972   13.819  1.00 21.72 ? 112 ZN  A ZN  1 
HETATM 809  ZN ZN  . ZN  D 2 .   ? -17.519 -2.751  12.802  1.00 27.35 ? 113 ZN  A ZN  1 
HETATM 810  ZN ZN  . ZN  E 2 .   ? -10.070 -11.032 12.624  1.00 31.31 ? 114 ZN  A ZN  1 
HETATM 811  C  CHA . HEM F 3 .   ? -7.472  2.751   3.768   1.00 10.99 ? 104 HEM A CHA 1 
HETATM 812  C  CHB . HEM F 3 .   ? -7.683  3.443   8.567   1.00 12.42 ? 104 HEM A CHB 1 
HETATM 813  C  CHC . HEM F 3 .   ? -3.637  0.841   9.154   1.00 11.21 ? 104 HEM A CHC 1 
HETATM 814  C  CHD . HEM F 3 .   ? -3.336  0.306   4.341   1.00 8.35  ? 104 HEM A CHD 1 
HETATM 815  C  C1A . HEM F 3 .   ? -7.886  3.126   5.032   1.00 10.67 ? 104 HEM A C1A 1 
HETATM 816  C  C2A . HEM F 3 .   ? -9.000  4.025   5.299   1.00 11.21 ? 104 HEM A C2A 1 
HETATM 817  C  C3A . HEM F 3 .   ? -9.102  4.149   6.625   1.00 12.81 ? 104 HEM A C3A 1 
HETATM 818  C  C4A . HEM F 3 .   ? -7.979  3.469   7.221   1.00 11.61 ? 104 HEM A C4A 1 
HETATM 819  C  CMA . HEM F 3 .   ? -10.112 5.001   7.450   1.00 13.59 ? 104 HEM A CMA 1 
HETATM 820  C  CAA . HEM F 3 .   ? -10.028 4.450   4.217   1.00 11.15 ? 104 HEM A CAA 1 
HETATM 821  C  CBA . HEM F 3 .   ? -11.202 3.470   4.118   1.00 13.70 ? 104 HEM A CBA 1 
HETATM 822  C  CGA . HEM F 3 .   ? -12.268 3.858   3.122   1.00 21.84 ? 104 HEM A CGA 1 
HETATM 823  O  O1A . HEM F 3 .   ? -11.915 4.442   2.073   1.00 22.15 ? 104 HEM A O1A 1 
HETATM 824  O  O2A . HEM F 3 .   ? -13.449 3.588   3.467   1.00 27.42 ? 104 HEM A O2A 1 
HETATM 825  C  C1B . HEM F 3 .   ? -6.638  2.753   9.145   1.00 10.58 ? 104 HEM A C1B 1 
HETATM 826  C  C2B . HEM F 3 .   ? -6.239  2.836   10.527  1.00 12.71 ? 104 HEM A C2B 1 
HETATM 827  C  C3B . HEM F 3 .   ? -5.122  2.126   10.693  1.00 12.24 ? 104 HEM A C3B 1 
HETATM 828  C  C4B . HEM F 3 .   ? -4.740  1.640   9.378   1.00 10.43 ? 104 HEM A C4B 1 
HETATM 829  C  CMB . HEM F 3 .   ? -7.105  3.543   11.600  1.00 12.94 ? 104 HEM A CMB 1 
HETATM 830  C  CAB . HEM F 3 .   ? -4.420  1.834   12.049  1.00 13.70 ? 104 HEM A CAB 1 
HETATM 831  C  CBB . HEM F 3 .   ? -5.219  1.119   12.936  1.00 16.56 ? 104 HEM A CBB 1 
HETATM 832  C  C1C . HEM F 3 .   ? -3.231  0.446   7.888   1.00 10.66 ? 104 HEM A C1C 1 
HETATM 833  C  C2C . HEM F 3 .   ? -2.011  -0.289  7.628   1.00 10.77 ? 104 HEM A C2C 1 
HETATM 834  C  C3C . HEM F 3 .   ? -1.938  -0.467  6.297   1.00 10.59 ? 104 HEM A C3C 1 
HETATM 835  C  C4C . HEM F 3 .   ? -3.039  0.228   5.690   1.00 8.82  ? 104 HEM A C4C 1 
HETATM 836  C  CMC . HEM F 3 .   ? -1.076  -0.815  8.732   1.00 9.88  ? 104 HEM A CMC 1 
HETATM 837  C  CAC . HEM F 3 .   ? -0.778  -1.117  5.491   1.00 9.56  ? 104 HEM A CAC 1 
HETATM 838  C  CBC . HEM F 3 .   ? -0.685  -2.485  5.723   1.00 7.86  ? 104 HEM A CBC 1 
HETATM 839  C  C1D . HEM F 3 .   ? -4.379  0.988   3.734   1.00 10.57 ? 104 HEM A C1D 1 
HETATM 840  C  C2D . HEM F 3 .   ? -4.632  1.131   2.324   1.00 8.93  ? 104 HEM A C2D 1 
HETATM 841  C  C3D . HEM F 3 .   ? -5.805  1.749   2.160   1.00 10.66 ? 104 HEM A C3D 1 
HETATM 842  C  C4D . HEM F 3 .   ? -6.314  2.042   3.495   1.00 7.71  ? 104 HEM A C4D 1 
HETATM 843  C  CMD . HEM F 3 .   ? -3.697  0.528   1.251   1.00 8.34  ? 104 HEM A CMD 1 
HETATM 844  C  CAD . HEM F 3 .   ? -6.412  2.358   0.873   1.00 11.86 ? 104 HEM A CAD 1 
HETATM 845  C  CBD . HEM F 3 .   ? -5.909  3.790   0.591   1.00 13.09 ? 104 HEM A CBD 1 
HETATM 846  C  CGD . HEM F 3 .   ? -6.598  4.496   -0.548  1.00 17.96 ? 104 HEM A CGD 1 
HETATM 847  O  O1D . HEM F 3 .   ? -7.827  4.759   -0.422  1.00 20.45 ? 104 HEM A O1D 1 
HETATM 848  O  O2D . HEM F 3 .   ? -5.834  4.936   -1.442  1.00 16.31 ? 104 HEM A O2D 1 
HETATM 849  N  NA  . HEM F 3 .   ? -7.225  2.876   6.216   1.00 10.44 ? 104 HEM A NA  1 
HETATM 850  N  NB  . HEM F 3 .   ? -5.650  2.078   8.436   1.00 7.93  ? 104 HEM A NB  1 
HETATM 851  N  NC  . HEM F 3 .   ? -3.829  0.781   6.696   1.00 9.20  ? 104 HEM A NC  1 
HETATM 852  N  ND  . HEM F 3 .   ? -5.408  1.609   4.430   1.00 9.53  ? 104 HEM A ND  1 
HETATM 853  FE FE  . HEM F 3 .   ? -5.531  1.803   6.431   1.00 9.44  ? 104 HEM A FE  1 
HETATM 854  C  CHA . HEM G 3 .   ? 7.043   8.001   -0.160  1.00 10.42 ? 105 HEM A CHA 1 
HETATM 855  C  CHB . HEM G 3 .   ? 3.831   4.391   -0.248  1.00 7.91  ? 105 HEM A CHB 1 
HETATM 856  C  CHC . HEM G 3 .   ? 0.389   7.386   1.379   1.00 9.29  ? 105 HEM A CHC 1 
HETATM 857  C  CHD . HEM G 3 .   ? 3.422   11.110  0.761   1.00 11.47 ? 105 HEM A CHD 1 
HETATM 858  C  C1A . HEM G 3 .   ? 6.498   6.736   -0.126  1.00 8.16  ? 105 HEM A C1A 1 
HETATM 859  C  C2A . HEM G 3 .   ? 7.224   5.495   -0.328  1.00 8.74  ? 105 HEM A C2A 1 
HETATM 860  C  C3A . HEM G 3 .   ? 6.365   4.482   -0.285  1.00 7.94  ? 105 HEM A C3A 1 
HETATM 861  C  C4A . HEM G 3 .   ? 5.040   5.061   -0.190  1.00 8.18  ? 105 HEM A C4A 1 
HETATM 862  C  CMA . HEM G 3 .   ? 6.650   2.969   -0.291  1.00 9.22  ? 105 HEM A CMA 1 
HETATM 863  C  CAA . HEM G 3 .   ? 8.780   5.470   -0.349  1.00 10.29 ? 105 HEM A CAA 1 
HETATM 864  C  CBA . HEM G 3 .   ? 9.394   5.797   1.016   1.00 10.01 ? 105 HEM A CBA 1 
HETATM 865  C  CGA . HEM G 3 .   ? 8.926   4.924   2.149   1.00 16.76 ? 105 HEM A CGA 1 
HETATM 866  O  O1A . HEM G 3 .   ? 8.126   5.405   2.989   1.00 14.85 ? 105 HEM A O1A 1 
HETATM 867  O  O2A . HEM G 3 .   ? 9.271   3.703   2.127   1.00 19.70 ? 105 HEM A O2A 1 
HETATM 868  C  C1B . HEM G 3 .   ? 2.596   4.930   0.055   1.00 8.81  ? 105 HEM A C1B 1 
HETATM 869  C  C2B . HEM G 3 .   ? 1.358   4.175   0.146   1.00 9.79  ? 105 HEM A C2B 1 
HETATM 870  C  C3B . HEM G 3 .   ? 0.416   4.983   0.633   1.00 9.86  ? 105 HEM A C3B 1 
HETATM 871  C  C4B . HEM G 3 .   ? 1.040   6.256   0.915   1.00 9.51  ? 105 HEM A C4B 1 
HETATM 872  C  CMB . HEM G 3 .   ? 1.241   2.728   -0.391  1.00 8.43  ? 105 HEM A CMB 1 
HETATM 873  C  CAB . HEM G 3 .   ? -1.046  4.654   1.035   1.00 10.31 ? 105 HEM A CAB 1 
HETATM 874  C  CBB . HEM G 3 .   ? -1.161  3.744   2.074   1.00 11.34 ? 105 HEM A CBB 1 
HETATM 875  C  C1C . HEM G 3 .   ? 0.931   8.657   1.333   1.00 9.09  ? 105 HEM A C1C 1 
HETATM 876  C  C2C . HEM G 3 .   ? 0.185   9.868   1.616   1.00 9.51  ? 105 HEM A C2C 1 
HETATM 877  C  C3C . HEM G 3 .   ? 1.021   10.905  1.485   1.00 11.94 ? 105 HEM A C3C 1 
HETATM 878  C  C4C . HEM G 3 .   ? 2.295   10.368  1.035   1.00 10.84 ? 105 HEM A C4C 1 
HETATM 879  C  CMC . HEM G 3 .   ? -1.328  9.883   1.936   1.00 12.32 ? 105 HEM A CMC 1 
HETATM 880  C  CAC . HEM G 3 .   ? 0.629   12.423  1.438   1.00 12.35 ? 105 HEM A CAC 1 
HETATM 881  C  CBC . HEM G 3 .   ? 0.052   12.852  2.626   1.00 13.89 ? 105 HEM A CBC 1 
HETATM 882  C  C1D . HEM G 3 .   ? 4.646   10.574  0.401   1.00 11.16 ? 105 HEM A C1D 1 
HETATM 883  C  C2D . HEM G 3 .   ? 5.828   11.355  0.095   1.00 11.89 ? 105 HEM A C2D 1 
HETATM 884  C  C3D . HEM G 3 .   ? 6.814   10.505  -0.156  1.00 11.59 ? 105 HEM A C3D 1 
HETATM 885  C  C4D . HEM G 3 .   ? 6.312   9.159   -0.014  1.00 11.86 ? 105 HEM A C4D 1 
HETATM 886  C  CMD . HEM G 3 .   ? 5.844   12.902  0.025   1.00 13.96 ? 105 HEM A CMD 1 
HETATM 887  C  CAD . HEM G 3 .   ? 8.291   10.810  -0.476  1.00 11.76 ? 105 HEM A CAD 1 
HETATM 888  C  CBD . HEM G 3 .   ? 9.152   10.857  0.804   1.00 12.29 ? 105 HEM A CBD 1 
HETATM 889  C  CGD . HEM G 3 .   ? 10.563  11.269  0.500   1.00 13.21 ? 105 HEM A CGD 1 
HETATM 890  O  O1D . HEM G 3 .   ? 11.400  10.433  0.098   1.00 13.38 ? 105 HEM A O1D 1 
HETATM 891  O  O2D . HEM G 3 .   ? 10.749  12.509  0.663   1.00 13.36 ? 105 HEM A O2D 1 
HETATM 892  N  NA  . HEM G 3 .   ? 5.136   6.433   -0.097  1.00 7.97  ? 105 HEM A NA  1 
HETATM 893  N  NB  . HEM G 3 .   ? 2.370   6.206   0.538   1.00 8.10  ? 105 HEM A NB  1 
HETATM 894  N  NC  . HEM G 3 .   ? 2.240   8.981   1.073   1.00 9.55  ? 105 HEM A NC  1 
HETATM 895  N  ND  . HEM G 3 .   ? 4.997   9.234   0.412   1.00 9.25  ? 105 HEM A ND  1 
HETATM 896  FE FE  . HEM G 3 .   ? 3.688   7.708   0.482   1.00 9.88  ? 105 HEM A FE  1 
HETATM 897  C  CHA . HEM H 3 .   ? 0.097   -11.200 4.554   1.00 13.14 ? 106 HEM A CHA 1 
HETATM 898  C  CHB . HEM H 3 .   ? -1.292  -8.164  1.074   1.00 11.07 ? 106 HEM A CHB 1 
HETATM 899  C  CHC . HEM H 3 .   ? 1.208   -4.620  3.222   1.00 9.41  ? 106 HEM A CHC 1 
HETATM 900  C  CHD . HEM H 3 .   ? 3.014   -7.791  6.355   1.00 10.73 ? 106 HEM A CHD 1 
HETATM 901  C  C1A . HEM H 3 .   ? -0.548  -10.689 3.460   1.00 13.93 ? 106 HEM A C1A 1 
HETATM 902  C  C2A . HEM H 3 .   ? -1.525  -11.365 2.641   1.00 15.13 ? 106 HEM A C2A 1 
HETATM 903  C  C3A . HEM H 3 .   ? -1.896  -10.542 1.661   1.00 12.80 ? 106 HEM A C3A 1 
HETATM 904  C  C4A . HEM H 3 .   ? -1.152  -9.294  1.853   1.00 10.86 ? 106 HEM A C4A 1 
HETATM 905  C  CMA . HEM H 3 .   ? -2.950  -10.710 0.564   1.00 16.63 ? 106 HEM A CMA 1 
HETATM 906  C  CAA . HEM H 3 .   ? -2.046  -12.796 2.933   1.00 18.45 ? 106 HEM A CAA 1 
HETATM 907  C  CBA . HEM H 3 .   ? -3.335  -12.849 3.742   0.90 24.09 ? 106 HEM A CBA 1 
HETATM 908  C  CGA . HEM H 3 .   ? -3.469  -11.910 4.902   0.90 27.54 ? 106 HEM A CGA 1 
HETATM 909  O  O1A . HEM H 3 .   ? -4.179  -10.876 4.717   0.90 30.73 ? 106 HEM A O1A 1 
HETATM 910  O  O2A . HEM H 3 .   ? -2.881  -12.223 5.967   0.90 29.89 ? 106 HEM A O2A 1 
HETATM 911  C  C1B . HEM H 3 .   ? -0.724  -6.927  1.348   1.00 8.45  ? 106 HEM A C1B 1 
HETATM 912  C  C2B . HEM H 3 .   ? -0.903  -5.725  0.578   1.00 8.51  ? 106 HEM A C2B 1 
HETATM 913  C  C3B . HEM H 3 .   ? -0.291  -4.731  1.224   1.00 8.75  ? 106 HEM A C3B 1 
HETATM 914  C  C4B . HEM H 3 .   ? 0.366   -5.305  2.375   1.00 8.68  ? 106 HEM A C4B 1 
HETATM 915  C  CMB . HEM H 3 .   ? -1.756  -5.635  -0.706  1.00 9.81  ? 106 HEM A CMB 1 
HETATM 916  C  CAB . HEM H 3 .   ? -0.233  -3.230  0.855   1.00 10.63 ? 106 HEM A CAB 1 
HETATM 917  C  CBB . HEM H 3 .   ? -1.483  -2.621  0.709   1.00 11.19 ? 106 HEM A CBB 1 
HETATM 918  C  C1C . HEM H 3 .   ? 1.917   -5.168  4.264   1.00 8.83  ? 106 HEM A C1C 1 
HETATM 919  C  C2C . HEM H 3 .   ? 2.883   -4.451  5.079   1.00 9.28  ? 106 HEM A C2C 1 
HETATM 920  C  C3C . HEM H 3 .   ? 3.404   -5.326  5.945   1.00 9.78  ? 106 HEM A C3C 1 
HETATM 921  C  C4C . HEM H 3 .   ? 2.760   -6.601  5.710   1.00 10.23 ? 106 HEM A C4C 1 
HETATM 922  C  CMC . HEM H 3 .   ? 3.182   -2.942  4.930   1.00 11.77 ? 106 HEM A CMC 1 
HETATM 923  C  CAC . HEM H 3 .   ? 4.569   -5.120  6.935   1.00 10.52 ? 106 HEM A CAC 1 
HETATM 924  C  CBC . HEM H 3 .   ? 4.727   -3.904  7.544   1.00 11.37 ? 106 HEM A CBC 1 
HETATM 925  C  C1D . HEM H 3 .   ? 2.394   -9.002  6.142   1.00 10.93 ? 106 HEM A C1D 1 
HETATM 926  C  C2D . HEM H 3 .   ? 2.561   -10.201 6.939   1.00 11.89 ? 106 HEM A C2D 1 
HETATM 927  C  C3D . HEM H 3 .   ? 1.796   -11.150 6.407   1.00 13.00 ? 106 HEM A C3D 1 
HETATM 928  C  C4D . HEM H 3 .   ? 1.016   -10.556 5.343   1.00 13.30 ? 106 HEM A C4D 1 
HETATM 929  C  CMD . HEM H 3 .   ? 3.560   -10.296 8.111   1.00 16.06 ? 106 HEM A CMD 1 
HETATM 930  C  CAD . HEM H 3 .   ? 1.546   -12.588 6.929   1.00 14.47 ? 106 HEM A CAD 1 
HETATM 931  C  CBD . HEM H 3 .   ? 0.284   -12.783 7.782   1.00 19.06 ? 106 HEM A CBD 1 
HETATM 932  C  CGD . HEM H 3 .   ? 0.244   -14.157 8.442   1.00 23.53 ? 106 HEM A CGD 1 
HETATM 933  O  O1D . HEM H 3 .   ? 1.174   -14.410 9.239   1.00 25.85 ? 106 HEM A O1D 1 
HETATM 934  O  O2D . HEM H 3 .   ? -0.496  -14.995 7.883   1.00 27.94 ? 106 HEM A O2D 1 
HETATM 935  N  NA  . HEM H 3 .   ? -0.328  -9.429  2.947   1.00 12.50 ? 106 HEM A NA  1 
HETATM 936  N  NB  . HEM H 3 .   ? 0.096   -6.676  2.432   1.00 9.46  ? 106 HEM A NB  1 
HETATM 937  N  NC  . HEM H 3 .   ? 1.910   -6.512  4.620   1.00 11.06 ? 106 HEM A NC  1 
HETATM 938  N  ND  . HEM H 3 .   ? 1.434   -9.258  5.155   1.00 9.99  ? 106 HEM A ND  1 
HETATM 939  FE FE  . HEM H 3 .   ? 0.765   -7.959  3.801   1.00 11.16 ? 106 HEM A FE  1 
HETATM 940  C  CHA . HEM I 3 .   ? -0.358  -2.501  -8.799  1.00 11.41 ? 107 HEM A CHA 1 
HETATM 941  C  CHB . HEM I 3 .   ? 1.977   -5.674  -11.582 1.00 11.77 ? 107 HEM A CHB 1 
HETATM 942  C  CHC . HEM I 3 .   ? 3.610   -7.936  -7.646  1.00 14.66 ? 107 HEM A CHC 1 
HETATM 943  C  CHD . HEM I 3 .   ? 0.446   -5.410  -4.991  1.00 10.59 ? 107 HEM A CHD 1 
HETATM 944  C  C1A . HEM I 3 .   ? 0.250   -3.098  -9.916  1.00 8.79  ? 107 HEM A C1A 1 
HETATM 945  C  C2A . HEM I 3 .   ? 0.097   -2.645  -11.280 1.00 14.15 ? 107 HEM A C2A 1 
HETATM 946  C  C3A . HEM I 3 .   ? 0.763   -3.523  -12.029 1.00 15.28 ? 107 HEM A C3A 1 
HETATM 947  C  C4A . HEM I 3 .   ? 1.283   -4.549  -11.178 1.00 13.25 ? 107 HEM A C4A 1 
HETATM 948  C  CMA . HEM I 3 .   ? 1.001   -3.481  -13.565 1.00 16.28 ? 107 HEM A CMA 1 
HETATM 949  C  CAA . HEM I 3 .   ? -0.636  -1.357  -11.676 1.00 13.84 ? 107 HEM A CAA 1 
HETATM 950  C  CBA . HEM I 3 .   ? -2.158  -1.492  -11.896 1.00 16.57 ? 107 HEM A CBA 1 
HETATM 951  C  CGA . HEM I 3 .   ? -2.521  -2.466  -12.994 1.00 18.61 ? 107 HEM A CGA 1 
HETATM 952  O  O1A . HEM I 3 .   ? -2.348  -2.019  -14.158 1.00 20.43 ? 107 HEM A O1A 1 
HETATM 953  O  O2A . HEM I 3 .   ? -3.022  -3.570  -12.679 1.00 17.77 ? 107 HEM A O2A 1 
HETATM 954  C  C1B . HEM I 3 .   ? 2.658   -6.545  -10.777 1.00 15.29 ? 107 HEM A C1B 1 
HETATM 955  C  C2B . HEM I 3 .   ? 3.592   -7.567  -11.187 1.00 12.16 ? 107 HEM A C2B 1 
HETATM 956  C  C3B . HEM I 3 .   ? 4.056   -8.191  -10.107 1.00 13.47 ? 107 HEM A C3B 1 
HETATM 957  C  C4B . HEM I 3 .   ? 3.353   -7.621  -8.945  1.00 11.89 ? 107 HEM A C4B 1 
HETATM 958  C  CMB . HEM I 3 .   ? 3.811   -7.941  -12.680 1.00 14.43 ? 107 HEM A CMB 1 
HETATM 959  C  CAB . HEM I 3 .   ? 5.143   -9.292  -10.021 1.00 15.56 ? 107 HEM A CAB 1 
HETATM 960  C  CBB . HEM I 3 .   ? 6.370   -8.864  -10.536 1.00 15.70 ? 107 HEM A CBB 1 
HETATM 961  C  C1C . HEM I 3 .   ? 2.841   -7.482  -6.567  1.00 10.47 ? 107 HEM A C1C 1 
HETATM 962  C  C2C . HEM I 3 .   ? 2.795   -8.125  -5.280  1.00 13.00 ? 107 HEM A C2C 1 
HETATM 963  C  C3C . HEM I 3 .   ? 1.871   -7.446  -4.555  1.00 12.78 ? 107 HEM A C3C 1 
HETATM 964  C  C4C . HEM I 3 .   ? 1.298   -6.441  -5.397  1.00 11.61 ? 107 HEM A C4C 1 
HETATM 965  C  CMC . HEM I 3 .   ? 3.646   -9.344  -4.876  1.00 13.45 ? 107 HEM A CMC 1 
HETATM 966  C  CAC . HEM I 3 .   ? 1.351   -7.806  -3.144  1.00 12.57 ? 107 HEM A CAC 1 
HETATM 967  C  CBC . HEM I 3 .   ? 2.276   -7.686  -2.146  1.00 11.66 ? 107 HEM A CBC 1 
HETATM 968  C  C1D . HEM I 3 .   ? 0.040   -4.344  -5.741  1.00 10.97 ? 107 HEM A C1D 1 
HETATM 969  C  C2D . HEM I 3 .   ? -0.800  -3.241  -5.342  1.00 7.47  ? 107 HEM A C2D 1 
HETATM 970  C  C3D . HEM I 3 .   ? -0.994  -2.427  -6.370  1.00 9.49  ? 107 HEM A C3D 1 
HETATM 971  C  C4D . HEM I 3 .   ? -0.277  -3.004  -7.515  1.00 9.50  ? 107 HEM A C4D 1 
HETATM 972  C  CMD . HEM I 3 .   ? -1.250  -3.079  -3.858  1.00 8.61  ? 107 HEM A CMD 1 
HETATM 973  C  CAD . HEM I 3 .   ? -1.965  -1.230  -6.480  1.00 11.27 ? 107 HEM A CAD 1 
HETATM 974  C  CBD . HEM I 3 .   ? -3.468  -1.646  -6.369  1.00 13.30 ? 107 HEM A CBD 1 
HETATM 975  C  CGD . HEM I 3 .   ? -3.888  -2.627  -7.446  1.00 14.73 ? 107 HEM A CGD 1 
HETATM 976  O  O1D . HEM I 3 .   ? -3.632  -2.278  -8.637  1.00 13.94 ? 107 HEM A O1D 1 
HETATM 977  O  O2D . HEM I 3 .   ? -4.343  -3.736  -7.094  1.00 16.20 ? 107 HEM A O2D 1 
HETATM 978  N  NA  . HEM I 3 .   ? 0.954   -4.288  -9.829  1.00 13.43 ? 107 HEM A NA  1 
HETATM 979  N  NB  . HEM I 3 .   ? 2.587   -6.583  -9.406  1.00 9.23  ? 107 HEM A NB  1 
HETATM 980  N  NC  . HEM I 3 .   ? 1.874   -6.490  -6.667  1.00 14.50 ? 107 HEM A NC  1 
HETATM 981  N  ND  . HEM I 3 .   ? 0.346   -4.135  -7.081  1.00 8.99  ? 107 HEM A ND  1 
HETATM 982  FE FE  . HEM I 3 .   ? 1.432   -5.373  -8.257  1.00 13.00 ? 107 HEM A FE  1 
HETATM 983  AS AS  . ARS J 4 .   ? -11.293 -8.381  13.672  0.50 33.27 ? 108 ARS A AS  1 
HETATM 984  AS AS  . ARS K 4 .   ? 11.391  -5.853  -4.304  1.00 31.36 ? 109 ARS A AS  1 
HETATM 985  AS AS  . ARS L 4 .   ? 16.819  -6.571  -1.982  0.25 47.76 ? 110 ARS A AS  1 
HETATM 986  O  O   . HOH M 5 .   ? -3.977  -4.168  -10.340 1.00 15.03 ? 115 HOH A O   1 
HETATM 987  O  O   . HOH M 5 .   ? -2.590  7.304   3.722   1.00 12.20 ? 116 HOH A O   1 
HETATM 988  O  O   . HOH M 5 .   ? 7.609   2.584   3.433   1.00 15.11 ? 117 HOH A O   1 
HETATM 989  O  O   . HOH M 5 .   ? -5.942  -9.897  2.883   1.00 17.70 ? 118 HOH A O   1 
HETATM 990  O  O   . HOH M 5 .   ? 4.822   3.771   -10.259 1.00 14.72 ? 119 HOH A O   1 
HETATM 991  O  O   . HOH M 5 .   ? 14.675  11.460  6.832   1.00 14.28 ? 120 HOH A O   1 
HETATM 992  O  O   . HOH M 5 .   ? -9.991  -2.218  -6.239  1.00 14.14 ? 121 HOH A O   1 
HETATM 993  O  O   . HOH M 5 .   ? 6.685   -1.395  3.938   1.00 15.27 ? 122 HOH A O   1 
HETATM 994  O  O   . HOH M 5 .   ? 9.190   14.419  1.754   1.00 19.69 ? 123 HOH A O   1 
HETATM 995  O  O   . HOH M 5 .   ? -3.550  -15.710 -9.477  1.00 21.58 ? 124 HOH A O   1 
HETATM 996  O  O   . HOH M 5 .   ? -5.393  3.371   -5.882  1.00 19.31 ? 125 HOH A O   1 
HETATM 997  O  O   . HOH M 5 .   ? -5.874  -2.001  11.047  1.00 15.33 ? 126 HOH A O   1 
HETATM 998  O  O   . HOH M 5 .   ? 4.186   8.954   9.488   1.00 14.55 ? 127 HOH A O   1 
HETATM 999  O  O   . HOH M 5 .   ? 10.706  8.325   -1.227  1.00 13.91 ? 128 HOH A O   1 
HETATM 1000 O  O   . HOH M 5 .   ? 3.567   12.820  -6.373  1.00 22.43 ? 129 HOH A O   1 
HETATM 1001 O  O   . HOH M 5 .   ? 6.754   6.507   11.022  1.00 32.02 ? 130 HOH A O   1 
HETATM 1002 O  O   . HOH M 5 .   ? 4.388   10.482  -7.519  1.00 17.38 ? 131 HOH A O   1 
HETATM 1003 O  O   . HOH M 5 .   ? -9.315  -11.780 -5.696  1.00 14.69 ? 132 HOH A O   1 
HETATM 1004 O  O   . HOH M 5 .   ? -12.533 -3.230  -1.146  1.00 14.28 ? 133 HOH A O   1 
HETATM 1005 O  O   . HOH M 5 .   ? -8.183  6.466   1.927   1.00 17.17 ? 134 HOH A O   1 
HETATM 1006 O  O   . HOH M 5 .   ? -11.054 -4.834  6.196   1.00 14.07 ? 135 HOH A O   1 
HETATM 1007 O  O   . HOH M 5 .   ? -4.645  4.885   -3.596  1.00 17.97 ? 136 HOH A O   1 
HETATM 1008 O  O   . HOH M 5 .   ? -10.216 1.429   11.414  1.00 19.29 ? 137 HOH A O   1 
HETATM 1009 O  O   . HOH M 5 .   ? 5.644   -0.508  6.324   1.00 18.87 ? 138 HOH A O   1 
HETATM 1010 O  O   . HOH M 5 .   ? 4.100   -7.099  9.887   1.00 19.59 ? 139 HOH A O   1 
HETATM 1011 O  O   . HOH M 5 .   ? -9.199  1.216   -12.331 1.00 25.14 ? 140 HOH A O   1 
HETATM 1012 O  O   . HOH M 5 .   ? 14.877  -9.681  5.731   1.00 21.35 ? 141 HOH A O   1 
HETATM 1013 O  O   . HOH M 5 .   ? 15.433  9.604   -1.747  1.00 15.86 ? 142 HOH A O   1 
HETATM 1014 O  O   . HOH M 5 .   ? -11.715 0.884   -6.562  1.00 30.98 ? 143 HOH A O   1 
HETATM 1015 O  O   . HOH M 5 .   ? -8.179  -0.520  10.860  1.00 16.39 ? 144 HOH A O   1 
HETATM 1016 O  O   . HOH M 5 .   ? -14.259 -11.154 1.412   1.00 16.88 ? 145 HOH A O   1 
HETATM 1017 O  O   . HOH M 5 .   ? -14.859 -14.635 -10.794 1.00 24.29 ? 146 HOH A O   1 
HETATM 1018 O  O   . HOH M 5 .   ? -15.383 -5.351  -0.366  1.00 23.50 ? 147 HOH A O   1 
HETATM 1019 O  O   . HOH M 5 .   ? -12.035 -0.624  11.232  1.00 20.58 ? 148 HOH A O   1 
HETATM 1020 O  O   . HOH M 5 .   ? 3.025   13.943  3.625   1.00 21.91 ? 149 HOH A O   1 
HETATM 1021 O  O   . HOH M 5 .   ? 11.029  5.245   -4.007  1.00 24.80 ? 150 HOH A O   1 
HETATM 1022 O  O   . HOH M 5 .   ? -6.866  -4.557  11.999  1.00 19.25 ? 151 HOH A O   1 
HETATM 1023 O  O   . HOH M 5 .   ? 6.747   -1.478  -9.554  1.00 23.58 ? 152 HOH A O   1 
HETATM 1024 O  O   . HOH M 5 .   ? 12.896  10.525  8.515   1.00 17.55 ? 153 HOH A O   1 
HETATM 1025 O  O   . HOH M 5 .   ? 6.343   4.603   6.044   1.00 27.72 ? 154 HOH A O   1 
HETATM 1026 O  O   . HOH M 5 .   ? 2.170   4.105   -11.138 1.00 19.68 ? 155 HOH A O   1 
HETATM 1027 O  O   . HOH M 5 .   ? -8.080  4.492   -6.422  1.00 23.08 ? 156 HOH A O   1 
HETATM 1028 O  O   . HOH M 5 .   ? -11.040 -0.915  -1.888  1.00 15.48 ? 157 HOH A O   1 
HETATM 1029 O  O   . HOH M 5 .   ? -11.123 -2.781  -13.453 1.00 26.89 ? 158 HOH A O   1 
HETATM 1030 O  O   . HOH M 5 .   ? -12.993 -4.445  -3.485  1.00 14.70 ? 159 HOH A O   1 
HETATM 1031 O  O   . HOH M 5 .   ? -6.545  10.535  -5.278  1.00 25.16 ? 160 HOH A O   1 
HETATM 1032 O  O   . HOH M 5 .   ? -11.718 -10.850 1.963   1.00 16.69 ? 161 HOH A O   1 
HETATM 1033 O  O   . HOH M 5 .   ? 3.296   14.183  -2.459  1.00 26.82 ? 162 HOH A O   1 
HETATM 1034 O  O   . HOH M 5 .   ? -10.834 -0.852  -11.134 1.00 34.41 ? 163 HOH A O   1 
HETATM 1035 O  O   . HOH M 5 .   ? -7.644  6.454   -4.895  1.00 26.13 ? 164 HOH A O   1 
HETATM 1036 O  O   . HOH M 5 .   ? -13.714 -6.659  4.471   1.00 28.34 ? 165 HOH A O   1 
HETATM 1037 O  O   . HOH M 5 .   ? 1.128   15.535  5.117   1.00 24.44 ? 166 HOH A O   1 
HETATM 1038 O  O   . HOH M 5 .   ? -2.027  2.647   -14.538 1.00 35.45 ? 167 HOH A O   1 
HETATM 1039 O  O   . HOH M 5 .   ? -6.423  6.362   3.931   1.00 23.00 ? 168 HOH A O   1 
HETATM 1040 O  O   . HOH M 5 .   ? 7.187   7.027   -12.970 1.00 32.31 ? 169 HOH A O   1 
HETATM 1041 O  O   . HOH M 5 .   ? 13.061  7.662   7.446   1.00 25.30 ? 170 HOH A O   1 
HETATM 1042 O  O   . HOH M 5 .   ? -2.142  -12.144 -11.769 1.00 25.24 ? 171 HOH A O   1 
HETATM 1043 O  O   . HOH M 5 .   ? -2.412  -8.354  -2.605  1.00 24.96 ? 172 HOH A O   1 
HETATM 1044 O  O   . HOH M 5 .   ? 12.081  5.302   6.354   1.00 40.76 ? 173 HOH A O   1 
HETATM 1045 O  O   . HOH M 5 .   ? 11.179  7.077   -5.617  1.00 40.41 ? 174 HOH A O   1 
HETATM 1046 O  O   . HOH M 5 .   ? 2.843   14.914  0.217   1.00 29.12 ? 175 HOH A O   1 
HETATM 1047 O  O   . HOH M 5 .   ? 6.365   -13.413 -9.338  1.00 27.58 ? 176 HOH A O   1 
HETATM 1048 O  O   . HOH M 5 .   ? 8.336   5.535   -8.926  1.00 18.67 ? 177 HOH A O   1 
HETATM 1049 O  O   . HOH M 5 .   ? 2.754   -15.230 -9.990  1.00 30.59 ? 178 HOH A O   1 
HETATM 1050 O  O   . HOH M 5 .   ? 5.738   14.707  -3.196  1.00 25.62 ? 179 HOH A O   1 
HETATM 1051 O  O   . HOH M 5 .   ? -5.836  15.178  0.186   1.00 33.77 ? 180 HOH A O   1 
HETATM 1052 O  O   . HOH M 5 .   ? -8.206  -11.657 1.845   1.00 21.67 ? 181 HOH A O   1 
HETATM 1053 O  O   . HOH M 5 .   ? -1.371  4.057   15.214  1.00 28.47 ? 182 HOH A O   1 
HETATM 1054 O  O   . HOH M 5 .   ? 2.553   -13.548 -13.195 1.00 30.32 ? 183 HOH A O   1 
HETATM 1055 O  O   . HOH M 5 .   ? -14.213 0.565   9.657   1.00 17.50 ? 184 HOH A O   1 
HETATM 1056 O  O   . HOH M 5 .   ? 0.728   -15.255 3.822   1.00 38.40 ? 185 HOH A O   1 
HETATM 1057 O  O   . HOH M 5 .   ? -10.638 7.561   1.793   1.00 39.13 ? 186 HOH A O   1 
HETATM 1058 O  O   . HOH M 5 .   ? -1.635  12.675  -6.967  1.00 29.82 ? 187 HOH A O   1 
HETATM 1059 O  O   . HOH M 5 .   ? -7.800  -10.345 -7.120  1.00 14.03 ? 188 HOH A O   1 
HETATM 1060 O  O   . HOH M 5 .   ? 9.822   -12.183 10.081  1.00 29.52 ? 189 HOH A O   1 
HETATM 1061 O  O   . HOH M 5 .   ? -5.512  12.278  6.864   1.00 42.38 ? 190 HOH A O   1 
HETATM 1062 O  O   . HOH M 5 .   ? 5.340   -5.139  11.180  1.00 26.24 ? 191 HOH A O   1 
HETATM 1063 O  O   . HOH M 5 .   ? 2.568   -12.684 10.813  1.00 34.12 ? 192 HOH A O   1 
HETATM 1064 O  O   . HOH M 5 .   ? -10.828 3.291   -5.997  1.00 34.51 ? 193 HOH A O   1 
HETATM 1065 O  O   . HOH M 5 .   ? 0.178   5.836   13.431  1.00 31.15 ? 194 HOH A O   1 
HETATM 1066 O  O   . HOH M 5 .   ? -2.674  9.208   -8.302  1.00 22.21 ? 195 HOH A O   1 
HETATM 1067 O  O   . HOH M 5 .   ? -9.836  3.337   0.766   1.00 18.51 ? 196 HOH A O   1 
HETATM 1068 O  O   . HOH M 5 .   ? -11.951 -0.721  -4.550  1.00 26.58 ? 197 HOH A O   1 
HETATM 1069 O  O   . HOH M 5 .   ? 6.054   5.020   8.817   1.00 23.78 ? 198 HOH A O   1 
HETATM 1070 O  O   . HOH M 5 .   ? -5.435  -4.896  14.273  1.00 39.41 ? 199 HOH A O   1 
HETATM 1071 O  O   . HOH M 5 .   ? 12.218  22.001  6.804   1.00 58.11 ? 200 HOH A O   1 
HETATM 1072 O  O   . HOH M 5 .   ? 3.007   17.068  9.369   1.00 39.75 ? 201 HOH A O   1 
HETATM 1073 O  O   . HOH M 5 .   ? 5.588   12.889  14.872  1.00 42.65 ? 202 HOH A O   1 
HETATM 1074 O  O   . HOH M 5 .   ? -8.185  -6.473  -13.293 1.00 30.80 ? 203 HOH A O   1 
HETATM 1075 O  O   . HOH M 5 .   ? 5.099   -14.131 -11.752 1.00 27.48 ? 204 HOH A O   1 
HETATM 1076 O  O   . HOH M 5 .   ? 12.428  3.641   -0.665  1.00 24.17 ? 205 HOH A O   1 
HETATM 1077 O  O   . HOH M 5 .   ? 9.466   17.812  8.150   1.00 34.19 ? 206 HOH A O   1 
HETATM 1078 O  O   . HOH M 5 .   ? 6.576   -1.033  8.731   1.00 27.79 ? 207 HOH A O   1 
HETATM 1079 O  O   . HOH M 5 .   ? -2.732  15.687  2.053   1.00 53.49 ? 208 HOH A O   1 
HETATM 1080 O  O   . HOH M 5 .   ? 5.550   18.349  -7.416  1.00 50.99 ? 209 HOH A O   1 
HETATM 1081 O  O   . HOH M 5 .   ? 9.350   -16.518 7.750   1.00 36.38 ? 210 HOH A O   1 
HETATM 1082 O  O   . HOH M 5 .   ? 11.996  18.546  9.277   1.00 34.58 ? 211 HOH A O   1 
HETATM 1083 O  O   . HOH M 5 .   ? 1.181   2.284   -13.028 1.00 30.02 ? 212 HOH A O   1 
HETATM 1084 O  O   . HOH M 5 .   ? -3.313  -1.496  12.221  1.00 33.14 ? 213 HOH A O   1 
HETATM 1085 O  O   . HOH M 5 .   ? 7.983   14.923  9.183   1.00 33.40 ? 214 HOH A O   1 
HETATM 1086 O  O   . HOH M 5 .   ? -1.104  13.968  5.980   1.00 26.52 ? 215 HOH A O   1 
HETATM 1087 O  O   . HOH M 5 .   ? 5.861   -10.461 10.809  1.00 40.89 ? 216 HOH A O   1 
HETATM 1088 O  O   . HOH M 5 .   ? -12.527 -6.838  7.484   1.00 28.53 ? 217 HOH A O   1 
HETATM 1089 O  O   . HOH M 5 .   ? 6.976   20.466  1.441   1.00 40.58 ? 218 HOH A O   1 
HETATM 1090 O  O   . HOH M 5 .   ? 9.125   -4.765  8.899   1.00 61.84 ? 219 HOH A O   1 
HETATM 1091 O  O   . HOH M 5 .   ? -1.248  0.187   -15.155 1.00 38.31 ? 220 HOH A O   1 
HETATM 1092 O  O   . HOH M 5 .   ? -3.174  14.264  4.666   1.00 37.09 ? 221 HOH A O   1 
HETATM 1093 O  O   . HOH M 5 .   ? -7.688  2.371   15.776  1.00 32.72 ? 222 HOH A O   1 
HETATM 1094 O  O   . HOH M 5 .   ? -9.618  -1.860  -15.672 1.00 28.35 ? 223 HOH A O   1 
HETATM 1095 O  O   . HOH M 5 .   ? 1.426   11.176  -13.194 1.00 31.16 ? 224 HOH A O   1 
HETATM 1096 O  O   . HOH M 5 .   ? 9.458   -1.820  7.350   1.00 47.17 ? 225 HOH A O   1 
HETATM 1097 O  O   . HOH M 5 .   ? -2.782  -5.810  15.192  1.00 43.20 ? 226 HOH A O   1 
HETATM 1098 O  O   . HOH M 5 .   ? -12.420 -7.303  10.085  1.00 35.98 ? 227 HOH A O   1 
HETATM 1099 O  O   . HOH M 5 .   ? -9.231  5.636   -2.546  1.00 27.56 ? 228 HOH A O   1 
HETATM 1100 O  O   . HOH M 5 .   ? 1.658   17.270  7.149   1.00 36.73 ? 229 HOH A O   1 
HETATM 1101 O  O   . HOH M 5 .   ? 8.981   -2.526  -5.204  1.00 59.52 ? 230 HOH A O   1 
HETATM 1102 O  O   . HOH M 5 .   ? 10.953  13.360  -11.484 1.00 40.70 ? 231 HOH A O   1 
HETATM 1103 O  O   . HOH M 5 .   ? 9.106   -2.762  4.922   1.00 24.82 ? 232 HOH A O   1 
HETATM 1104 O  O   . HOH M 5 .   ? 10.431  -11.073 -3.069  1.00 23.08 ? 233 HOH A O   1 
HETATM 1105 O  O   . HOH M 5 .   ? 3.763   -1.057  13.026  1.00 43.05 ? 234 HOH A O   1 
HETATM 1106 O  O   . HOH M 5 .   ? -1.417  10.921  -11.791 1.00 32.20 ? 235 HOH A O   1 
HETATM 1107 O  O   . HOH M 5 .   ? -11.886 7.854   4.397   1.00 49.24 ? 236 HOH A O   1 
HETATM 1108 O  O   . HOH M 5 .   ? -14.663 -9.485  5.084   1.00 51.76 ? 237 HOH A O   1 
HETATM 1109 O  O   . HOH M 5 .   ? -14.746 2.409   6.224   1.00 49.56 ? 238 HOH A O   1 
HETATM 1110 O  O   . HOH M 5 .   ? 5.494   2.750   3.450   1.00 29.58 ? 239 HOH A O   1 
HETATM 1111 O  O   . HOH M 5 .   ? 5.220   13.338  -14.951 1.00 54.59 ? 240 HOH A O   1 
HETATM 1112 O  O   . HOH M 5 .   ? 5.173   -3.978  -13.562 1.00 34.97 ? 241 HOH A O   1 
HETATM 1113 O  O   . HOH M 5 .   ? 14.427  7.886   -5.682  1.00 53.88 ? 242 HOH A O   1 
HETATM 1114 O  O   . HOH M 5 .   ? -20.504 -1.036  6.542   1.00 62.65 ? 243 HOH A O   1 
HETATM 1115 O  O   . HOH M 5 .   ? 7.583   -13.169 1.925   1.00 36.75 ? 244 HOH A O   1 
HETATM 1116 O  O   . HOH M 5 .   ? -13.408 -0.015  1.191   1.00 42.37 ? 245 HOH A O   1 
HETATM 1117 O  O   . HOH M 5 .   ? -13.425 5.373   -0.056  1.00 46.91 ? 246 HOH A O   1 
HETATM 1118 O  O   . HOH M 5 .   ? 12.080  -5.447  1.518   1.00 30.27 ? 247 HOH A O   1 
HETATM 1119 O  O   . HOH M 5 .   ? -6.961  -14.109 0.719   1.00 37.46 ? 248 HOH A O   1 
HETATM 1120 O  O   . HOH M 5 .   ? -6.379  7.533   -14.299 1.00 63.83 ? 249 HOH A O   1 
HETATM 1121 O  O   . HOH M 5 .   ? -12.941 -0.110  -8.791  1.00 49.78 ? 250 HOH A O   1 
HETATM 1122 O  O   . HOH M 5 .   ? -9.840  2.626   14.001  1.00 29.70 ? 251 HOH A O   1 
HETATM 1123 O  O   . HOH M 5 .   ? 9.213   12.672  13.854  1.00 37.10 ? 252 HOH A O   1 
HETATM 1124 O  O   . HOH M 5 .   ? 10.887  -3.393  -5.006  1.00 40.79 ? 253 HOH A O   1 
HETATM 1125 O  O   . HOH M 5 .   ? 8.814   -1.105  -7.346  1.00 50.55 ? 254 HOH A O   1 
HETATM 1126 O  O   . HOH M 5 .   ? -6.421  -11.148 5.593   1.00 28.12 ? 255 HOH A O   1 
HETATM 1127 O  O   . HOH M 5 .   ? -9.372  12.441  -1.575  1.00 57.66 ? 256 HOH A O   1 
HETATM 1128 O  O   . HOH M 5 .   ? -2.440  -14.665 -1.264  1.00 52.37 ? 257 HOH A O   1 
HETATM 1129 O  O   . HOH M 5 .   ? 14.822  14.424  -5.658  1.00 26.89 ? 258 HOH A O   1 
HETATM 1130 O  O   . HOH M 5 .   ? 4.976   -2.530  11.126  1.00 33.93 ? 259 HOH A O   1 
HETATM 1131 O  O   . HOH M 5 .   ? -19.025 -5.115  1.862   1.00 53.19 ? 260 HOH A O   1 
HETATM 1132 O  O   . HOH M 5 .   ? -11.632 1.266   -0.478  1.00 26.39 ? 261 HOH A O   1 
HETATM 1133 O  O   . HOH M 5 .   ? 4.062   -5.768  -14.909 1.00 16.09 ? 262 HOH A O   1 
HETATM 1134 O  O   . HOH M 5 .   ? 8.452   15.309  -5.131  1.00 37.93 ? 263 HOH A O   1 
HETATM 1135 O  O   . HOH M 5 .   ? 8.746   14.854  11.701  1.00 38.06 ? 264 HOH A O   1 
HETATM 1136 O  O   . HOH M 5 .   ? -1.929  -15.409 -11.956 1.00 41.58 ? 265 HOH A O   1 
HETATM 1137 O  O   . HOH M 5 .   ? 15.362  -8.569  0.563   0.25 17.03 ? 266 HOH A O   1 
HETATM 1138 O  O   . HOH M 5 .   ? 12.364  14.603  -4.438  1.00 35.28 ? 267 HOH A O   1 
HETATM 1139 O  O   . HOH M 5 .   ? -9.007  -12.217 5.356   1.00 35.04 ? 268 HOH A O   1 
HETATM 1140 O  O   . HOH M 5 .   ? 8.081   0.468   2.800   1.00 33.96 ? 269 HOH A O   1 
HETATM 1141 O  O   . HOH M 5 .   ? -14.871 -1.804  -0.171  1.00 33.86 ? 270 HOH A O   1 
HETATM 1142 O  O   . HOH M 5 .   ? 3.306   14.662  -8.741  1.00 40.53 ? 271 HOH A O   1 
HETATM 1143 O  O   . HOH M 5 .   ? -3.277  6.182   15.453  1.00 29.53 ? 272 HOH A O   1 
HETATM 1144 O  O   . HOH M 5 .   ? 2.582   -2.898  -20.390 1.00 32.13 ? 273 HOH A O   1 
HETATM 1145 O  O   . HOH M 5 .   ? 4.154   -15.810 -2.396  1.00 34.15 ? 274 HOH A O   1 
HETATM 1146 O  O   . HOH M 5 .   ? 0.377   -15.556 -0.057  1.00 61.65 ? 275 HOH A O   1 
HETATM 1147 O  O   . HOH M 5 .   ? 3.244   -16.181 5.021   1.00 40.39 ? 276 HOH A O   1 
HETATM 1148 O  O   . HOH M 5 .   ? 2.664   -0.904  -15.317 1.00 26.24 ? 277 HOH A O   1 
HETATM 1149 O  O   . HOH M 5 .   ? -0.856  -6.299  -19.429 1.00 28.21 ? 278 HOH A O   1 
HETATM 1150 O  O   . HOH M 5 .   ? 12.270  -4.741  -0.886  1.00 27.42 ? 279 HOH A O   1 
HETATM 1151 O  O   . HOH M 5 .   ? -14.917 0.014   4.959   1.00 32.03 ? 280 HOH A O   1 
HETATM 1152 O  O   . HOH M 5 .   ? -13.936 4.389   8.682   1.00 34.34 ? 281 HOH A O   1 
HETATM 1153 O  O   . HOH M 5 .   ? 9.936   2.652   -11.313 1.00 44.26 ? 282 HOH A O   1 
HETATM 1154 O  O   . HOH M 5 .   ? -19.318 -3.776  7.930   1.00 33.83 ? 283 HOH A O   1 
HETATM 1155 O  O   . HOH M 5 .   ? -12.646 -4.904  11.505  1.00 25.43 ? 284 HOH A O   1 
HETATM 1156 O  O   . HOH M 5 .   ? 10.253  2.079   0.097   1.00 28.65 ? 285 HOH A O   1 
HETATM 1157 O  O   . HOH M 5 .   ? 8.363   -3.708  -8.332  1.00 42.57 ? 286 HOH A O   1 
HETATM 1158 O  O   . HOH M 5 .   ? 12.387  3.611   2.813   1.00 29.63 ? 287 HOH A O   1 
HETATM 1159 O  O   . HOH M 5 .   ? 13.693  9.658   16.689  1.00 46.08 ? 288 HOH A O   1 
HETATM 1160 O  O   . HOH M 5 .   ? -20.371 -1.345  9.501   1.00 37.76 ? 289 HOH A O   1 
HETATM 1161 O  O   . HOH M 5 .   ? -9.601  8.094   -6.172  1.00 38.68 ? 290 HOH A O   1 
HETATM 1162 O  O   . HOH M 5 .   ? 14.773  -4.152  -6.999  1.00 40.82 ? 291 HOH A O   1 
HETATM 1163 O  O   . HOH M 5 .   ? 5.828   1.940   11.978  1.00 51.58 ? 292 HOH A O   1 
HETATM 1164 O  O   . HOH M 5 .   ? 10.429  -13.447 0.100   1.00 37.00 ? 293 HOH A O   1 
HETATM 1165 O  O   . HOH M 5 .   ? 0.472   -8.526  -17.594 1.00 30.34 ? 294 HOH A O   1 
HETATM 1166 O  O   . HOH M 5 .   ? 6.173   0.696   -11.700 1.00 41.33 ? 295 HOH A O   1 
HETATM 1167 O  O   . HOH M 5 .   ? -17.996 -5.939  11.890  1.00 29.00 ? 296 HOH A O   1 
HETATM 1168 O  O   . HOH M 5 .   ? -2.048  12.980  -9.622  1.00 39.63 ? 297 HOH A O   1 
HETATM 1169 O  O   . HOH M 5 .   ? -21.370 -5.577  4.426   1.00 47.81 ? 298 HOH A O   1 
HETATM 1170 O  O   . HOH M 5 .   ? 5.574   16.504  9.733   1.00 44.42 ? 299 HOH A O   1 
HETATM 1171 O  O   . HOH M 5 .   ? -16.193 -6.933  3.431   1.00 34.15 ? 300 HOH A O   1 
HETATM 1172 O  O   . HOH M 5 .   ? -1.742  14.069  8.517   1.00 37.06 ? 301 HOH A O   1 
HETATM 1173 O  O   . HOH M 5 .   ? -4.967  14.056  8.645   1.00 58.87 ? 302 HOH A O   1 
HETATM 1174 O  O   . HOH M 5 .   ? 12.873  -8.637  9.092   1.00 42.47 ? 303 HOH A O   1 
HETATM 1175 O  O   . HOH M 5 .   ? 11.771  12.167  13.263  1.00 50.24 ? 304 HOH A O   1 
HETATM 1176 O  O   . HOH M 5 .   ? -8.961  -4.057  -16.909 1.00 47.74 ? 305 HOH A O   1 
HETATM 1177 O  O   . HOH M 5 .   ? 10.507  0.357   -9.986  1.00 60.05 ? 306 HOH A O   1 
HETATM 1178 O  O   . HOH M 5 .   ? 11.075  -9.936  10.658  1.00 38.67 ? 307 HOH A O   1 
HETATM 1179 O  O   . HOH M 5 .   ? -1.254  -14.659 5.396   1.00 47.95 ? 308 HOH A O   1 
HETATM 1180 O  O   . HOH M 5 .   ? 6.616   5.333   15.264  1.00 54.96 ? 309 HOH A O   1 
HETATM 1181 O  O   . HOH M 5 .   ? 6.089   -4.538  -11.321 1.00 48.51 ? 310 HOH A O   1 
HETATM 1182 O  O   . HOH M 5 .   ? 7.115   2.667   9.881   1.00 44.60 ? 311 HOH A O   1 
HETATM 1183 O  O   . HOH M 5 .   ? -2.569  -8.743  15.952  1.00 42.68 ? 312 HOH A O   1 
HETATM 1184 O  O   . HOH M 5 .   ? -7.397  -6.368  15.949  1.00 39.97 ? 313 HOH A O   1 
HETATM 1185 O  O   . HOH M 5 .   ? -12.442 5.970   -6.296  1.00 41.13 ? 314 HOH A O   1 
HETATM 1186 O  O   . HOH M 5 .   ? 10.971  -11.350 -5.500  1.00 48.52 ? 315 HOH A O   1 
HETATM 1187 O  O   . HOH M 5 .   ? 4.069   13.070  -11.348 1.00 43.13 ? 316 HOH A O   1 
HETATM 1188 O  O   . HOH M 5 .   ? 0.797   16.407  0.613   1.00 40.34 ? 317 HOH A O   1 
HETATM 1189 O  O   . HOH M 5 .   ? -17.810 -6.435  5.384   1.00 42.80 ? 318 HOH A O   1 
HETATM 1190 O  O   . HOH M 5 .   ? -8.004  13.461  6.567   1.00 48.51 ? 319 HOH A O   1 
HETATM 1191 O  O   . HOH M 5 .   ? 5.644   1.307   -14.132 1.00 63.00 ? 320 HOH A O   1 
HETATM 1192 O  O   . HOH M 5 .   ? 5.979   4.307   13.006  1.00 56.02 ? 321 HOH A O   1 
HETATM 1193 O  O   . HOH M 5 .   ? 11.109  16.129  12.657  1.00 51.32 ? 322 HOH A O   1 
HETATM 1194 O  O   . HOH M 5 .   ? 5.880   22.157  4.163   1.00 58.45 ? 323 HOH A O   1 
HETATM 1195 O  O   . HOH M 5 .   ? -5.044  -1.808  15.348  1.00 46.37 ? 324 HOH A O   1 
HETATM 1196 O  O   . HOH M 5 .   ? 9.461   20.886  7.129   1.00 48.40 ? 325 HOH A O   1 
HETATM 1197 O  O   . HOH M 5 .   ? 9.137   -15.254 1.291   1.00 45.79 ? 326 HOH A O   1 
HETATM 1198 O  O   . HOH M 5 .   ? 5.367   -7.475  13.676  1.00 56.19 ? 327 HOH A O   1 
HETATM 1199 O  O   . HOH M 5 .   ? -5.905  -12.484 2.307   1.00 41.72 ? 328 HOH A O   1 
HETATM 1200 O  O   . HOH M 5 .   ? -7.845  -17.908 -5.600  1.00 54.96 ? 329 HOH A O   1 
HETATM 1201 O  O   . HOH M 5 .   ? -14.081 -15.186 -13.271 1.00 38.97 ? 330 HOH A O   1 
HETATM 1202 O  O   . HOH M 5 .   ? 9.591   6.272   11.564  1.00 42.15 ? 331 HOH A O   1 
HETATM 1203 O  O   . HOH M 5 .   ? 7.006   5.006   -10.964 1.00 45.30 ? 332 HOH A O   1 
HETATM 1204 O  O   . HOH M 5 .   ? 6.456   -15.275 1.589   1.00 42.70 ? 333 HOH A O   1 
HETATM 1205 O  O   . HOH M 5 .   ? 6.394   14.281  -12.490 1.00 58.87 ? 334 HOH A O   1 
HETATM 1206 O  O   . HOH M 5 .   ? 8.168   18.109  -8.529  1.00 41.50 ? 335 HOH A O   1 
HETATM 1207 O  O   . HOH M 5 .   ? 8.729   11.117  -13.527 1.00 45.12 ? 336 HOH A O   1 
HETATM 1208 O  O   . HOH M 5 .   ? -3.787  0.312   16.264  1.00 44.95 ? 337 HOH A O   1 
HETATM 1209 O  O   . HOH M 5 .   ? -2.928  -16.392 2.144   1.00 53.18 ? 338 HOH A O   1 
HETATM 1210 O  O   . HOH M 5 .   ? -6.995  14.031  3.176   1.00 39.89 ? 339 HOH A O   1 
HETATM 1211 O  O   . HOH M 5 .   ? -11.244 4.240   -3.426  1.00 47.24 ? 340 HOH A O   1 
HETATM 1212 O  O   . HOH M 5 .   ? -2.799  -16.409 -15.152 1.00 61.08 ? 341 HOH A O   1 
HETATM 1213 O  O   . HOH M 5 .   ? 3.117   19.599  4.432   1.00 48.46 ? 342 HOH A O   1 
HETATM 1214 O  O   . HOH M 5 .   ? 0.142   2.909   17.577  1.00 57.34 ? 343 HOH A O   1 
HETATM 1215 O  O   . HOH M 5 .   ? -13.125 3.030   -1.897  1.00 57.93 ? 344 HOH A O   1 
HETATM 1216 O  O   . HOH M 5 .   ? -2.830  -17.320 -5.623  1.00 62.15 ? 345 HOH A O   1 
HETATM 1217 O  O   . HOH M 5 .   ? -2.989  -11.464 -14.571 1.00 42.44 ? 346 HOH A O   1 
HETATM 1218 O  O   . HOH M 5 .   ? -15.460 -5.449  12.339  1.00 57.09 ? 347 HOH A O   1 
HETATM 1219 O  O   . HOH M 5 .   ? 1.267   15.937  -4.350  1.00 64.23 ? 348 HOH A O   1 
HETATM 1220 O  O   . HOH M 5 .   ? -1.116  -13.858 12.897  1.00 45.45 ? 349 HOH A O   1 
HETATM 1221 O  O   . HOH M 5 .   ? 13.519  -4.223  0.965   1.00 51.09 ? 350 HOH A O   1 
HETATM 1222 O  O   . HOH M 5 .   ? -11.228 2.548   -13.302 1.00 46.73 ? 351 HOH A O   1 
HETATM 1223 O  O   . HOH M 5 .   ? 11.073  4.774   -6.895  1.00 52.30 ? 352 HOH A O   1 
HETATM 1224 O  O   . HOH M 5 .   ? 0.604   -15.425 14.277  1.00 55.38 ? 353 HOH A O   1 
HETATM 1225 O  O   . HOH M 5 .   ? -3.267  -1.745  -18.860 1.00 61.70 ? 354 HOH A O   1 
HETATM 1226 O  O   . HOH M 5 .   ? -5.873  -10.843 -15.758 1.00 51.65 ? 355 HOH A O   1 
HETATM 1227 O  O   . HOH M 5 .   ? 8.519   -13.141 -6.351  1.00 54.54 ? 356 HOH A O   1 
HETATM 1228 O  O   . HOH M 5 .   ? 0.701   14.027  -6.089  1.00 44.22 ? 357 HOH A O   1 
HETATM 1229 O  O   . HOH M 5 .   ? -4.515  -14.233 0.234   1.00 51.76 ? 358 HOH A O   1 
HETATM 1230 O  O   . HOH M 5 .   ? -3.142  1.828   -17.026 1.00 57.82 ? 359 HOH A O   1 
HETATM 1231 O  O   . HOH M 5 .   ? 15.399  -10.841 0.066   1.00 43.86 ? 360 HOH A O   1 
HETATM 1232 O  O   . HOH M 5 .   ? 0.183   10.570  17.358  1.00 43.82 ? 361 HOH A O   1 
HETATM 1233 O  O   . HOH M 5 .   ? 14.157  7.272   -8.829  1.00 55.43 ? 362 HOH A O   1 
HETATM 1234 O  O   . HOH M 5 .   ? -14.022 -12.200 5.249   1.00 50.48 ? 363 HOH A O   1 
HETATM 1235 O  O   . HOH M 5 .   ? -14.867 1.957   -9.635  1.00 50.22 ? 364 HOH A O   1 
HETATM 1236 O  O   . HOH M 5 .   ? -0.409  16.978  2.789   1.00 60.06 ? 365 HOH A O   1 
HETATM 1237 O  O   . HOH M 5 .   ? 9.424   2.573   5.636   1.00 56.24 ? 366 HOH A O   1 
HETATM 1238 O  O   . HOH M 5 .   ? 8.538   11.047  17.755  1.00 67.98 ? 367 HOH A O   1 
HETATM 1239 O  O   . HOH M 5 .   ? -8.575  -0.989  13.912  1.00 50.83 ? 368 HOH A O   1 
HETATM 1240 O  O   . HOH M 5 .   ? -2.295  15.882  -0.694  1.00 54.11 ? 369 HOH A O   1 
HETATM 1241 O  O   . HOH M 5 .   ? 9.376   -4.886  -3.070  1.00 49.39 ? 370 HOH A O   1 
HETATM 1242 O  O   . HOH M 5 .   ? 13.951  -11.127 1.876   1.00 73.07 ? 371 HOH A O   1 
HETATM 1243 O  O   . HOH M 5 .   ? 14.832  9.795   -7.438  1.00 54.52 ? 372 HOH A O   1 
HETATM 1244 O  O   . HOH M 5 .   ? -4.971  -17.973 -8.909  1.00 60.08 ? 373 HOH A O   1 
HETATM 1245 O  O   . HOH M 5 .   ? -18.036 0.260   3.292   1.00 55.50 ? 374 HOH A O   1 
HETATM 1246 O  O   . HOH M 5 .   ? -12.087 -12.381 7.044   1.00 58.26 ? 375 HOH A O   1 
HETATM 1247 O  O   . HOH M 5 .   ? -6.716  3.703   -18.668 1.00 55.35 ? 376 HOH A O   1 
HETATM 1248 O  O   . HOH M 5 .   ? 3.261   -11.995 13.167  1.00 64.46 ? 377 HOH A O   1 
HETATM 1249 O  O   . HOH M 5 .   ? 10.312  9.219   17.495  1.00 70.81 ? 378 HOH A O   1 
HETATM 1250 O  O   . HOH M 5 .   ? -0.787  -16.195 11.256  1.00 62.96 ? 379 HOH A O   1 
# 
